data_1X65
#
_entry.id   1X65
#
_entity_poly.entity_id   1
_entity_poly.type   'polypeptide(L)'
_entity_poly.pdbx_seq_one_letter_code
;GSSGSSGREMGVIAAMRDGFGFIKCVDRDVRMFFHFSEILDGNQLHIADEVEFTVVPDMLSAQRNHAIRIKKLPKGTVSF
HSHSGPSSG
;
_entity_poly.pdbx_strand_id   A
#
# COMPACT_ATOMS: atom_id res chain seq x y z
N GLY A 1 -11.91 -16.68 -6.01
CA GLY A 1 -13.28 -16.38 -6.39
C GLY A 1 -14.29 -17.01 -5.44
N SER A 2 -13.99 -16.96 -4.15
CA SER A 2 -14.87 -17.53 -3.14
C SER A 2 -15.68 -16.45 -2.44
N SER A 3 -14.98 -15.47 -1.88
CA SER A 3 -15.63 -14.37 -1.17
C SER A 3 -15.43 -13.05 -1.92
N GLY A 4 -16.37 -12.12 -1.74
CA GLY A 4 -16.27 -10.84 -2.40
C GLY A 4 -15.57 -9.80 -1.55
N SER A 5 -14.48 -9.24 -2.07
CA SER A 5 -13.72 -8.23 -1.35
C SER A 5 -13.74 -6.90 -2.08
N SER A 6 -14.37 -5.90 -1.47
CA SER A 6 -14.46 -4.58 -2.07
C SER A 6 -13.94 -3.51 -1.12
N GLY A 7 -13.51 -2.38 -1.69
CA GLY A 7 -12.98 -1.29 -0.87
C GLY A 7 -11.48 -1.41 -0.67
N ARG A 8 -10.72 -1.06 -1.70
CA ARG A 8 -9.27 -1.13 -1.64
C ARG A 8 -8.66 0.27 -1.76
N GLU A 9 -7.64 0.53 -0.95
CA GLU A 9 -6.96 1.83 -0.97
C GLU A 9 -5.55 1.71 -1.53
N MET A 10 -5.09 2.77 -2.19
CA MET A 10 -3.76 2.78 -2.78
C MET A 10 -2.86 3.79 -2.07
N GLY A 11 -1.55 3.54 -2.11
CA GLY A 11 -0.62 4.44 -1.46
C GLY A 11 0.81 4.23 -1.95
N VAL A 12 1.67 5.20 -1.68
CA VAL A 12 3.06 5.12 -2.10
C VAL A 12 3.96 4.66 -0.95
N ILE A 13 4.93 3.81 -1.27
CA ILE A 13 5.86 3.31 -0.26
C ILE A 13 6.79 4.40 0.24
N ALA A 14 6.79 4.61 1.55
CA ALA A 14 7.63 5.63 2.16
C ALA A 14 8.90 5.02 2.76
N ALA A 15 8.86 3.70 2.98
CA ALA A 15 10.00 3.00 3.55
C ALA A 15 9.90 1.50 3.27
N MET A 16 11.05 0.85 3.16
CA MET A 16 11.10 -0.59 2.90
C MET A 16 12.14 -1.27 3.77
N ARG A 17 12.21 -0.86 5.03
CA ARG A 17 13.16 -1.43 5.99
C ARG A 17 13.32 -2.93 5.75
N ASP A 18 14.51 -3.44 6.07
CA ASP A 18 14.79 -4.86 5.89
C ASP A 18 13.85 -5.71 6.75
N GLY A 19 12.71 -6.09 6.17
CA GLY A 19 11.75 -6.90 6.90
C GLY A 19 10.36 -6.30 6.86
N PHE A 20 10.27 -4.99 6.72
CA PHE A 20 8.99 -4.30 6.67
C PHE A 20 9.10 -3.00 5.88
N GLY A 21 8.08 -2.15 6.01
CA GLY A 21 8.08 -0.89 5.29
C GLY A 21 6.91 0.00 5.69
N PHE A 22 6.49 0.87 4.77
CA PHE A 22 5.38 1.78 5.03
C PHE A 22 4.71 2.20 3.72
N ILE A 23 3.41 2.46 3.79
CA ILE A 23 2.66 2.88 2.61
C ILE A 23 1.84 4.13 2.91
N LYS A 24 2.36 5.28 2.50
CA LYS A 24 1.67 6.55 2.72
C LYS A 24 0.44 6.67 1.82
N CYS A 25 -0.74 6.63 2.44
CA CYS A 25 -1.99 6.73 1.69
C CYS A 25 -2.12 8.10 1.03
N VAL A 26 -2.91 8.16 -0.04
CA VAL A 26 -3.12 9.42 -0.75
C VAL A 26 -4.15 10.28 -0.04
N ASP A 27 -5.09 9.64 0.65
CA ASP A 27 -6.13 10.35 1.38
C ASP A 27 -5.74 10.52 2.84
N ARG A 28 -5.18 9.48 3.42
CA ARG A 28 -4.77 9.51 4.82
C ARG A 28 -3.31 9.96 4.95
N ASP A 29 -2.99 10.63 6.06
CA ASP A 29 -1.64 11.10 6.31
C ASP A 29 -0.90 10.18 7.27
N VAL A 30 -1.11 8.88 7.11
CA VAL A 30 -0.46 7.90 7.96
C VAL A 30 -0.03 6.66 7.16
N ARG A 31 1.08 6.06 7.58
CA ARG A 31 1.59 4.88 6.89
C ARG A 31 0.80 3.64 7.28
N MET A 32 0.92 2.58 6.48
CA MET A 32 0.22 1.33 6.75
C MET A 32 1.20 0.17 6.92
N PHE A 33 1.69 -0.01 8.13
CA PHE A 33 2.65 -1.09 8.41
C PHE A 33 2.25 -2.37 7.70
N PHE A 34 3.16 -2.88 6.87
CA PHE A 34 2.90 -4.11 6.11
C PHE A 34 4.04 -5.10 6.29
N HIS A 35 3.76 -6.37 5.99
CA HIS A 35 4.77 -7.43 6.12
C HIS A 35 5.19 -7.94 4.75
N PHE A 36 6.40 -8.49 4.68
CA PHE A 36 6.92 -9.02 3.43
C PHE A 36 6.37 -10.42 3.15
N SER A 37 5.07 -10.59 3.39
CA SER A 37 4.43 -11.88 3.18
C SER A 37 3.21 -11.73 2.25
N GLU A 38 2.64 -10.53 2.23
CA GLU A 38 1.48 -10.25 1.39
C GLU A 38 1.91 -9.85 -0.01
N ILE A 39 3.19 -9.51 -0.16
CA ILE A 39 3.73 -9.10 -1.46
C ILE A 39 3.84 -10.28 -2.40
N LEU A 40 3.44 -11.46 -1.92
CA LEU A 40 3.50 -12.67 -2.74
C LEU A 40 2.79 -12.47 -4.07
N ASP A 41 1.96 -11.44 -4.14
CA ASP A 41 1.21 -11.13 -5.36
C ASP A 41 2.12 -11.24 -6.58
N GLY A 42 3.37 -10.80 -6.43
CA GLY A 42 4.32 -10.85 -7.53
C GLY A 42 4.73 -9.47 -8.00
N ASN A 43 5.70 -8.88 -7.32
CA ASN A 43 6.18 -7.55 -7.67
C ASN A 43 7.14 -7.02 -6.62
N GLN A 44 8.38 -6.76 -7.04
CA GLN A 44 9.41 -6.25 -6.14
C GLN A 44 9.21 -4.77 -5.87
N LEU A 45 8.34 -4.45 -4.90
CA LEU A 45 8.07 -3.07 -4.55
C LEU A 45 9.35 -2.26 -4.44
N HIS A 46 9.21 -0.94 -4.35
CA HIS A 46 10.37 -0.05 -4.25
C HIS A 46 9.95 1.33 -3.76
N ILE A 47 10.94 2.13 -3.37
CA ILE A 47 10.66 3.48 -2.88
C ILE A 47 9.77 4.25 -3.85
N ALA A 48 8.56 4.57 -3.41
CA ALA A 48 7.62 5.31 -4.23
C ALA A 48 6.96 4.39 -5.27
N ASP A 49 6.38 3.29 -4.79
CA ASP A 49 5.72 2.34 -5.69
C ASP A 49 4.26 2.16 -5.29
N GLU A 50 3.36 2.48 -6.21
CA GLU A 50 1.93 2.35 -5.96
C GLU A 50 1.55 0.89 -5.74
N VAL A 51 0.66 0.66 -4.78
CA VAL A 51 0.21 -0.69 -4.46
C VAL A 51 -1.27 -0.71 -4.08
N GLU A 52 -1.90 -1.86 -4.21
CA GLU A 52 -3.31 -2.01 -3.88
C GLU A 52 -3.51 -3.06 -2.80
N PHE A 53 -4.29 -2.71 -1.77
CA PHE A 53 -4.56 -3.62 -0.67
C PHE A 53 -5.98 -3.43 -0.15
N THR A 54 -6.60 -4.53 0.26
CA THR A 54 -7.97 -4.48 0.78
C THR A 54 -8.00 -3.87 2.19
N VAL A 55 -7.07 -4.30 3.03
CA VAL A 55 -6.99 -3.79 4.39
C VAL A 55 -8.27 -4.08 5.16
N VAL A 56 -8.13 -4.37 6.45
CA VAL A 56 -9.27 -4.67 7.30
C VAL A 56 -8.92 -4.53 8.78
N PRO A 57 -9.87 -4.06 9.58
CA PRO A 57 -9.69 -3.87 11.02
C PRO A 57 -9.59 -5.19 11.77
N ASP A 58 -9.64 -6.29 11.03
CA ASP A 58 -9.56 -7.61 11.61
C ASP A 58 -10.83 -7.95 12.40
N MET A 59 -10.97 -9.21 12.78
CA MET A 59 -12.14 -9.65 13.54
C MET A 59 -11.75 -10.09 14.94
N LEU A 60 -10.75 -10.97 15.03
CA LEU A 60 -10.29 -11.46 16.31
C LEU A 60 -9.68 -10.33 17.15
N SER A 61 -8.65 -9.68 16.60
CA SER A 61 -7.98 -8.60 17.30
C SER A 61 -8.89 -7.36 17.36
N ALA A 62 -10.00 -7.42 16.64
CA ALA A 62 -10.95 -6.30 16.61
C ALA A 62 -10.22 -4.97 16.68
N GLN A 63 -9.05 -4.90 16.05
CA GLN A 63 -8.26 -3.69 16.03
C GLN A 63 -7.08 -3.81 15.07
N ARG A 64 -6.37 -2.70 14.85
CA ARG A 64 -5.23 -2.70 13.96
C ARG A 64 -5.64 -3.07 12.54
N ASN A 65 -5.04 -2.41 11.55
CA ASN A 65 -5.35 -2.67 10.16
C ASN A 65 -4.08 -3.02 9.38
N HIS A 66 -4.11 -4.18 8.73
CA HIS A 66 -2.97 -4.63 7.94
C HIS A 66 -3.34 -4.81 6.47
N ALA A 67 -2.39 -4.57 5.58
CA ALA A 67 -2.62 -4.70 4.15
C ALA A 67 -2.37 -6.13 3.69
N ILE A 68 -3.43 -6.79 3.23
CA ILE A 68 -3.32 -8.16 2.74
C ILE A 68 -3.12 -8.20 1.24
N ARG A 69 -2.61 -9.32 0.75
CA ARG A 69 -2.38 -9.49 -0.68
C ARG A 69 -1.96 -8.17 -1.32
N ILE A 70 -0.68 -7.83 -1.19
CA ILE A 70 -0.15 -6.60 -1.75
C ILE A 70 0.17 -6.76 -3.23
N LYS A 71 -0.52 -5.99 -4.07
CA LYS A 71 -0.31 -6.04 -5.51
C LYS A 71 0.12 -4.69 -6.05
N LYS A 72 1.34 -4.63 -6.60
CA LYS A 72 1.87 -3.40 -7.15
C LYS A 72 1.07 -2.95 -8.38
N LEU A 73 0.56 -1.73 -8.32
CA LEU A 73 -0.23 -1.18 -9.42
C LEU A 73 0.68 -0.54 -10.47
N PRO A 74 0.29 -0.68 -11.75
CA PRO A 74 1.05 -0.10 -12.87
C PRO A 74 0.97 1.42 -12.90
N LYS A 75 1.82 2.03 -13.73
CA LYS A 75 1.84 3.48 -13.86
C LYS A 75 0.65 3.98 -14.67
N GLY A 76 -0.20 4.77 -14.02
CA GLY A 76 -1.36 5.31 -14.70
C GLY A 76 -2.61 5.24 -13.84
N THR A 77 -2.82 4.10 -13.17
CA THR A 77 -3.99 3.93 -12.32
C THR A 77 -4.00 4.96 -11.20
N VAL A 78 -2.96 4.95 -10.37
CA VAL A 78 -2.84 5.89 -9.26
C VAL A 78 -2.19 7.19 -9.70
N SER A 79 -2.38 8.24 -8.90
CA SER A 79 -1.80 9.55 -9.21
C SER A 79 -2.32 10.61 -8.25
N PHE A 80 -1.39 11.38 -7.70
CA PHE A 80 -1.74 12.44 -6.74
C PHE A 80 -0.58 13.39 -6.52
N HIS A 81 -0.88 14.67 -6.35
CA HIS A 81 0.16 15.67 -6.12
C HIS A 81 0.70 15.58 -4.70
N SER A 82 2.02 15.57 -4.58
CA SER A 82 2.67 15.48 -3.28
C SER A 82 3.77 16.53 -3.14
N HIS A 83 4.11 16.87 -1.91
CA HIS A 83 5.14 17.86 -1.64
C HIS A 83 6.52 17.20 -1.55
N SER A 84 7.57 18.01 -1.68
CA SER A 84 8.94 17.51 -1.62
C SER A 84 9.70 18.15 -0.47
N GLY A 85 10.70 17.44 0.05
CA GLY A 85 11.49 17.95 1.14
C GLY A 85 12.97 18.02 0.81
N PRO A 86 13.38 19.10 0.13
CA PRO A 86 14.77 19.31 -0.26
C PRO A 86 15.68 19.58 0.94
N SER A 87 16.49 18.60 1.31
CA SER A 87 17.39 18.74 2.44
C SER A 87 18.23 17.47 2.62
N SER A 88 19.43 17.48 2.04
CA SER A 88 20.33 16.34 2.13
C SER A 88 20.20 15.65 3.48
N GLY A 89 20.22 14.32 3.46
CA GLY A 89 20.10 13.56 4.70
C GLY A 89 18.66 13.19 5.01
N GLY A 1 -15.38 -19.12 -4.98
CA GLY A 1 -16.05 -17.97 -4.43
C GLY A 1 -15.88 -17.85 -2.93
N SER A 2 -14.75 -17.26 -2.51
CA SER A 2 -14.46 -17.09 -1.10
C SER A 2 -13.99 -15.66 -0.81
N SER A 3 -13.09 -15.16 -1.65
CA SER A 3 -12.56 -13.82 -1.49
C SER A 3 -13.58 -12.77 -1.93
N GLY A 4 -13.54 -11.61 -1.29
CA GLY A 4 -14.47 -10.54 -1.61
C GLY A 4 -13.83 -9.17 -1.51
N SER A 5 -14.05 -8.33 -2.51
CA SER A 5 -13.49 -6.99 -2.53
C SER A 5 -14.57 -5.96 -2.87
N SER A 6 -14.47 -4.78 -2.26
CA SER A 6 -15.43 -3.71 -2.50
C SER A 6 -14.73 -2.35 -2.55
N GLY A 7 -13.74 -2.18 -1.68
CA GLY A 7 -13.01 -0.92 -1.65
C GLY A 7 -11.51 -1.12 -1.67
N ARG A 8 -10.89 -0.83 -2.81
CA ARG A 8 -9.45 -0.98 -2.95
C ARG A 8 -8.75 0.36 -2.86
N GLU A 9 -7.84 0.48 -1.89
CA GLU A 9 -7.10 1.72 -1.69
C GLU A 9 -5.68 1.61 -2.24
N MET A 10 -5.08 2.76 -2.56
CA MET A 10 -3.74 2.78 -3.11
C MET A 10 -2.82 3.67 -2.26
N GLY A 11 -1.52 3.44 -2.36
CA GLY A 11 -0.56 4.23 -1.60
C GLY A 11 0.86 4.05 -2.11
N VAL A 12 1.76 4.90 -1.62
CA VAL A 12 3.16 4.85 -2.02
C VAL A 12 4.02 4.31 -0.89
N ILE A 13 5.02 3.48 -1.26
CA ILE A 13 5.92 2.91 -0.27
C ILE A 13 6.94 3.93 0.21
N ALA A 14 6.59 4.65 1.27
CA ALA A 14 7.47 5.66 1.84
C ALA A 14 8.78 5.03 2.32
N ALA A 15 8.73 3.75 2.66
CA ALA A 15 9.92 3.04 3.13
C ALA A 15 9.72 1.53 3.03
N MET A 16 10.82 0.80 2.85
CA MET A 16 10.77 -0.65 2.75
C MET A 16 12.09 -1.27 3.19
N ARG A 17 12.42 -1.09 4.47
CA ARG A 17 13.66 -1.63 5.02
C ARG A 17 13.68 -3.16 4.91
N ASP A 18 14.76 -3.77 5.37
CA ASP A 18 14.91 -5.21 5.33
C ASP A 18 14.15 -5.87 6.48
N GLY A 19 12.87 -6.14 6.27
CA GLY A 19 12.06 -6.76 7.30
C GLY A 19 10.65 -6.18 7.35
N PHE A 20 10.53 -4.90 7.02
CA PHE A 20 9.25 -4.23 7.05
C PHE A 20 9.23 -3.03 6.10
N GLY A 21 8.14 -2.27 6.12
CA GLY A 21 8.02 -1.11 5.25
C GLY A 21 6.92 -0.17 5.69
N PHE A 22 6.51 0.72 4.79
CA PHE A 22 5.46 1.68 5.10
C PHE A 22 4.78 2.16 3.82
N ILE A 23 3.49 2.45 3.90
CA ILE A 23 2.73 2.91 2.75
C ILE A 23 1.89 4.13 3.11
N LYS A 24 2.33 5.31 2.67
CA LYS A 24 1.63 6.55 2.94
C LYS A 24 0.20 6.49 2.39
N CYS A 25 -0.78 6.47 3.28
CA CYS A 25 -2.18 6.42 2.87
C CYS A 25 -2.67 7.79 2.44
N VAL A 26 -3.15 7.88 1.20
CA VAL A 26 -3.64 9.14 0.66
C VAL A 26 -4.86 9.63 1.44
N ASP A 27 -5.64 8.69 1.96
CA ASP A 27 -6.83 9.03 2.73
C ASP A 27 -6.46 9.51 4.12
N ARG A 28 -5.52 8.81 4.76
CA ARG A 28 -5.07 9.17 6.10
C ARG A 28 -3.79 10.00 6.04
N ASP A 29 -3.29 10.38 7.21
CA ASP A 29 -2.07 11.18 7.30
C ASP A 29 -0.88 10.30 7.68
N VAL A 30 -1.16 9.10 8.18
CA VAL A 30 -0.12 8.18 8.59
C VAL A 30 -0.01 7.01 7.61
N ARG A 31 1.19 6.44 7.52
CA ARG A 31 1.43 5.32 6.61
C ARG A 31 0.69 4.08 7.09
N MET A 32 0.98 2.95 6.45
CA MET A 32 0.34 1.68 6.81
C MET A 32 1.37 0.56 6.87
N PHE A 33 1.85 0.25 8.07
CA PHE A 33 2.83 -0.81 8.27
C PHE A 33 2.42 -2.07 7.51
N PHE A 34 3.37 -2.63 6.76
CA PHE A 34 3.11 -3.83 5.98
C PHE A 34 4.27 -4.82 6.11
N HIS A 35 3.95 -6.11 6.08
CA HIS A 35 4.96 -7.15 6.20
C HIS A 35 5.35 -7.67 4.83
N PHE A 36 6.57 -8.22 4.73
CA PHE A 36 7.07 -8.76 3.47
C PHE A 36 6.51 -10.16 3.22
N SER A 37 5.23 -10.34 3.49
CA SER A 37 4.58 -11.64 3.30
C SER A 37 3.36 -11.51 2.40
N GLU A 38 2.77 -10.31 2.39
CA GLU A 38 1.59 -10.06 1.57
C GLU A 38 1.98 -9.74 0.13
N ILE A 39 3.26 -9.48 -0.09
CA ILE A 39 3.77 -9.17 -1.42
C ILE A 39 3.76 -10.40 -2.32
N LEU A 40 3.29 -11.51 -1.77
CA LEU A 40 3.21 -12.76 -2.53
C LEU A 40 2.46 -12.55 -3.84
N ASP A 41 1.62 -11.53 -3.88
CA ASP A 41 0.84 -11.22 -5.08
C ASP A 41 1.70 -11.35 -6.32
N GLY A 42 2.99 -11.05 -6.19
CA GLY A 42 3.90 -11.13 -7.32
C GLY A 42 4.29 -9.77 -7.85
N ASN A 43 5.27 -9.14 -7.21
CA ASN A 43 5.72 -7.83 -7.61
C ASN A 43 6.69 -7.24 -6.60
N GLN A 44 7.92 -7.00 -7.03
CA GLN A 44 8.95 -6.45 -6.14
C GLN A 44 8.73 -4.94 -5.93
N LEU A 45 8.17 -4.59 -4.79
CA LEU A 45 7.90 -3.19 -4.47
C LEU A 45 9.16 -2.34 -4.64
N HIS A 46 8.97 -1.04 -4.79
CA HIS A 46 10.09 -0.12 -4.96
C HIS A 46 9.84 1.19 -4.24
N ILE A 47 10.91 1.85 -3.80
CA ILE A 47 10.80 3.11 -3.09
C ILE A 47 9.87 4.08 -3.83
N ALA A 48 8.69 4.29 -3.28
CA ALA A 48 7.71 5.20 -3.88
C ALA A 48 7.03 4.54 -5.07
N ASP A 49 6.30 3.46 -4.81
CA ASP A 49 5.59 2.75 -5.86
C ASP A 49 4.13 2.49 -5.47
N GLU A 50 3.22 2.71 -6.41
CA GLU A 50 1.80 2.51 -6.15
C GLU A 50 1.51 1.05 -5.84
N VAL A 51 0.66 0.81 -4.85
CA VAL A 51 0.29 -0.54 -4.46
C VAL A 51 -1.20 -0.64 -4.17
N GLU A 52 -1.74 -1.86 -4.27
CA GLU A 52 -3.15 -2.10 -4.02
C GLU A 52 -3.34 -3.05 -2.85
N PHE A 53 -4.18 -2.65 -1.90
CA PHE A 53 -4.46 -3.47 -0.72
C PHE A 53 -5.88 -3.26 -0.23
N THR A 54 -6.41 -4.25 0.48
CA THR A 54 -7.77 -4.17 1.01
C THR A 54 -7.86 -3.16 2.15
N VAL A 55 -7.06 -3.37 3.18
CA VAL A 55 -7.05 -2.47 4.33
C VAL A 55 -8.44 -2.33 4.93
N VAL A 56 -8.73 -3.11 5.96
CA VAL A 56 -10.02 -3.07 6.62
C VAL A 56 -9.90 -3.41 8.11
N PRO A 57 -10.84 -2.88 8.91
CA PRO A 57 -10.85 -3.12 10.36
C PRO A 57 -11.22 -4.56 10.71
N ASP A 58 -10.26 -5.29 11.26
CA ASP A 58 -10.47 -6.67 11.64
C ASP A 58 -10.66 -6.81 13.15
N MET A 59 -11.17 -7.96 13.58
CA MET A 59 -11.40 -8.20 15.00
C MET A 59 -10.13 -8.70 15.68
N LEU A 60 -9.06 -8.83 14.91
CA LEU A 60 -7.78 -9.29 15.43
C LEU A 60 -7.49 -8.66 16.80
N SER A 61 -7.98 -7.44 16.99
CA SER A 61 -7.77 -6.73 18.24
C SER A 61 -6.28 -6.40 18.44
N ALA A 62 -6.01 -5.44 19.31
CA ALA A 62 -4.63 -5.03 19.59
C ALA A 62 -4.09 -4.15 18.47
N GLN A 63 -4.09 -4.68 17.25
CA GLN A 63 -3.59 -3.94 16.11
C GLN A 63 -4.72 -3.23 15.37
N ARG A 64 -4.41 -2.62 14.24
CA ARG A 64 -5.39 -1.91 13.44
C ARG A 64 -5.44 -2.44 12.02
N ASN A 65 -5.97 -1.63 11.10
CA ASN A 65 -6.07 -2.03 9.70
C ASN A 65 -4.74 -2.57 9.19
N HIS A 66 -4.82 -3.58 8.32
CA HIS A 66 -3.62 -4.19 7.76
C HIS A 66 -3.76 -4.36 6.24
N ALA A 67 -2.64 -4.25 5.53
CA ALA A 67 -2.64 -4.40 4.08
C ALA A 67 -2.40 -5.85 3.67
N ILE A 68 -3.38 -6.43 2.99
CA ILE A 68 -3.28 -7.81 2.55
C ILE A 68 -3.11 -7.90 1.03
N ARG A 69 -2.61 -9.03 0.56
CA ARG A 69 -2.40 -9.23 -0.87
C ARG A 69 -1.95 -7.93 -1.55
N ILE A 70 -0.69 -7.59 -1.37
CA ILE A 70 -0.14 -6.38 -1.96
C ILE A 70 0.11 -6.56 -3.46
N LYS A 71 -0.47 -5.66 -4.25
CA LYS A 71 -0.31 -5.71 -5.70
C LYS A 71 0.19 -4.38 -6.25
N LYS A 72 1.40 -4.37 -6.78
CA LYS A 72 1.99 -3.17 -7.34
C LYS A 72 1.19 -2.67 -8.53
N LEU A 73 0.76 -1.41 -8.47
CA LEU A 73 -0.01 -0.81 -9.55
C LEU A 73 0.87 0.05 -10.45
N PRO A 74 0.50 0.13 -11.74
CA PRO A 74 1.26 0.92 -12.73
C PRO A 74 1.12 2.42 -12.49
N LYS A 75 2.05 3.19 -13.03
CA LYS A 75 2.04 4.64 -12.88
C LYS A 75 0.90 5.26 -13.69
N GLY A 76 -0.02 5.92 -12.99
CA GLY A 76 -1.14 6.56 -13.66
C GLY A 76 -2.46 6.30 -12.95
N THR A 77 -2.49 5.27 -12.13
CA THR A 77 -3.69 4.92 -11.38
C THR A 77 -3.97 5.93 -10.27
N VAL A 78 -3.22 5.82 -9.17
CA VAL A 78 -3.39 6.74 -8.05
C VAL A 78 -2.42 7.91 -8.14
N SER A 79 -2.67 8.94 -7.35
CA SER A 79 -1.83 10.13 -7.35
C SER A 79 -2.32 11.15 -6.32
N PHE A 80 -1.53 12.19 -6.10
CA PHE A 80 -1.88 13.24 -5.16
C PHE A 80 -2.10 14.57 -5.87
N HIS A 81 -2.67 14.51 -7.07
CA HIS A 81 -2.93 15.70 -7.85
C HIS A 81 -1.65 16.51 -8.07
N SER A 82 -0.86 16.11 -9.06
CA SER A 82 0.40 16.80 -9.36
C SER A 82 1.07 16.17 -10.58
N HIS A 83 1.26 16.98 -11.61
CA HIS A 83 1.90 16.52 -12.84
C HIS A 83 3.41 16.64 -12.74
N SER A 84 4.10 15.51 -12.92
CA SER A 84 5.56 15.50 -12.84
C SER A 84 6.10 14.11 -13.17
N GLY A 85 7.41 14.02 -13.35
CA GLY A 85 8.03 12.74 -13.67
C GLY A 85 9.50 12.70 -13.28
N PRO A 86 9.97 11.51 -12.87
CA PRO A 86 11.37 11.32 -12.46
C PRO A 86 12.34 11.41 -13.64
N SER A 87 13.55 11.85 -13.37
CA SER A 87 14.57 11.98 -14.41
C SER A 87 15.95 12.24 -13.79
N SER A 88 16.80 11.22 -13.84
CA SER A 88 18.15 11.33 -13.29
C SER A 88 18.97 10.09 -13.61
N GLY A 89 18.41 8.92 -13.32
CA GLY A 89 19.11 7.68 -13.58
C GLY A 89 20.43 7.59 -12.86
N GLY A 1 -12.13 -18.23 0.40
CA GLY A 1 -12.94 -17.38 1.25
C GLY A 1 -14.02 -16.64 0.46
N SER A 2 -14.62 -15.63 1.09
CA SER A 2 -15.67 -14.86 0.45
C SER A 2 -15.96 -13.58 1.24
N SER A 3 -16.31 -12.52 0.53
CA SER A 3 -16.61 -11.24 1.17
C SER A 3 -17.39 -10.33 0.22
N GLY A 4 -17.96 -9.27 0.77
CA GLY A 4 -18.74 -8.34 -0.05
C GLY A 4 -18.57 -6.90 0.41
N SER A 5 -17.33 -6.44 0.49
CA SER A 5 -17.04 -5.08 0.91
C SER A 5 -15.88 -4.50 0.12
N SER A 6 -16.19 -3.95 -1.06
CA SER A 6 -15.18 -3.36 -1.92
C SER A 6 -14.58 -2.12 -1.27
N GLY A 7 -13.45 -2.31 -0.57
CA GLY A 7 -12.80 -1.21 0.09
C GLY A 7 -11.29 -1.26 -0.05
N ARG A 8 -10.80 -1.11 -1.29
CA ARG A 8 -9.37 -1.15 -1.55
C ARG A 8 -8.77 0.25 -1.56
N GLU A 9 -7.59 0.39 -0.99
CA GLU A 9 -6.91 1.68 -0.93
C GLU A 9 -5.52 1.60 -1.55
N MET A 10 -5.06 2.71 -2.10
CA MET A 10 -3.75 2.77 -2.72
C MET A 10 -2.82 3.71 -1.97
N GLY A 11 -1.51 3.50 -2.12
CA GLY A 11 -0.54 4.34 -1.44
C GLY A 11 0.84 4.24 -2.04
N VAL A 12 1.81 4.90 -1.43
CA VAL A 12 3.18 4.88 -1.91
C VAL A 12 4.14 4.35 -0.85
N ILE A 13 4.95 3.36 -1.22
CA ILE A 13 5.91 2.77 -0.30
C ILE A 13 6.92 3.80 0.19
N ALA A 14 6.54 4.53 1.24
CA ALA A 14 7.42 5.55 1.80
C ALA A 14 8.69 4.94 2.37
N ALA A 15 8.64 3.63 2.62
CA ALA A 15 9.79 2.92 3.17
C ALA A 15 9.60 1.41 3.07
N MET A 16 10.70 0.68 2.93
CA MET A 16 10.66 -0.77 2.82
C MET A 16 11.94 -1.39 3.38
N ARG A 17 12.22 -1.11 4.65
CA ARG A 17 13.40 -1.65 5.30
C ARG A 17 13.43 -3.17 5.21
N ASP A 18 14.57 -3.76 5.57
CA ASP A 18 14.72 -5.21 5.53
C ASP A 18 13.92 -5.88 6.65
N GLY A 19 12.68 -6.22 6.34
CA GLY A 19 11.82 -6.86 7.33
C GLY A 19 10.44 -6.24 7.37
N PHE A 20 10.37 -4.93 7.21
CA PHE A 20 9.09 -4.22 7.23
C PHE A 20 9.15 -2.95 6.40
N GLY A 21 8.06 -2.20 6.40
CA GLY A 21 8.01 -0.96 5.63
C GLY A 21 6.79 -0.12 5.96
N PHE A 22 6.57 0.93 5.18
CA PHE A 22 5.43 1.81 5.40
C PHE A 22 4.79 2.22 4.07
N ILE A 23 3.54 2.65 4.13
CA ILE A 23 2.80 3.06 2.94
C ILE A 23 1.95 4.29 3.22
N LYS A 24 2.37 5.43 2.70
CA LYS A 24 1.63 6.68 2.89
C LYS A 24 0.44 6.76 1.94
N CYS A 25 -0.75 6.88 2.50
CA CYS A 25 -1.98 6.96 1.71
C CYS A 25 -1.94 8.19 0.81
N VAL A 26 -2.60 8.08 -0.34
CA VAL A 26 -2.65 9.17 -1.31
C VAL A 26 -3.52 10.31 -0.80
N ASP A 27 -4.65 9.95 -0.19
CA ASP A 27 -5.58 10.95 0.36
C ASP A 27 -5.17 11.37 1.76
N ARG A 28 -4.82 10.39 2.59
CA ARG A 28 -4.42 10.66 3.96
C ARG A 28 -2.90 10.75 4.07
N ASP A 29 -2.41 11.14 5.24
CA ASP A 29 -0.97 11.26 5.47
C ASP A 29 -0.50 10.25 6.50
N VAL A 30 -1.25 9.15 6.63
CA VAL A 30 -0.90 8.09 7.57
C VAL A 30 -0.18 6.95 6.88
N ARG A 31 0.61 6.20 7.65
CA ARG A 31 1.36 5.07 7.11
C ARG A 31 0.66 3.76 7.43
N MET A 32 0.64 2.85 6.47
CA MET A 32 0.02 1.55 6.66
C MET A 32 1.06 0.44 6.76
N PHE A 33 1.55 0.22 7.98
CA PHE A 33 2.56 -0.80 8.22
C PHE A 33 2.16 -2.13 7.57
N PHE A 34 3.10 -2.73 6.85
CA PHE A 34 2.85 -4.00 6.17
C PHE A 34 4.01 -4.95 6.36
N HIS A 35 3.78 -6.23 6.07
CA HIS A 35 4.82 -7.25 6.20
C HIS A 35 5.26 -7.75 4.83
N PHE A 36 6.49 -8.27 4.77
CA PHE A 36 7.04 -8.77 3.52
C PHE A 36 6.53 -10.18 3.24
N SER A 37 5.24 -10.40 3.47
CA SER A 37 4.63 -11.71 3.25
C SER A 37 3.45 -11.60 2.30
N GLU A 38 2.85 -10.41 2.25
CA GLU A 38 1.70 -10.18 1.38
C GLU A 38 2.14 -9.81 -0.02
N ILE A 39 3.43 -9.55 -0.18
CA ILE A 39 3.99 -9.18 -1.48
C ILE A 39 4.01 -10.38 -2.42
N LEU A 40 3.55 -11.53 -1.93
CA LEU A 40 3.52 -12.75 -2.72
C LEU A 40 2.82 -12.53 -4.06
N ASP A 41 1.96 -11.51 -4.10
CA ASP A 41 1.22 -11.19 -5.31
C ASP A 41 2.15 -11.22 -6.52
N GLY A 42 3.38 -10.75 -6.35
CA GLY A 42 4.34 -10.73 -7.43
C GLY A 42 4.64 -9.33 -7.91
N ASN A 43 5.66 -8.72 -7.32
CA ASN A 43 6.05 -7.37 -7.69
C ASN A 43 7.09 -6.81 -6.72
N GLN A 44 8.30 -6.58 -7.21
CA GLN A 44 9.38 -6.06 -6.39
C GLN A 44 9.12 -4.60 -6.01
N LEU A 45 8.49 -4.40 -4.86
CA LEU A 45 8.18 -3.05 -4.39
C LEU A 45 9.45 -2.19 -4.33
N HIS A 46 9.25 -0.87 -4.31
CA HIS A 46 10.37 0.06 -4.25
C HIS A 46 9.93 1.40 -3.65
N ILE A 47 10.91 2.22 -3.30
CA ILE A 47 10.63 3.53 -2.72
C ILE A 47 9.73 4.36 -3.64
N ALA A 48 8.50 4.60 -3.20
CA ALA A 48 7.55 5.38 -3.97
C ALA A 48 6.85 4.51 -5.01
N ASP A 49 6.34 3.36 -4.59
CA ASP A 49 5.66 2.45 -5.49
C ASP A 49 4.17 2.39 -5.17
N GLU A 50 3.34 2.46 -6.22
CA GLU A 50 1.89 2.41 -6.05
C GLU A 50 1.39 0.98 -6.00
N VAL A 51 0.80 0.60 -4.87
CA VAL A 51 0.27 -0.75 -4.69
C VAL A 51 -1.18 -0.72 -4.24
N GLU A 52 -1.85 -1.86 -4.35
CA GLU A 52 -3.25 -1.96 -3.94
C GLU A 52 -3.43 -3.04 -2.87
N PHE A 53 -4.15 -2.69 -1.81
CA PHE A 53 -4.39 -3.63 -0.71
C PHE A 53 -5.77 -3.40 -0.10
N THR A 54 -6.28 -4.42 0.58
CA THR A 54 -7.60 -4.33 1.20
C THR A 54 -7.49 -3.83 2.64
N VAL A 55 -8.15 -2.71 2.92
CA VAL A 55 -8.14 -2.13 4.25
C VAL A 55 -9.50 -2.25 4.92
N VAL A 56 -9.54 -2.94 6.06
CA VAL A 56 -10.78 -3.12 6.80
C VAL A 56 -10.56 -2.94 8.30
N PRO A 57 -11.56 -2.36 8.97
CA PRO A 57 -11.50 -2.12 10.43
C PRO A 57 -11.58 -3.41 11.23
N ASP A 58 -10.61 -3.59 12.13
CA ASP A 58 -10.56 -4.78 12.97
C ASP A 58 -11.75 -4.82 13.92
N MET A 59 -12.09 -6.02 14.39
CA MET A 59 -13.20 -6.20 15.31
C MET A 59 -12.81 -5.81 16.73
N LEU A 60 -11.65 -6.28 17.17
CA LEU A 60 -11.15 -5.98 18.51
C LEU A 60 -11.48 -4.55 18.91
N SER A 61 -11.07 -3.60 18.07
CA SER A 61 -11.33 -2.18 18.33
C SER A 61 -10.84 -1.31 17.18
N ALA A 62 -11.07 -1.79 15.96
CA ALA A 62 -10.67 -1.05 14.77
C ALA A 62 -9.16 -0.84 14.75
N GLN A 63 -8.42 -1.83 15.24
CA GLN A 63 -6.97 -1.75 15.28
C GLN A 63 -6.41 -1.24 13.95
N ARG A 64 -5.16 -0.79 13.97
CA ARG A 64 -4.51 -0.28 12.77
C ARG A 64 -4.72 -1.23 11.60
N ASN A 65 -5.72 -0.93 10.77
CA ASN A 65 -6.01 -1.76 9.60
C ASN A 65 -4.74 -2.35 9.01
N HIS A 66 -4.85 -3.55 8.45
CA HIS A 66 -3.72 -4.23 7.85
C HIS A 66 -3.90 -4.37 6.34
N ALA A 67 -2.80 -4.59 5.64
CA ALA A 67 -2.84 -4.75 4.18
C ALA A 67 -2.60 -6.19 3.78
N ILE A 68 -3.40 -6.68 2.84
CA ILE A 68 -3.27 -8.06 2.38
C ILE A 68 -3.08 -8.10 0.86
N ARG A 69 -2.51 -9.20 0.37
CA ARG A 69 -2.28 -9.37 -1.07
C ARG A 69 -1.88 -8.04 -1.70
N ILE A 70 -0.61 -7.70 -1.59
CA ILE A 70 -0.10 -6.45 -2.15
C ILE A 70 0.14 -6.60 -3.66
N LYS A 71 -0.63 -5.86 -4.45
CA LYS A 71 -0.50 -5.90 -5.89
C LYS A 71 -0.23 -4.51 -6.46
N LYS A 72 0.85 -4.37 -7.22
CA LYS A 72 1.20 -3.10 -7.82
C LYS A 72 0.16 -2.66 -8.85
N LEU A 73 -0.02 -1.36 -8.98
CA LEU A 73 -0.98 -0.80 -9.92
C LEU A 73 -0.27 -0.17 -11.12
N PRO A 74 -0.92 -0.26 -12.30
CA PRO A 74 -0.37 0.31 -13.53
C PRO A 74 -0.38 1.83 -13.53
N LYS A 75 0.59 2.42 -14.23
CA LYS A 75 0.70 3.87 -14.30
C LYS A 75 -0.60 4.48 -14.84
N GLY A 76 -0.91 5.69 -14.38
CA GLY A 76 -2.11 6.37 -14.82
C GLY A 76 -3.33 5.96 -14.02
N THR A 77 -3.23 6.08 -12.70
CA THR A 77 -4.34 5.71 -11.83
C THR A 77 -4.12 6.27 -10.42
N VAL A 78 -3.09 5.78 -9.74
CA VAL A 78 -2.78 6.23 -8.39
C VAL A 78 -2.21 7.65 -8.40
N SER A 79 -2.39 8.36 -7.29
CA SER A 79 -1.89 9.73 -7.18
C SER A 79 -0.37 9.76 -7.37
N PHE A 80 0.25 10.83 -6.87
CA PHE A 80 1.69 11.00 -6.99
C PHE A 80 2.11 11.08 -8.46
N HIS A 81 2.97 12.04 -8.77
CA HIS A 81 3.44 12.24 -10.14
C HIS A 81 4.41 11.12 -10.53
N SER A 82 4.69 11.01 -11.83
CA SER A 82 5.59 9.99 -12.33
C SER A 82 6.93 10.60 -12.73
N HIS A 83 6.88 11.75 -13.41
CA HIS A 83 8.09 12.43 -13.85
C HIS A 83 8.43 13.58 -12.91
N SER A 84 9.71 13.91 -12.82
CA SER A 84 10.17 15.00 -11.97
C SER A 84 9.97 14.64 -10.50
N GLY A 85 10.19 13.37 -10.16
CA GLY A 85 10.02 12.92 -8.79
C GLY A 85 11.32 13.03 -7.99
N PRO A 86 11.41 12.25 -6.91
CA PRO A 86 12.59 12.24 -6.04
C PRO A 86 13.81 11.61 -6.71
N SER A 87 13.64 11.23 -7.97
CA SER A 87 14.72 10.62 -8.73
C SER A 87 14.85 9.13 -8.41
N SER A 88 15.03 8.83 -7.12
CA SER A 88 15.16 7.45 -6.67
C SER A 88 14.02 6.59 -7.21
N GLY A 89 14.38 5.55 -7.96
CA GLY A 89 13.37 4.67 -8.53
C GLY A 89 13.95 3.32 -8.93
N GLY A 1 -18.86 -13.33 -9.69
CA GLY A 1 -18.78 -13.77 -8.31
C GLY A 1 -18.96 -12.63 -7.31
N SER A 2 -17.97 -12.42 -6.46
CA SER A 2 -18.04 -11.36 -5.46
C SER A 2 -16.82 -10.45 -5.55
N SER A 3 -17.00 -9.30 -6.19
CA SER A 3 -15.91 -8.34 -6.36
C SER A 3 -16.28 -7.00 -5.72
N GLY A 4 -15.68 -6.71 -4.58
CA GLY A 4 -15.96 -5.47 -3.89
C GLY A 4 -16.81 -5.67 -2.64
N SER A 5 -16.17 -5.61 -1.48
CA SER A 5 -16.87 -5.79 -0.21
C SER A 5 -16.56 -4.65 0.74
N SER A 6 -15.27 -4.40 0.97
CA SER A 6 -14.84 -3.34 1.87
C SER A 6 -14.29 -2.15 1.08
N GLY A 7 -13.29 -2.41 0.24
CA GLY A 7 -12.70 -1.35 -0.56
C GLY A 7 -11.19 -1.49 -0.67
N ARG A 8 -10.65 -1.12 -1.82
CA ARG A 8 -9.21 -1.19 -2.05
C ARG A 8 -8.62 0.19 -2.24
N GLU A 9 -7.75 0.59 -1.31
CA GLU A 9 -7.10 1.89 -1.38
C GLU A 9 -5.65 1.77 -1.84
N MET A 10 -5.17 2.78 -2.54
CA MET A 10 -3.79 2.78 -3.03
C MET A 10 -2.91 3.70 -2.18
N GLY A 11 -1.62 3.39 -2.14
CA GLY A 11 -0.70 4.20 -1.35
C GLY A 11 0.73 4.09 -1.86
N VAL A 12 1.53 5.11 -1.57
CA VAL A 12 2.94 5.11 -2.00
C VAL A 12 3.86 4.65 -0.87
N ILE A 13 4.85 3.85 -1.22
CA ILE A 13 5.80 3.34 -0.24
C ILE A 13 6.66 4.47 0.32
N ALA A 14 6.79 4.49 1.65
CA ALA A 14 7.59 5.51 2.31
C ALA A 14 8.90 4.93 2.84
N ALA A 15 8.93 3.61 3.01
CA ALA A 15 10.12 2.94 3.51
C ALA A 15 10.17 1.49 3.03
N MET A 16 11.32 0.84 3.22
CA MET A 16 11.48 -0.54 2.82
C MET A 16 12.64 -1.19 3.56
N ARG A 17 12.72 -0.95 4.87
CA ARG A 17 13.78 -1.51 5.70
C ARG A 17 13.81 -3.03 5.58
N ASP A 18 14.92 -3.62 6.02
CA ASP A 18 15.08 -5.07 5.97
C ASP A 18 14.16 -5.76 6.98
N GLY A 19 12.95 -6.08 6.56
CA GLY A 19 12.01 -6.73 7.43
C GLY A 19 10.59 -6.20 7.27
N PHE A 20 10.48 -4.89 7.06
CA PHE A 20 9.18 -4.26 6.89
C PHE A 20 9.31 -2.94 6.14
N GLY A 21 8.25 -2.14 6.16
CA GLY A 21 8.27 -0.86 5.48
C GLY A 21 7.08 0.01 5.85
N PHE A 22 6.82 1.03 5.04
CA PHE A 22 5.71 1.94 5.29
C PHE A 22 5.00 2.30 3.98
N ILE A 23 3.73 2.68 4.09
CA ILE A 23 2.94 3.05 2.92
C ILE A 23 2.03 4.24 3.22
N LYS A 24 2.35 5.38 2.61
CA LYS A 24 1.55 6.59 2.81
C LYS A 24 0.41 6.67 1.81
N CYS A 25 -0.79 6.32 2.27
CA CYS A 25 -1.96 6.35 1.41
C CYS A 25 -2.31 7.78 1.00
N VAL A 26 -3.23 7.91 0.05
CA VAL A 26 -3.64 9.22 -0.43
C VAL A 26 -4.67 9.86 0.50
N ASP A 27 -5.73 9.11 0.78
CA ASP A 27 -6.79 9.61 1.67
C ASP A 27 -6.30 9.68 3.12
N ARG A 28 -5.43 8.74 3.49
CA ARG A 28 -4.89 8.69 4.84
C ARG A 28 -3.48 9.27 4.88
N ASP A 29 -3.25 10.18 5.82
CA ASP A 29 -1.94 10.81 5.96
C ASP A 29 -1.08 10.05 6.95
N VAL A 30 -1.23 8.73 6.97
CA VAL A 30 -0.46 7.88 7.88
C VAL A 30 0.15 6.70 7.14
N ARG A 31 1.13 6.06 7.76
CA ARG A 31 1.81 4.91 7.16
C ARG A 31 1.10 3.61 7.54
N MET A 32 1.02 2.69 6.59
CA MET A 32 0.37 1.41 6.81
C MET A 32 1.41 0.29 6.95
N PHE A 33 1.81 0.00 8.19
CA PHE A 33 2.79 -1.04 8.44
C PHE A 33 2.40 -2.35 7.76
N PHE A 34 3.20 -2.75 6.78
CA PHE A 34 2.94 -3.98 6.04
C PHE A 34 4.10 -4.95 6.18
N HIS A 35 3.81 -6.24 5.96
CA HIS A 35 4.84 -7.27 6.07
C HIS A 35 5.24 -7.77 4.69
N PHE A 36 6.46 -8.30 4.58
CA PHE A 36 6.97 -8.80 3.31
C PHE A 36 6.46 -10.22 3.05
N SER A 37 5.18 -10.45 3.35
CA SER A 37 4.58 -11.75 3.15
C SER A 37 3.36 -11.65 2.24
N GLU A 38 2.79 -10.45 2.17
CA GLU A 38 1.61 -10.23 1.33
C GLU A 38 2.02 -9.85 -0.09
N ILE A 39 3.31 -9.58 -0.28
CA ILE A 39 3.83 -9.19 -1.59
C ILE A 39 3.84 -10.39 -2.54
N LEU A 40 3.39 -11.54 -2.04
CA LEU A 40 3.35 -12.76 -2.84
C LEU A 40 2.60 -12.51 -4.16
N ASP A 41 1.79 -11.46 -4.19
CA ASP A 41 1.03 -11.13 -5.38
C ASP A 41 1.88 -11.29 -6.64
N GLY A 42 3.16 -10.92 -6.54
CA GLY A 42 4.06 -11.03 -7.67
C GLY A 42 4.52 -9.68 -8.18
N ASN A 43 5.54 -9.13 -7.53
CA ASN A 43 6.07 -7.83 -7.92
C ASN A 43 7.11 -7.34 -6.91
N GLN A 44 8.08 -6.57 -7.39
CA GLN A 44 9.13 -6.04 -6.54
C GLN A 44 8.88 -4.58 -6.20
N LEU A 45 8.47 -4.32 -4.96
CA LEU A 45 8.19 -2.96 -4.51
C LEU A 45 9.44 -2.09 -4.60
N HIS A 46 9.26 -0.79 -4.41
CA HIS A 46 10.37 0.15 -4.45
C HIS A 46 9.94 1.52 -3.96
N ILE A 47 10.87 2.23 -3.31
CA ILE A 47 10.58 3.57 -2.80
C ILE A 47 9.61 4.32 -3.70
N ALA A 48 8.43 4.63 -3.17
CA ALA A 48 7.43 5.36 -3.94
C ALA A 48 6.83 4.48 -5.02
N ASP A 49 6.18 3.39 -4.61
CA ASP A 49 5.55 2.47 -5.55
C ASP A 49 4.07 2.29 -5.25
N GLU A 50 3.24 2.41 -6.28
CA GLU A 50 1.80 2.26 -6.12
C GLU A 50 1.43 0.82 -5.77
N VAL A 51 0.60 0.66 -4.75
CA VAL A 51 0.17 -0.67 -4.33
C VAL A 51 -1.29 -0.67 -3.91
N GLU A 52 -2.01 -1.73 -4.25
CA GLU A 52 -3.42 -1.85 -3.91
C GLU A 52 -3.64 -2.93 -2.87
N PHE A 53 -4.35 -2.57 -1.79
CA PHE A 53 -4.63 -3.52 -0.72
C PHE A 53 -6.08 -3.41 -0.28
N THR A 54 -6.61 -4.50 0.28
CA THR A 54 -7.98 -4.54 0.74
C THR A 54 -8.13 -3.82 2.08
N VAL A 55 -7.33 -4.23 3.07
CA VAL A 55 -7.37 -3.63 4.39
C VAL A 55 -8.72 -3.86 5.06
N VAL A 56 -8.68 -4.34 6.30
CA VAL A 56 -9.90 -4.60 7.05
C VAL A 56 -9.62 -4.67 8.55
N PRO A 57 -10.61 -4.26 9.36
CA PRO A 57 -10.49 -4.26 10.82
C PRO A 57 -10.47 -5.67 11.40
N ASP A 58 -9.29 -6.12 11.82
CA ASP A 58 -9.14 -7.44 12.40
C ASP A 58 -8.33 -7.39 13.70
N MET A 59 -8.38 -8.47 14.46
CA MET A 59 -7.65 -8.54 15.72
C MET A 59 -6.25 -9.10 15.51
N LEU A 60 -5.62 -8.72 14.41
CA LEU A 60 -4.28 -9.18 14.09
C LEU A 60 -3.23 -8.15 14.50
N SER A 61 -3.40 -6.91 14.04
CA SER A 61 -2.47 -5.84 14.37
C SER A 61 -2.99 -5.01 15.54
N ALA A 62 -3.65 -5.67 16.48
CA ALA A 62 -4.20 -5.00 17.64
C ALA A 62 -5.47 -4.23 17.29
N GLN A 63 -5.33 -3.21 16.45
CA GLN A 63 -6.46 -2.39 16.04
C GLN A 63 -6.00 -1.24 15.15
N ARG A 64 -5.06 -1.53 14.25
CA ARG A 64 -4.55 -0.52 13.33
C ARG A 64 -4.66 -0.98 11.89
N ASN A 65 -5.53 -1.96 11.65
CA ASN A 65 -5.73 -2.49 10.30
C ASN A 65 -4.43 -3.02 9.73
N HIS A 66 -4.53 -3.82 8.67
CA HIS A 66 -3.36 -4.40 8.02
C HIS A 66 -3.55 -4.47 6.51
N ALA A 67 -2.51 -4.89 5.80
CA ALA A 67 -2.57 -5.01 4.35
C ALA A 67 -2.48 -6.47 3.92
N ILE A 68 -3.33 -6.86 2.97
CA ILE A 68 -3.34 -8.23 2.47
C ILE A 68 -3.17 -8.26 0.95
N ARG A 69 -2.64 -9.36 0.45
CA ARG A 69 -2.42 -9.52 -0.98
C ARG A 69 -2.00 -8.20 -1.61
N ILE A 70 -0.78 -7.76 -1.29
CA ILE A 70 -0.25 -6.51 -1.83
C ILE A 70 0.01 -6.63 -3.33
N LYS A 71 -0.79 -5.94 -4.13
CA LYS A 71 -0.64 -5.97 -5.57
C LYS A 71 0.01 -4.67 -6.07
N LYS A 72 1.26 -4.76 -6.50
CA LYS A 72 1.98 -3.61 -7.02
C LYS A 72 1.35 -3.10 -8.32
N LEU A 73 0.71 -1.94 -8.25
CA LEU A 73 0.07 -1.35 -9.41
C LEU A 73 1.11 -0.79 -10.37
N PRO A 74 0.84 -0.91 -11.68
CA PRO A 74 1.74 -0.40 -12.72
C PRO A 74 1.79 1.12 -12.77
N LYS A 75 2.94 1.66 -13.14
CA LYS A 75 3.12 3.11 -13.22
C LYS A 75 1.97 3.75 -14.00
N GLY A 76 1.50 4.90 -13.52
CA GLY A 76 0.41 5.59 -14.18
C GLY A 76 -0.95 5.10 -13.71
N THR A 77 -1.23 5.26 -12.42
CA THR A 77 -2.50 4.83 -11.86
C THR A 77 -2.91 5.72 -10.70
N VAL A 78 -2.00 5.93 -9.75
CA VAL A 78 -2.27 6.76 -8.60
C VAL A 78 -1.41 8.02 -8.62
N SER A 79 -1.95 9.11 -8.06
CA SER A 79 -1.22 10.37 -8.01
C SER A 79 -1.97 11.39 -7.14
N PHE A 80 -1.20 12.25 -6.48
CA PHE A 80 -1.79 13.26 -5.61
C PHE A 80 -0.73 14.26 -5.16
N HIS A 81 0.39 13.75 -4.67
CA HIS A 81 1.49 14.60 -4.21
C HIS A 81 2.38 15.03 -5.37
N SER A 82 2.33 16.33 -5.69
CA SER A 82 3.12 16.87 -6.78
C SER A 82 4.58 16.42 -6.68
N HIS A 83 5.09 15.85 -7.76
CA HIS A 83 6.47 15.38 -7.79
C HIS A 83 7.45 16.54 -7.67
N SER A 84 8.51 16.34 -6.89
CA SER A 84 9.51 17.39 -6.68
C SER A 84 10.92 16.79 -6.72
N GLY A 85 11.16 15.91 -7.69
CA GLY A 85 12.46 15.29 -7.81
C GLY A 85 12.94 15.26 -9.25
N PRO A 86 13.55 16.37 -9.71
CA PRO A 86 14.07 16.48 -11.07
C PRO A 86 15.29 15.60 -11.30
N SER A 87 15.91 15.75 -12.47
CA SER A 87 17.09 14.98 -12.81
C SER A 87 18.34 15.84 -12.77
N SER A 88 19.36 15.38 -12.04
CA SER A 88 20.61 16.12 -11.91
C SER A 88 21.77 15.31 -12.46
N GLY A 89 21.82 14.03 -12.10
CA GLY A 89 22.88 13.16 -12.56
C GLY A 89 24.13 13.26 -11.70
N GLY A 1 -12.60 -11.20 -7.18
CA GLY A 1 -13.90 -10.66 -7.50
C GLY A 1 -14.24 -9.43 -6.68
N SER A 2 -15.04 -9.61 -5.63
CA SER A 2 -15.43 -8.51 -4.77
C SER A 2 -16.14 -7.42 -5.57
N SER A 3 -17.42 -7.63 -5.84
CA SER A 3 -18.20 -6.66 -6.60
C SER A 3 -19.38 -6.15 -5.78
N GLY A 4 -19.44 -4.83 -5.60
CA GLY A 4 -20.53 -4.24 -4.84
C GLY A 4 -20.03 -3.49 -3.62
N SER A 5 -19.43 -4.21 -2.68
CA SER A 5 -18.91 -3.61 -1.46
C SER A 5 -17.46 -4.01 -1.23
N SER A 6 -16.54 -3.17 -1.70
CA SER A 6 -15.12 -3.44 -1.55
C SER A 6 -14.39 -2.20 -1.02
N GLY A 7 -13.42 -2.44 -0.13
CA GLY A 7 -12.67 -1.33 0.44
C GLY A 7 -11.19 -1.42 0.13
N ARG A 8 -10.82 -1.03 -1.09
CA ARG A 8 -9.43 -1.08 -1.51
C ARG A 8 -8.84 0.32 -1.59
N GLU A 9 -7.70 0.52 -0.95
CA GLU A 9 -7.04 1.83 -0.94
C GLU A 9 -5.65 1.73 -1.57
N MET A 10 -5.21 2.82 -2.19
CA MET A 10 -3.91 2.87 -2.84
C MET A 10 -2.98 3.84 -2.11
N GLY A 11 -1.68 3.56 -2.18
CA GLY A 11 -0.70 4.43 -1.52
C GLY A 11 0.71 4.20 -2.04
N VAL A 12 1.62 5.07 -1.64
CA VAL A 12 3.01 4.96 -2.06
C VAL A 12 3.89 4.43 -0.93
N ILE A 13 4.89 3.62 -1.29
CA ILE A 13 5.80 3.04 -0.31
C ILE A 13 6.74 4.10 0.23
N ALA A 14 6.62 4.39 1.52
CA ALA A 14 7.47 5.38 2.18
C ALA A 14 8.75 4.73 2.70
N ALA A 15 8.67 3.46 3.05
CA ALA A 15 9.81 2.73 3.58
C ALA A 15 9.72 1.24 3.26
N MET A 16 10.86 0.58 3.21
CA MET A 16 10.91 -0.85 2.91
C MET A 16 12.05 -1.53 3.66
N ARG A 17 12.30 -1.08 4.89
CA ARG A 17 13.35 -1.65 5.71
C ARG A 17 13.26 -3.17 5.76
N ASP A 18 14.34 -3.82 6.17
CA ASP A 18 14.37 -5.27 6.27
C ASP A 18 13.45 -5.78 7.36
N GLY A 19 12.31 -6.33 6.95
CA GLY A 19 11.34 -6.84 7.92
C GLY A 19 9.98 -6.19 7.78
N PHE A 20 9.97 -4.97 7.27
CA PHE A 20 8.72 -4.23 7.09
C PHE A 20 8.96 -2.90 6.39
N GLY A 21 7.88 -2.23 6.01
CA GLY A 21 8.01 -0.95 5.34
C GLY A 21 6.90 0.02 5.71
N PHE A 22 6.57 0.92 4.79
CA PHE A 22 5.52 1.91 5.04
C PHE A 22 4.81 2.28 3.75
N ILE A 23 3.52 2.60 3.86
CA ILE A 23 2.73 2.98 2.68
C ILE A 23 1.94 4.25 2.95
N LYS A 24 2.53 5.40 2.60
CA LYS A 24 1.88 6.68 2.80
C LYS A 24 0.57 6.75 2.02
N CYS A 25 -0.54 6.76 2.74
CA CYS A 25 -1.86 6.82 2.11
C CYS A 25 -2.13 8.22 1.57
N VAL A 26 -2.92 8.30 0.50
CA VAL A 26 -3.26 9.58 -0.10
C VAL A 26 -4.54 10.16 0.51
N ASP A 27 -5.25 9.32 1.26
CA ASP A 27 -6.49 9.75 1.89
C ASP A 27 -6.24 10.19 3.33
N ARG A 28 -5.40 9.45 4.03
CA ARG A 28 -5.07 9.78 5.42
C ARG A 28 -3.77 10.57 5.50
N ASP A 29 -3.35 10.87 6.73
CA ASP A 29 -2.12 11.63 6.94
C ASP A 29 -1.00 10.71 7.43
N VAL A 30 -1.35 9.46 7.73
CA VAL A 30 -0.38 8.49 8.22
C VAL A 30 -0.09 7.43 7.16
N ARG A 31 0.92 6.61 7.42
CA ARG A 31 1.29 5.55 6.48
C ARG A 31 0.75 4.21 6.94
N MET A 32 0.87 3.19 6.08
CA MET A 32 0.39 1.86 6.39
C MET A 32 1.51 0.84 6.28
N PHE A 33 2.09 0.48 7.42
CA PHE A 33 3.18 -0.49 7.45
C PHE A 33 2.69 -1.87 7.04
N PHE A 34 3.41 -2.48 6.10
CA PHE A 34 3.03 -3.81 5.61
C PHE A 34 4.12 -4.83 5.93
N HIS A 35 3.83 -6.10 5.70
CA HIS A 35 4.78 -7.17 5.97
C HIS A 35 5.30 -7.77 4.66
N PHE A 36 6.49 -8.36 4.72
CA PHE A 36 7.09 -8.97 3.53
C PHE A 36 6.53 -10.37 3.31
N SER A 37 5.23 -10.52 3.46
CA SER A 37 4.58 -11.82 3.29
C SER A 37 3.40 -11.70 2.32
N GLU A 38 2.77 -10.53 2.30
CA GLU A 38 1.63 -10.29 1.42
C GLU A 38 2.10 -9.94 0.01
N ILE A 39 3.38 -9.63 -0.12
CA ILE A 39 3.95 -9.29 -1.42
C ILE A 39 4.04 -10.52 -2.33
N LEU A 40 3.60 -11.65 -1.82
CA LEU A 40 3.63 -12.90 -2.58
C LEU A 40 2.95 -12.72 -3.93
N ASP A 41 2.08 -11.71 -4.03
CA ASP A 41 1.37 -11.43 -5.27
C ASP A 41 2.30 -11.57 -6.48
N GLY A 42 3.53 -11.11 -6.32
CA GLY A 42 4.49 -11.19 -7.41
C GLY A 42 4.85 -9.83 -7.98
N ASN A 43 5.78 -9.13 -7.32
CA ASN A 43 6.21 -7.82 -7.76
C ASN A 43 7.21 -7.22 -6.80
N GLN A 44 8.44 -7.01 -7.27
CA GLN A 44 9.50 -6.43 -6.44
C GLN A 44 9.19 -4.98 -6.11
N LEU A 45 8.54 -4.77 -4.97
CA LEU A 45 8.19 -3.43 -4.53
C LEU A 45 9.43 -2.54 -4.43
N HIS A 46 9.22 -1.23 -4.43
CA HIS A 46 10.32 -0.28 -4.34
C HIS A 46 9.84 1.05 -3.78
N ILE A 47 10.79 1.92 -3.42
CA ILE A 47 10.46 3.23 -2.87
C ILE A 47 9.54 4.00 -3.80
N ALA A 48 8.58 4.72 -3.23
CA ALA A 48 7.65 5.51 -4.02
C ALA A 48 6.94 4.65 -5.05
N ASP A 49 6.42 3.51 -4.62
CA ASP A 49 5.72 2.59 -5.51
C ASP A 49 4.24 2.52 -5.16
N GLU A 50 3.40 2.47 -6.19
CA GLU A 50 1.96 2.40 -6.00
C GLU A 50 1.50 0.96 -5.81
N VAL A 51 0.63 0.73 -4.83
CA VAL A 51 0.12 -0.60 -4.55
C VAL A 51 -1.30 -0.53 -3.98
N GLU A 52 -2.08 -1.59 -4.21
CA GLU A 52 -3.45 -1.65 -3.72
C GLU A 52 -3.62 -2.81 -2.75
N PHE A 53 -4.28 -2.52 -1.62
CA PHE A 53 -4.51 -3.54 -0.59
C PHE A 53 -5.84 -3.30 0.11
N THR A 54 -6.38 -4.35 0.71
CA THR A 54 -7.66 -4.26 1.41
C THR A 54 -7.44 -3.92 2.89
N VAL A 55 -8.28 -3.03 3.41
CA VAL A 55 -8.18 -2.61 4.80
C VAL A 55 -9.36 -3.14 5.61
N VAL A 56 -9.06 -3.92 6.65
CA VAL A 56 -10.08 -4.49 7.51
C VAL A 56 -9.64 -4.52 8.96
N PRO A 57 -10.59 -4.29 9.88
CA PRO A 57 -10.31 -4.29 11.32
C PRO A 57 -9.99 -5.68 11.85
N ASP A 58 -8.73 -5.91 12.18
CA ASP A 58 -8.30 -7.20 12.71
C ASP A 58 -9.35 -7.80 13.62
N MET A 59 -9.47 -9.12 13.60
CA MET A 59 -10.45 -9.81 14.44
C MET A 59 -10.01 -9.81 15.90
N LEU A 60 -8.82 -9.30 16.16
CA LEU A 60 -8.28 -9.24 17.51
C LEU A 60 -8.34 -7.82 18.05
N SER A 61 -8.02 -6.85 17.20
CA SER A 61 -8.03 -5.45 17.60
C SER A 61 -8.80 -4.61 16.58
N ALA A 62 -10.01 -4.19 16.97
CA ALA A 62 -10.84 -3.38 16.09
C ALA A 62 -10.03 -2.30 15.39
N GLN A 63 -9.11 -1.68 16.13
CA GLN A 63 -8.26 -0.63 15.58
C GLN A 63 -7.06 -1.23 14.86
N ARG A 64 -6.45 -0.43 13.99
CA ARG A 64 -5.28 -0.88 13.23
C ARG A 64 -5.69 -1.86 12.14
N ASN A 65 -5.21 -1.62 10.93
CA ASN A 65 -5.52 -2.48 9.81
C ASN A 65 -4.24 -2.93 9.09
N HIS A 66 -4.33 -4.06 8.40
CA HIS A 66 -3.18 -4.60 7.68
C HIS A 66 -3.48 -4.72 6.18
N ALA A 67 -2.43 -4.73 5.37
CA ALA A 67 -2.58 -4.84 3.93
C ALA A 67 -2.39 -6.28 3.46
N ILE A 68 -3.44 -6.86 2.89
CA ILE A 68 -3.38 -8.23 2.40
C ILE A 68 -3.11 -8.26 0.90
N ARG A 69 -2.55 -9.38 0.43
CA ARG A 69 -2.24 -9.53 -0.97
C ARG A 69 -1.81 -8.21 -1.60
N ILE A 70 -0.54 -7.88 -1.45
CA ILE A 70 0.00 -6.63 -1.99
C ILE A 70 0.31 -6.77 -3.48
N LYS A 71 -0.38 -5.99 -4.29
CA LYS A 71 -0.17 -6.02 -5.74
C LYS A 71 0.29 -4.65 -6.25
N LYS A 72 1.13 -4.67 -7.28
CA LYS A 72 1.65 -3.44 -7.86
C LYS A 72 0.66 -2.86 -8.87
N LEU A 73 0.26 -1.61 -8.63
CA LEU A 73 -0.68 -0.94 -9.52
C LEU A 73 0.01 -0.40 -10.77
N PRO A 74 -0.72 -0.36 -11.89
CA PRO A 74 -0.19 0.12 -13.16
C PRO A 74 0.06 1.62 -13.16
N LYS A 75 0.76 2.11 -14.17
CA LYS A 75 1.07 3.53 -14.29
C LYS A 75 -0.19 4.33 -14.62
N GLY A 76 -0.27 5.55 -14.09
CA GLY A 76 -1.41 6.39 -14.34
C GLY A 76 -2.66 5.90 -13.63
N THR A 77 -2.53 5.62 -12.34
CA THR A 77 -3.65 5.14 -11.54
C THR A 77 -3.85 6.01 -10.30
N VAL A 78 -2.77 6.26 -9.59
CA VAL A 78 -2.83 7.07 -8.37
C VAL A 78 -2.31 8.48 -8.64
N SER A 79 -2.77 9.44 -7.83
CA SER A 79 -2.36 10.82 -7.97
C SER A 79 -2.77 11.65 -6.75
N PHE A 80 -2.28 12.87 -6.68
CA PHE A 80 -2.59 13.76 -5.56
C PHE A 80 -3.25 15.04 -6.06
N HIS A 81 -4.42 15.35 -5.49
CA HIS A 81 -5.16 16.54 -5.87
C HIS A 81 -4.21 17.73 -6.08
N SER A 82 -3.37 17.99 -5.08
CA SER A 82 -2.42 19.10 -5.15
C SER A 82 -1.00 18.61 -4.84
N HIS A 83 -0.09 18.82 -5.78
CA HIS A 83 1.30 18.41 -5.60
C HIS A 83 2.21 19.63 -5.49
N SER A 84 2.77 19.82 -4.29
CA SER A 84 3.67 20.95 -4.05
C SER A 84 4.97 20.47 -3.42
N GLY A 85 6.08 21.10 -3.82
CA GLY A 85 7.37 20.74 -3.28
C GLY A 85 8.46 21.73 -3.65
N PRO A 86 9.65 21.56 -3.06
CA PRO A 86 10.80 22.44 -3.32
C PRO A 86 11.35 22.26 -4.72
N SER A 87 10.81 23.02 -5.68
CA SER A 87 11.26 22.94 -7.06
C SER A 87 10.79 21.65 -7.71
N SER A 88 10.25 21.76 -8.93
CA SER A 88 9.76 20.61 -9.66
C SER A 88 10.83 19.52 -9.74
N GLY A 89 10.45 18.30 -9.39
CA GLY A 89 11.39 17.19 -9.43
C GLY A 89 11.98 16.99 -10.81
N GLY A 1 -21.90 -16.82 -4.25
CA GLY A 1 -22.64 -15.81 -4.99
C GLY A 1 -21.74 -14.82 -5.68
N SER A 2 -22.16 -13.55 -5.71
CA SER A 2 -21.39 -12.50 -6.35
C SER A 2 -21.75 -11.14 -5.77
N SER A 3 -21.09 -10.77 -4.67
CA SER A 3 -21.34 -9.49 -4.02
C SER A 3 -20.22 -8.50 -4.31
N GLY A 4 -20.46 -7.23 -3.98
CA GLY A 4 -19.45 -6.21 -4.21
C GLY A 4 -19.27 -5.29 -3.02
N SER A 5 -18.48 -5.76 -2.04
CA SER A 5 -18.23 -4.98 -0.84
C SER A 5 -16.81 -5.20 -0.34
N SER A 6 -15.93 -4.26 -0.62
CA SER A 6 -14.54 -4.35 -0.20
C SER A 6 -13.77 -3.08 -0.56
N GLY A 7 -13.42 -2.29 0.45
CA GLY A 7 -12.69 -1.07 0.22
C GLY A 7 -11.22 -1.31 -0.03
N ARG A 8 -10.74 -0.89 -1.20
CA ARG A 8 -9.35 -1.07 -1.57
C ARG A 8 -8.57 0.23 -1.42
N GLU A 9 -7.44 0.17 -0.72
CA GLU A 9 -6.62 1.35 -0.49
C GLU A 9 -5.39 1.33 -1.41
N MET A 10 -4.87 2.53 -1.70
CA MET A 10 -3.70 2.64 -2.57
C MET A 10 -2.89 3.89 -2.22
N GLY A 11 -1.57 3.75 -2.18
CA GLY A 11 -0.71 4.87 -1.85
C GLY A 11 0.71 4.67 -2.34
N VAL A 12 1.67 5.29 -1.66
CA VAL A 12 3.07 5.18 -2.03
C VAL A 12 3.90 4.62 -0.88
N ILE A 13 4.95 3.87 -1.23
CA ILE A 13 5.82 3.27 -0.22
C ILE A 13 6.81 4.30 0.33
N ALA A 14 6.80 4.48 1.64
CA ALA A 14 7.70 5.43 2.28
C ALA A 14 9.03 4.78 2.62
N ALA A 15 8.97 3.55 3.14
CA ALA A 15 10.18 2.82 3.52
C ALA A 15 10.00 1.33 3.28
N MET A 16 11.12 0.60 3.24
CA MET A 16 11.08 -0.84 3.03
C MET A 16 12.09 -1.55 3.93
N ARG A 17 12.21 -1.07 5.17
CA ARG A 17 13.14 -1.65 6.12
C ARG A 17 13.15 -3.18 6.01
N ASP A 18 14.30 -3.78 6.29
CA ASP A 18 14.44 -5.23 6.21
C ASP A 18 13.52 -5.92 7.23
N GLY A 19 12.30 -6.22 6.78
CA GLY A 19 11.34 -6.87 7.67
C GLY A 19 9.98 -6.22 7.62
N PHE A 20 9.95 -4.92 7.31
CA PHE A 20 8.70 -4.18 7.24
C PHE A 20 8.87 -2.92 6.40
N GLY A 21 7.76 -2.27 6.10
CA GLY A 21 7.79 -1.05 5.31
C GLY A 21 6.72 -0.06 5.71
N PHE A 22 6.38 0.85 4.80
CA PHE A 22 5.37 1.86 5.07
C PHE A 22 4.70 2.31 3.76
N ILE A 23 3.42 2.68 3.86
CA ILE A 23 2.67 3.14 2.70
C ILE A 23 1.88 4.40 3.02
N LYS A 24 2.33 5.53 2.47
CA LYS A 24 1.66 6.80 2.69
C LYS A 24 0.45 6.95 1.77
N CYS A 25 -0.72 7.15 2.36
CA CYS A 25 -1.95 7.30 1.57
C CYS A 25 -2.23 8.78 1.32
N VAL A 26 -2.74 9.08 0.13
CA VAL A 26 -3.05 10.46 -0.24
C VAL A 26 -4.24 10.98 0.56
N ASP A 27 -5.25 10.14 0.72
CA ASP A 27 -6.45 10.52 1.47
C ASP A 27 -6.19 10.44 2.97
N ARG A 28 -5.51 9.38 3.40
CA ARG A 28 -5.21 9.19 4.81
C ARG A 28 -3.79 9.64 5.12
N ASP A 29 -3.67 10.56 6.09
CA ASP A 29 -2.36 11.07 6.48
C ASP A 29 -1.68 10.13 7.47
N VAL A 30 -1.75 8.84 7.19
CA VAL A 30 -1.14 7.84 8.06
C VAL A 30 -0.52 6.70 7.24
N ARG A 31 0.63 6.23 7.68
CA ARG A 31 1.32 5.15 6.99
C ARG A 31 0.70 3.79 7.31
N MET A 32 0.84 2.84 6.41
CA MET A 32 0.28 1.51 6.60
C MET A 32 1.39 0.46 6.62
N PHE A 33 1.90 0.17 7.82
CA PHE A 33 2.96 -0.82 7.98
C PHE A 33 2.53 -2.18 7.44
N PHE A 34 3.27 -2.68 6.45
CA PHE A 34 2.97 -3.96 5.85
C PHE A 34 4.08 -4.98 6.11
N HIS A 35 3.82 -6.24 5.78
CA HIS A 35 4.81 -7.29 5.98
C HIS A 35 5.29 -7.85 4.64
N PHE A 36 6.50 -8.39 4.64
CA PHE A 36 7.08 -8.95 3.43
C PHE A 36 6.57 -10.37 3.18
N SER A 37 5.28 -10.57 3.41
CA SER A 37 4.67 -11.88 3.22
C SER A 37 3.47 -11.79 2.27
N GLU A 38 2.85 -10.62 2.22
CA GLU A 38 1.69 -10.40 1.35
C GLU A 38 2.14 -10.08 -0.07
N ILE A 39 3.44 -9.84 -0.24
CA ILE A 39 3.98 -9.52 -1.55
C ILE A 39 3.99 -10.75 -2.46
N LEU A 40 3.51 -11.87 -1.93
CA LEU A 40 3.46 -13.11 -2.70
C LEU A 40 2.75 -12.90 -4.03
N ASP A 41 1.87 -11.90 -4.08
CA ASP A 41 1.13 -11.59 -5.30
C ASP A 41 2.07 -11.48 -6.49
N GLY A 42 3.30 -11.02 -6.24
CA GLY A 42 4.27 -10.89 -7.31
C GLY A 42 4.44 -9.44 -7.73
N ASN A 43 5.44 -8.77 -7.16
CA ASN A 43 5.72 -7.38 -7.48
C ASN A 43 6.75 -6.80 -6.52
N GLN A 44 8.00 -6.69 -6.98
CA GLN A 44 9.07 -6.15 -6.16
C GLN A 44 8.80 -4.69 -5.82
N LEU A 45 8.06 -4.47 -4.73
CA LEU A 45 7.73 -3.12 -4.30
C LEU A 45 8.98 -2.25 -4.22
N HIS A 46 8.79 -0.94 -4.22
CA HIS A 46 9.90 0.00 -4.14
C HIS A 46 9.41 1.40 -3.79
N ILE A 47 10.29 2.20 -3.19
CA ILE A 47 9.94 3.56 -2.81
C ILE A 47 9.02 4.20 -3.83
N ALA A 48 7.75 4.36 -3.47
CA ALA A 48 6.76 4.96 -4.35
C ALA A 48 6.61 4.14 -5.63
N ASP A 49 5.76 3.12 -5.57
CA ASP A 49 5.51 2.26 -6.73
C ASP A 49 4.02 2.00 -6.90
N GLU A 50 3.21 2.62 -6.05
CA GLU A 50 1.77 2.45 -6.11
C GLU A 50 1.37 1.00 -5.88
N VAL A 51 0.65 0.75 -4.79
CA VAL A 51 0.21 -0.60 -4.44
C VAL A 51 -1.24 -0.60 -4.00
N GLU A 52 -1.91 -1.74 -4.20
CA GLU A 52 -3.31 -1.89 -3.82
C GLU A 52 -3.50 -3.03 -2.84
N PHE A 53 -4.13 -2.74 -1.71
CA PHE A 53 -4.37 -3.76 -0.68
C PHE A 53 -5.73 -3.55 -0.02
N THR A 54 -6.24 -4.60 0.62
CA THR A 54 -7.53 -4.52 1.29
C THR A 54 -7.35 -4.27 2.79
N VAL A 55 -8.08 -3.28 3.30
CA VAL A 55 -8.00 -2.93 4.71
C VAL A 55 -9.33 -3.20 5.41
N VAL A 56 -9.40 -4.31 6.13
CA VAL A 56 -10.62 -4.68 6.85
C VAL A 56 -10.31 -5.08 8.28
N PRO A 57 -11.22 -4.73 9.20
CA PRO A 57 -11.07 -5.04 10.62
C PRO A 57 -11.20 -6.54 10.91
N ASP A 58 -10.12 -7.13 11.41
CA ASP A 58 -10.11 -8.55 11.72
C ASP A 58 -10.34 -8.78 13.22
N MET A 59 -10.97 -9.90 13.55
CA MET A 59 -11.25 -10.23 14.94
C MET A 59 -10.05 -10.92 15.59
N LEU A 60 -8.85 -10.48 15.20
CA LEU A 60 -7.63 -11.04 15.75
C LEU A 60 -7.00 -10.11 16.78
N SER A 61 -7.20 -8.82 16.59
CA SER A 61 -6.66 -7.81 17.51
C SER A 61 -7.66 -6.68 17.74
N ALA A 62 -7.30 -5.76 18.61
CA ALA A 62 -8.17 -4.63 18.93
C ALA A 62 -8.15 -3.60 17.80
N GLN A 63 -8.65 -4.00 16.64
CA GLN A 63 -8.69 -3.12 15.48
C GLN A 63 -7.29 -2.88 14.92
N ARG A 64 -6.81 -3.82 14.12
CA ARG A 64 -5.48 -3.72 13.53
C ARG A 64 -5.54 -3.95 12.02
N ASN A 65 -5.86 -2.90 11.27
CA ASN A 65 -5.95 -3.01 9.82
C ASN A 65 -4.61 -3.45 9.22
N HIS A 66 -4.66 -4.43 8.33
CA HIS A 66 -3.45 -4.94 7.69
C HIS A 66 -3.66 -5.05 6.17
N ALA A 67 -2.60 -4.79 5.42
CA ALA A 67 -2.65 -4.87 3.97
C ALA A 67 -2.38 -6.29 3.48
N ILE A 68 -3.39 -6.91 2.89
CA ILE A 68 -3.27 -8.28 2.39
C ILE A 68 -3.05 -8.27 0.87
N ARG A 69 -2.54 -9.38 0.36
CA ARG A 69 -2.27 -9.52 -1.07
C ARG A 69 -1.83 -8.19 -1.67
N ILE A 70 -0.52 -7.95 -1.67
CA ILE A 70 0.03 -6.71 -2.21
C ILE A 70 0.28 -6.84 -3.71
N LYS A 71 -0.45 -6.05 -4.50
CA LYS A 71 -0.31 -6.07 -5.94
C LYS A 71 -0.05 -4.66 -6.48
N LYS A 72 1.18 -4.41 -6.91
CA LYS A 72 1.55 -3.11 -7.44
C LYS A 72 0.56 -2.66 -8.51
N LEU A 73 0.29 -1.36 -8.56
CA LEU A 73 -0.65 -0.81 -9.53
C LEU A 73 0.11 -0.15 -10.69
N PRO A 74 -0.49 -0.20 -11.89
CA PRO A 74 0.10 0.38 -13.10
C PRO A 74 0.11 1.90 -13.06
N LYS A 75 0.82 2.52 -14.00
CA LYS A 75 0.90 3.97 -14.08
C LYS A 75 -0.43 4.57 -14.51
N GLY A 76 -0.79 5.69 -13.91
CA GLY A 76 -2.05 6.34 -14.26
C GLY A 76 -3.19 5.93 -13.35
N THR A 77 -3.06 6.23 -12.06
CA THR A 77 -4.09 5.87 -11.09
C THR A 77 -3.97 6.73 -9.84
N VAL A 78 -2.83 6.64 -9.17
CA VAL A 78 -2.59 7.42 -7.95
C VAL A 78 -1.73 8.64 -8.24
N SER A 79 -1.91 9.69 -7.45
CA SER A 79 -1.15 10.92 -7.61
C SER A 79 -1.53 11.93 -6.54
N PHE A 80 -0.78 13.03 -6.48
CA PHE A 80 -1.03 14.08 -5.50
C PHE A 80 -1.43 15.38 -6.20
N HIS A 81 -0.69 15.75 -7.24
CA HIS A 81 -0.97 16.97 -7.99
C HIS A 81 -0.04 17.09 -9.19
N SER A 82 -0.63 17.17 -10.38
CA SER A 82 0.14 17.28 -11.61
C SER A 82 1.17 16.16 -11.71
N HIS A 83 0.77 15.05 -12.32
CA HIS A 83 1.67 13.91 -12.47
C HIS A 83 2.93 14.30 -13.23
N SER A 84 3.95 13.45 -13.18
CA SER A 84 5.21 13.71 -13.86
C SER A 84 5.93 12.41 -14.17
N GLY A 85 5.72 11.90 -15.40
CA GLY A 85 6.36 10.67 -15.81
C GLY A 85 7.77 10.54 -15.28
N PRO A 86 8.66 11.44 -15.73
CA PRO A 86 10.07 11.44 -15.31
C PRO A 86 10.23 11.86 -13.85
N SER A 87 11.36 11.47 -13.26
CA SER A 87 11.64 11.80 -11.87
C SER A 87 13.10 11.54 -11.53
N SER A 88 13.93 12.58 -11.64
CA SER A 88 15.35 12.47 -11.35
C SER A 88 15.98 11.34 -12.17
N GLY A 89 17.31 11.29 -12.18
CA GLY A 89 18.01 10.26 -12.92
C GLY A 89 17.58 8.86 -12.53
N GLY A 1 -16.37 -21.54 0.74
CA GLY A 1 -15.50 -20.82 -0.16
C GLY A 1 -15.02 -19.50 0.41
N SER A 2 -13.79 -19.13 0.10
CA SER A 2 -13.21 -17.89 0.60
C SER A 2 -13.47 -16.73 -0.37
N SER A 3 -13.49 -15.52 0.16
CA SER A 3 -13.73 -14.33 -0.66
C SER A 3 -13.60 -13.06 0.17
N GLY A 4 -13.46 -11.93 -0.50
CA GLY A 4 -13.33 -10.66 0.19
C GLY A 4 -13.82 -9.49 -0.64
N SER A 5 -12.94 -8.53 -0.87
CA SER A 5 -13.28 -7.34 -1.66
C SER A 5 -14.35 -6.52 -0.95
N SER A 6 -13.93 -5.44 -0.31
CA SER A 6 -14.85 -4.57 0.41
C SER A 6 -14.36 -3.11 0.38
N GLY A 7 -13.07 -2.93 0.67
CA GLY A 7 -12.50 -1.59 0.67
C GLY A 7 -10.99 -1.60 0.62
N ARG A 8 -10.42 -1.38 -0.56
CA ARG A 8 -8.98 -1.38 -0.73
C ARG A 8 -8.47 0.04 -0.99
N GLU A 9 -7.29 0.36 -0.45
CA GLU A 9 -6.70 1.67 -0.64
C GLU A 9 -5.40 1.58 -1.41
N MET A 10 -5.04 2.67 -2.09
CA MET A 10 -3.81 2.71 -2.87
C MET A 10 -3.00 3.97 -2.55
N GLY A 11 -1.69 3.79 -2.42
CA GLY A 11 -0.83 4.93 -2.11
C GLY A 11 0.59 4.72 -2.61
N VAL A 12 1.56 5.17 -1.82
CA VAL A 12 2.97 5.03 -2.18
C VAL A 12 3.81 4.61 -0.98
N ILE A 13 4.79 3.76 -1.23
CA ILE A 13 5.67 3.29 -0.17
C ILE A 13 6.55 4.42 0.37
N ALA A 14 6.76 4.42 1.69
CA ALA A 14 7.58 5.44 2.33
C ALA A 14 8.91 4.86 2.80
N ALA A 15 8.88 3.61 3.24
CA ALA A 15 10.08 2.94 3.72
C ALA A 15 10.01 1.43 3.44
N MET A 16 11.18 0.80 3.35
CA MET A 16 11.25 -0.63 3.09
C MET A 16 12.27 -1.29 4.01
N ARG A 17 12.26 -0.90 5.28
CA ARG A 17 13.19 -1.46 6.26
C ARG A 17 13.32 -2.98 6.09
N ASP A 18 14.50 -3.49 6.39
CA ASP A 18 14.76 -4.93 6.27
C ASP A 18 13.84 -5.72 7.18
N GLY A 19 12.69 -6.12 6.65
CA GLY A 19 11.74 -6.89 7.43
C GLY A 19 10.34 -6.32 7.36
N PHE A 20 10.24 -5.00 7.14
CA PHE A 20 8.95 -4.33 7.05
C PHE A 20 9.08 -3.02 6.30
N GLY A 21 7.94 -2.35 6.10
CA GLY A 21 7.95 -1.08 5.39
C GLY A 21 6.81 -0.17 5.80
N PHE A 22 6.44 0.75 4.93
CA PHE A 22 5.36 1.68 5.21
C PHE A 22 4.72 2.19 3.91
N ILE A 23 3.43 2.51 3.98
CA ILE A 23 2.71 3.00 2.81
C ILE A 23 1.91 4.25 3.15
N LYS A 24 2.33 5.39 2.58
CA LYS A 24 1.66 6.65 2.82
C LYS A 24 0.42 6.79 1.93
N CYS A 25 -0.74 6.95 2.56
CA CYS A 25 -2.00 7.08 1.83
C CYS A 25 -2.15 8.50 1.29
N VAL A 26 -2.87 8.62 0.18
CA VAL A 26 -3.09 9.92 -0.45
C VAL A 26 -4.06 10.76 0.37
N ASP A 27 -4.98 10.09 1.05
CA ASP A 27 -5.98 10.77 1.87
C ASP A 27 -5.68 10.58 3.36
N ARG A 28 -5.34 9.35 3.73
CA ARG A 28 -5.03 9.04 5.12
C ARG A 28 -3.62 9.49 5.49
N ASP A 29 -3.50 10.24 6.57
CA ASP A 29 -2.19 10.73 7.01
C ASP A 29 -1.53 9.72 7.94
N VAL A 30 -1.76 8.43 7.68
CA VAL A 30 -1.18 7.37 8.48
C VAL A 30 -0.62 6.26 7.60
N ARG A 31 0.54 5.74 7.99
CA ARG A 31 1.19 4.67 7.23
C ARG A 31 0.60 3.32 7.59
N MET A 32 0.74 2.36 6.69
CA MET A 32 0.22 1.02 6.91
C MET A 32 1.35 0.00 6.99
N PHE A 33 1.85 -0.23 8.20
CA PHE A 33 2.93 -1.18 8.42
C PHE A 33 2.60 -2.53 7.80
N PHE A 34 3.16 -2.80 6.63
CA PHE A 34 2.92 -4.06 5.93
C PHE A 34 4.09 -5.03 6.15
N HIS A 35 3.84 -6.31 5.86
CA HIS A 35 4.87 -7.33 6.02
C HIS A 35 5.32 -7.86 4.67
N PHE A 36 6.55 -8.39 4.62
CA PHE A 36 7.12 -8.92 3.39
C PHE A 36 6.61 -10.34 3.15
N SER A 37 5.33 -10.56 3.40
CA SER A 37 4.72 -11.88 3.21
C SER A 37 3.50 -11.79 2.30
N GLU A 38 2.88 -10.62 2.27
CA GLU A 38 1.70 -10.40 1.45
C GLU A 38 2.10 -9.99 0.03
N ILE A 39 3.37 -9.68 -0.15
CA ILE A 39 3.88 -9.28 -1.46
C ILE A 39 3.95 -10.47 -2.42
N LEU A 40 3.54 -11.63 -1.92
CA LEU A 40 3.56 -12.85 -2.73
C LEU A 40 2.82 -12.64 -4.06
N ASP A 41 1.91 -11.67 -4.07
CA ASP A 41 1.14 -11.36 -5.26
C ASP A 41 2.02 -11.42 -6.50
N GLY A 42 3.27 -10.99 -6.36
CA GLY A 42 4.19 -10.99 -7.48
C GLY A 42 4.51 -9.59 -7.96
N ASN A 43 5.51 -8.97 -7.36
CA ASN A 43 5.91 -7.62 -7.72
C ASN A 43 6.91 -7.05 -6.72
N GLN A 44 8.12 -6.77 -7.19
CA GLN A 44 9.16 -6.21 -6.34
C GLN A 44 8.90 -4.74 -6.03
N LEU A 45 8.31 -4.48 -4.86
CA LEU A 45 8.01 -3.11 -4.47
C LEU A 45 9.26 -2.25 -4.48
N HIS A 46 9.07 -0.93 -4.46
CA HIS A 46 10.18 0.00 -4.47
C HIS A 46 9.75 1.38 -3.95
N ILE A 47 10.71 2.14 -3.45
CA ILE A 47 10.42 3.47 -2.92
C ILE A 47 9.50 4.24 -3.87
N ALA A 48 8.35 4.67 -3.36
CA ALA A 48 7.38 5.42 -4.15
C ALA A 48 6.75 4.53 -5.22
N ASP A 49 6.25 3.38 -4.80
CA ASP A 49 5.62 2.44 -5.73
C ASP A 49 4.11 2.38 -5.49
N GLU A 50 3.33 2.35 -6.56
CA GLU A 50 1.89 2.29 -6.46
C GLU A 50 1.42 0.86 -6.18
N VAL A 51 0.69 0.69 -5.08
CA VAL A 51 0.19 -0.62 -4.69
C VAL A 51 -1.26 -0.53 -4.20
N GLU A 52 -1.94 -1.67 -4.18
CA GLU A 52 -3.32 -1.72 -3.72
C GLU A 52 -3.54 -2.87 -2.74
N PHE A 53 -4.02 -2.53 -1.55
CA PHE A 53 -4.27 -3.53 -0.52
C PHE A 53 -5.65 -3.35 0.10
N THR A 54 -6.19 -4.42 0.68
CA THR A 54 -7.51 -4.37 1.31
C THR A 54 -7.40 -3.94 2.77
N VAL A 55 -8.24 -2.98 3.16
CA VAL A 55 -8.25 -2.48 4.52
C VAL A 55 -9.49 -2.96 5.27
N VAL A 56 -9.28 -3.75 6.32
CA VAL A 56 -10.37 -4.27 7.13
C VAL A 56 -9.94 -4.51 8.56
N PRO A 57 -10.86 -4.26 9.51
CA PRO A 57 -10.59 -4.45 10.94
C PRO A 57 -10.45 -5.92 11.32
N ASP A 58 -9.70 -6.19 12.39
CA ASP A 58 -9.48 -7.55 12.86
C ASP A 58 -10.04 -7.73 14.26
N MET A 59 -10.22 -8.98 14.66
CA MET A 59 -10.74 -9.30 15.99
C MET A 59 -9.67 -9.08 17.06
N LEU A 60 -8.43 -8.95 16.62
CA LEU A 60 -7.31 -8.74 17.54
C LEU A 60 -7.49 -7.45 18.34
N SER A 61 -7.88 -6.39 17.64
CA SER A 61 -8.09 -5.09 18.29
C SER A 61 -9.28 -4.36 17.67
N ALA A 62 -9.66 -3.26 18.29
CA ALA A 62 -10.79 -2.46 17.80
C ALA A 62 -10.37 -1.54 16.67
N GLN A 63 -9.20 -0.91 16.83
CA GLN A 63 -8.68 0.01 15.82
C GLN A 63 -7.30 -0.44 15.35
N ARG A 64 -7.28 -1.36 14.38
CA ARG A 64 -6.03 -1.86 13.83
C ARG A 64 -6.29 -2.74 12.61
N ASN A 65 -5.94 -2.23 11.43
CA ASN A 65 -6.14 -2.96 10.19
C ASN A 65 -4.82 -3.56 9.71
N HIS A 66 -4.87 -4.22 8.56
CA HIS A 66 -3.68 -4.85 7.99
C HIS A 66 -3.82 -4.99 6.47
N ALA A 67 -2.69 -4.88 5.77
CA ALA A 67 -2.69 -5.00 4.31
C ALA A 67 -2.43 -6.43 3.87
N ILE A 68 -3.37 -7.00 3.13
CA ILE A 68 -3.25 -8.37 2.66
C ILE A 68 -3.08 -8.41 1.14
N ARG A 69 -2.49 -9.50 0.64
CA ARG A 69 -2.27 -9.66 -0.79
C ARG A 69 -1.87 -8.33 -1.43
N ILE A 70 -0.60 -7.97 -1.26
CA ILE A 70 -0.09 -6.72 -1.83
C ILE A 70 0.18 -6.86 -3.32
N LYS A 71 -0.43 -5.99 -4.11
CA LYS A 71 -0.24 -6.01 -5.56
C LYS A 71 0.26 -4.66 -6.07
N LYS A 72 1.00 -4.69 -7.17
CA LYS A 72 1.54 -3.47 -7.76
C LYS A 72 0.60 -2.93 -8.83
N LEU A 73 0.24 -1.66 -8.72
CA LEU A 73 -0.65 -1.02 -9.68
C LEU A 73 0.14 -0.50 -10.89
N PRO A 74 -0.48 -0.59 -12.08
CA PRO A 74 0.14 -0.13 -13.33
C PRO A 74 0.26 1.38 -13.39
N LYS A 75 1.20 1.86 -14.20
CA LYS A 75 1.42 3.29 -14.36
C LYS A 75 0.15 3.99 -14.83
N GLY A 76 -0.13 5.17 -14.27
CA GLY A 76 -1.31 5.91 -14.66
C GLY A 76 -2.53 5.52 -13.84
N THR A 77 -2.45 5.68 -12.53
CA THR A 77 -3.56 5.35 -11.65
C THR A 77 -3.57 6.24 -10.41
N VAL A 78 -2.47 6.24 -9.67
CA VAL A 78 -2.36 7.04 -8.46
C VAL A 78 -1.53 8.29 -8.72
N SER A 79 -1.79 9.35 -7.95
CA SER A 79 -1.06 10.60 -8.09
C SER A 79 -1.46 11.58 -6.99
N PHE A 80 -0.81 12.74 -6.98
CA PHE A 80 -1.09 13.77 -5.99
C PHE A 80 -1.54 15.06 -6.65
N HIS A 81 -1.96 16.03 -5.84
CA HIS A 81 -2.42 17.32 -6.35
C HIS A 81 -1.32 18.00 -7.16
N SER A 82 -0.17 18.22 -6.53
CA SER A 82 0.95 18.87 -7.20
C SER A 82 2.27 18.46 -6.55
N HIS A 83 3.14 17.85 -7.35
CA HIS A 83 4.44 17.40 -6.86
C HIS A 83 5.40 18.58 -6.71
N SER A 84 5.96 18.74 -5.52
CA SER A 84 6.89 19.83 -5.25
C SER A 84 8.14 19.71 -6.12
N GLY A 85 8.82 20.83 -6.33
CA GLY A 85 10.02 20.83 -7.15
C GLY A 85 10.98 19.72 -6.76
N PRO A 86 11.69 19.17 -7.77
CA PRO A 86 12.65 18.09 -7.56
C PRO A 86 13.89 18.56 -6.80
N SER A 87 14.31 17.77 -5.82
CA SER A 87 15.48 18.10 -5.01
C SER A 87 16.27 16.85 -4.66
N SER A 88 17.59 16.93 -4.79
CA SER A 88 18.46 15.80 -4.47
C SER A 88 19.51 16.19 -3.45
N GLY A 89 19.51 15.49 -2.31
CA GLY A 89 20.48 15.78 -1.26
C GLY A 89 21.40 14.61 -0.99
N GLY A 1 -20.03 -13.18 -4.70
CA GLY A 1 -18.70 -12.89 -4.18
C GLY A 1 -18.36 -11.42 -4.28
N SER A 2 -17.07 -11.12 -4.24
CA SER A 2 -16.61 -9.74 -4.32
C SER A 2 -15.60 -9.57 -5.46
N SER A 3 -15.96 -8.75 -6.44
CA SER A 3 -15.10 -8.50 -7.59
C SER A 3 -15.42 -7.15 -8.23
N GLY A 4 -14.49 -6.20 -8.08
CA GLY A 4 -14.70 -4.89 -8.65
C GLY A 4 -13.95 -3.80 -7.89
N SER A 5 -14.13 -3.78 -6.58
CA SER A 5 -13.47 -2.79 -5.74
C SER A 5 -13.54 -3.17 -4.26
N SER A 6 -14.76 -3.38 -3.78
CA SER A 6 -14.98 -3.76 -2.39
C SER A 6 -14.62 -2.61 -1.45
N GLY A 7 -13.31 -2.38 -1.29
CA GLY A 7 -12.86 -1.31 -0.41
C GLY A 7 -11.35 -1.25 -0.30
N ARG A 8 -10.68 -1.32 -1.45
CA ARG A 8 -9.22 -1.28 -1.48
C ARG A 8 -8.71 0.15 -1.52
N GLU A 9 -7.45 0.34 -1.15
CA GLU A 9 -6.85 1.67 -1.14
C GLU A 9 -5.46 1.64 -1.77
N MET A 10 -5.02 2.78 -2.30
CA MET A 10 -3.72 2.89 -2.94
C MET A 10 -2.78 3.75 -2.10
N GLY A 11 -1.48 3.48 -2.23
CA GLY A 11 -0.50 4.25 -1.46
C GLY A 11 0.92 4.02 -1.97
N VAL A 12 1.80 4.97 -1.70
CA VAL A 12 3.18 4.88 -2.13
C VAL A 12 4.08 4.45 -0.97
N ILE A 13 5.00 3.52 -1.26
CA ILE A 13 5.92 3.02 -0.25
C ILE A 13 6.87 4.13 0.23
N ALA A 14 6.83 4.42 1.52
CA ALA A 14 7.69 5.45 2.09
C ALA A 14 8.97 4.84 2.67
N ALA A 15 8.98 3.51 2.79
CA ALA A 15 10.14 2.81 3.33
C ALA A 15 10.06 1.31 3.03
N MET A 16 11.21 0.64 3.10
CA MET A 16 11.26 -0.79 2.84
C MET A 16 12.25 -1.47 3.78
N ARG A 17 12.26 -1.05 5.04
CA ARG A 17 13.15 -1.62 6.04
C ARG A 17 13.25 -3.13 5.87
N ASP A 18 14.34 -3.70 6.38
CA ASP A 18 14.57 -5.14 6.29
C ASP A 18 13.56 -5.90 7.14
N GLY A 19 12.39 -6.17 6.57
CA GLY A 19 11.36 -6.89 7.29
C GLY A 19 9.99 -6.25 7.12
N PHE A 20 9.95 -4.93 7.11
CA PHE A 20 8.69 -4.21 6.96
C PHE A 20 8.92 -2.83 6.35
N GLY A 21 7.83 -2.15 5.99
CA GLY A 21 7.94 -0.83 5.39
C GLY A 21 6.78 0.07 5.75
N PHE A 22 6.56 1.10 4.96
CA PHE A 22 5.47 2.04 5.21
C PHE A 22 4.75 2.41 3.91
N ILE A 23 3.52 2.86 4.03
CA ILE A 23 2.73 3.23 2.86
C ILE A 23 1.89 4.49 3.14
N LYS A 24 2.23 5.58 2.47
CA LYS A 24 1.52 6.84 2.64
C LYS A 24 0.20 6.83 1.86
N CYS A 25 -0.84 6.27 2.48
CA CYS A 25 -2.15 6.20 1.84
C CYS A 25 -2.60 7.59 1.38
N VAL A 26 -3.32 7.62 0.26
CA VAL A 26 -3.81 8.88 -0.30
C VAL A 26 -4.98 9.42 0.52
N ASP A 27 -5.78 8.52 1.06
CA ASP A 27 -6.93 8.90 1.87
C ASP A 27 -6.52 9.13 3.32
N ARG A 28 -5.66 8.27 3.83
CA ARG A 28 -5.19 8.37 5.21
C ARG A 28 -3.75 8.90 5.26
N ASP A 29 -3.48 9.75 6.24
CA ASP A 29 -2.15 10.32 6.40
C ASP A 29 -1.33 9.53 7.41
N VAL A 30 -1.64 8.24 7.52
CA VAL A 30 -0.92 7.36 8.46
C VAL A 30 -0.29 6.18 7.73
N ARG A 31 0.95 5.87 8.09
CA ARG A 31 1.67 4.76 7.46
C ARG A 31 0.92 3.44 7.68
N MET A 32 0.88 2.61 6.64
CA MET A 32 0.21 1.33 6.71
C MET A 32 1.21 0.19 6.92
N PHE A 33 1.56 -0.06 8.17
CA PHE A 33 2.50 -1.11 8.51
C PHE A 33 2.20 -2.40 7.74
N PHE A 34 3.09 -2.78 6.84
CA PHE A 34 2.91 -3.97 6.03
C PHE A 34 4.15 -4.86 6.10
N HIS A 35 3.96 -6.15 5.87
CA HIS A 35 5.05 -7.11 5.89
C HIS A 35 5.40 -7.58 4.48
N PHE A 36 6.65 -8.03 4.30
CA PHE A 36 7.10 -8.50 3.00
C PHE A 36 6.66 -9.94 2.77
N SER A 37 5.41 -10.24 3.13
CA SER A 37 4.87 -11.58 2.96
C SER A 37 3.59 -11.55 2.11
N GLU A 38 2.94 -10.39 2.09
CA GLU A 38 1.71 -10.24 1.32
C GLU A 38 2.01 -9.83 -0.12
N ILE A 39 3.25 -9.41 -0.36
CA ILE A 39 3.66 -8.98 -1.70
C ILE A 39 3.77 -10.18 -2.63
N LEU A 40 3.46 -11.36 -2.12
CA LEU A 40 3.51 -12.58 -2.92
C LEU A 40 2.70 -12.44 -4.20
N ASP A 41 1.74 -11.50 -4.17
CA ASP A 41 0.89 -11.25 -5.34
C ASP A 41 1.72 -11.29 -6.62
N GLY A 42 3.00 -10.98 -6.51
CA GLY A 42 3.87 -10.96 -7.67
C GLY A 42 4.24 -9.56 -8.10
N ASN A 43 5.36 -9.06 -7.59
CA ASN A 43 5.82 -7.72 -7.93
C ASN A 43 6.97 -7.30 -7.03
N GLN A 44 7.97 -6.64 -7.62
CA GLN A 44 9.14 -6.19 -6.87
C GLN A 44 8.97 -4.73 -6.43
N LEU A 45 8.44 -4.55 -5.23
CA LEU A 45 8.22 -3.20 -4.69
C LEU A 45 9.47 -2.34 -4.87
N HIS A 46 9.36 -1.07 -4.47
CA HIS A 46 10.49 -0.15 -4.58
C HIS A 46 10.12 1.23 -4.02
N ILE A 47 11.10 1.93 -3.50
CA ILE A 47 10.88 3.26 -2.94
C ILE A 47 9.93 4.07 -3.81
N ALA A 48 8.77 4.41 -3.25
CA ALA A 48 7.78 5.19 -3.98
C ALA A 48 7.08 4.35 -5.04
N ASP A 49 6.42 3.28 -4.59
CA ASP A 49 5.71 2.38 -5.51
C ASP A 49 4.24 2.28 -5.12
N GLU A 50 3.37 2.35 -6.12
CA GLU A 50 1.93 2.27 -5.89
C GLU A 50 1.51 0.82 -5.66
N VAL A 51 0.77 0.59 -4.59
CA VAL A 51 0.29 -0.75 -4.26
C VAL A 51 -1.18 -0.73 -3.85
N GLU A 52 -1.89 -1.80 -4.19
CA GLU A 52 -3.30 -1.91 -3.87
C GLU A 52 -3.55 -3.00 -2.83
N PHE A 53 -4.13 -2.62 -1.70
CA PHE A 53 -4.42 -3.57 -0.62
C PHE A 53 -5.85 -3.41 -0.13
N THR A 54 -6.35 -4.44 0.55
CA THR A 54 -7.71 -4.43 1.07
C THR A 54 -7.75 -3.83 2.47
N VAL A 55 -6.98 -4.41 3.38
CA VAL A 55 -6.93 -3.93 4.75
C VAL A 55 -8.29 -4.08 5.44
N VAL A 56 -8.30 -4.77 6.58
CA VAL A 56 -9.52 -4.99 7.33
C VAL A 56 -9.27 -4.87 8.84
N PRO A 57 -10.31 -4.49 9.59
CA PRO A 57 -10.23 -4.33 11.04
C PRO A 57 -10.09 -5.67 11.76
N ASP A 58 -10.01 -6.75 10.99
CA ASP A 58 -9.86 -8.08 11.55
C ASP A 58 -11.12 -8.48 12.32
N MET A 59 -11.29 -9.79 12.53
CA MET A 59 -12.44 -10.30 13.25
C MET A 59 -12.35 -9.95 14.73
N LEU A 60 -11.19 -9.48 15.15
CA LEU A 60 -10.97 -9.11 16.55
C LEU A 60 -11.35 -7.66 16.79
N SER A 61 -11.41 -6.87 15.73
CA SER A 61 -11.76 -5.46 15.82
C SER A 61 -11.23 -4.87 17.11
N ALA A 62 -10.00 -5.21 17.46
CA ALA A 62 -9.36 -4.70 18.68
C ALA A 62 -8.39 -3.59 18.36
N GLN A 63 -8.78 -2.67 17.48
CA GLN A 63 -7.94 -1.56 17.09
C GLN A 63 -6.67 -2.05 16.40
N ARG A 64 -6.79 -2.47 15.15
CA ARG A 64 -5.65 -2.96 14.38
C ARG A 64 -6.07 -3.31 12.96
N ASN A 65 -5.12 -3.22 12.03
CA ASN A 65 -5.38 -3.52 10.63
C ASN A 65 -4.08 -3.76 9.87
N HIS A 66 -4.13 -4.61 8.85
CA HIS A 66 -2.96 -4.92 8.04
C HIS A 66 -3.34 -5.11 6.59
N ALA A 67 -2.39 -4.87 5.69
CA ALA A 67 -2.63 -5.02 4.26
C ALA A 67 -2.39 -6.46 3.81
N ILE A 68 -3.38 -7.04 3.14
CA ILE A 68 -3.28 -8.40 2.66
C ILE A 68 -3.10 -8.44 1.14
N ARG A 69 -2.52 -9.53 0.65
CA ARG A 69 -2.29 -9.68 -0.78
C ARG A 69 -1.97 -8.34 -1.44
N ILE A 70 -0.73 -7.90 -1.28
CA ILE A 70 -0.30 -6.63 -1.86
C ILE A 70 0.00 -6.77 -3.34
N LYS A 71 -0.75 -6.03 -4.16
CA LYS A 71 -0.56 -6.06 -5.61
C LYS A 71 -0.07 -4.71 -6.13
N LYS A 72 1.22 -4.62 -6.40
CA LYS A 72 1.81 -3.38 -6.91
C LYS A 72 1.07 -2.90 -8.16
N LEU A 73 0.53 -1.70 -8.10
CA LEU A 73 -0.19 -1.13 -9.24
C LEU A 73 0.77 -0.58 -10.28
N PRO A 74 0.38 -0.67 -11.56
CA PRO A 74 1.19 -0.17 -12.67
C PRO A 74 1.29 1.35 -12.70
N LYS A 75 2.27 1.86 -13.44
CA LYS A 75 2.47 3.30 -13.54
C LYS A 75 1.32 3.96 -14.31
N GLY A 76 0.43 4.63 -13.60
CA GLY A 76 -0.69 5.29 -14.23
C GLY A 76 -2.02 4.79 -13.70
N THR A 77 -2.21 4.88 -12.40
CA THR A 77 -3.46 4.44 -11.77
C THR A 77 -3.90 5.40 -10.67
N VAL A 78 -3.08 5.49 -9.62
CA VAL A 78 -3.38 6.37 -8.50
C VAL A 78 -2.71 7.74 -8.67
N SER A 79 -3.28 8.76 -8.05
CA SER A 79 -2.74 10.10 -8.13
C SER A 79 -3.22 10.96 -6.96
N PHE A 80 -2.33 11.81 -6.46
CA PHE A 80 -2.66 12.69 -5.34
C PHE A 80 -1.49 13.63 -5.03
N HIS A 81 -1.83 14.86 -4.65
CA HIS A 81 -0.82 15.86 -4.33
C HIS A 81 0.29 15.24 -3.46
N SER A 82 1.51 15.74 -3.63
CA SER A 82 2.64 15.25 -2.87
C SER A 82 3.72 16.31 -2.74
N HIS A 83 3.86 16.87 -1.54
CA HIS A 83 4.86 17.90 -1.28
C HIS A 83 6.02 17.34 -0.46
N SER A 84 7.24 17.57 -0.95
CA SER A 84 8.43 17.09 -0.26
C SER A 84 9.43 18.22 -0.05
N GLY A 85 10.61 17.88 0.46
CA GLY A 85 11.62 18.89 0.72
C GLY A 85 13.02 18.40 0.32
N PRO A 86 13.76 17.88 1.31
CA PRO A 86 15.12 17.37 1.09
C PRO A 86 15.13 16.09 0.25
N SER A 87 16.24 15.86 -0.43
CA SER A 87 16.38 14.67 -1.28
C SER A 87 17.38 13.68 -0.66
N SER A 88 17.45 12.49 -1.23
CA SER A 88 18.34 11.45 -0.75
C SER A 88 19.09 10.79 -1.90
N GLY A 89 20.41 10.85 -1.85
CA GLY A 89 21.22 10.25 -2.89
C GLY A 89 22.47 9.57 -2.35
N GLY A 1 -13.81 -12.78 0.31
CA GLY A 1 -13.58 -12.66 -1.13
C GLY A 1 -14.76 -12.04 -1.84
N SER A 2 -14.57 -10.83 -2.36
CA SER A 2 -15.63 -10.12 -3.07
C SER A 2 -15.08 -9.45 -4.32
N SER A 3 -15.89 -9.46 -5.39
CA SER A 3 -15.48 -8.85 -6.65
C SER A 3 -15.99 -7.42 -6.75
N GLY A 4 -15.07 -6.46 -6.76
CA GLY A 4 -15.44 -5.06 -6.84
C GLY A 4 -15.56 -4.40 -5.49
N SER A 5 -16.74 -3.88 -5.19
CA SER A 5 -16.99 -3.22 -3.92
C SER A 5 -16.43 -4.04 -2.76
N SER A 6 -15.25 -3.65 -2.29
CA SER A 6 -14.61 -4.35 -1.19
C SER A 6 -14.07 -3.37 -0.14
N GLY A 7 -13.30 -2.39 -0.61
CA GLY A 7 -12.75 -1.40 0.28
C GLY A 7 -11.24 -1.35 0.23
N ARG A 8 -10.68 -1.33 -0.99
CA ARG A 8 -9.24 -1.29 -1.18
C ARG A 8 -8.75 0.15 -1.29
N GLU A 9 -7.48 0.37 -0.95
CA GLU A 9 -6.89 1.70 -1.01
C GLU A 9 -5.52 1.65 -1.68
N MET A 10 -5.14 2.75 -2.32
CA MET A 10 -3.85 2.83 -3.01
C MET A 10 -2.92 3.79 -2.28
N GLY A 11 -1.62 3.62 -2.49
CA GLY A 11 -0.64 4.47 -1.84
C GLY A 11 0.78 4.16 -2.27
N VAL A 12 1.72 5.04 -1.91
CA VAL A 12 3.11 4.86 -2.26
C VAL A 12 3.92 4.35 -1.07
N ILE A 13 4.94 3.55 -1.35
CA ILE A 13 5.79 3.01 -0.30
C ILE A 13 6.70 4.08 0.29
N ALA A 14 6.45 4.43 1.54
CA ALA A 14 7.25 5.44 2.23
C ALA A 14 8.54 4.85 2.80
N ALA A 15 8.61 3.52 2.79
CA ALA A 15 9.78 2.82 3.31
C ALA A 15 9.63 1.31 3.17
N MET A 16 10.74 0.62 2.94
CA MET A 16 10.73 -0.83 2.79
C MET A 16 12.04 -1.44 3.26
N ARG A 17 12.33 -1.28 4.55
CA ARG A 17 13.56 -1.82 5.12
C ARG A 17 13.67 -3.32 4.89
N ASP A 18 14.66 -3.95 5.52
CA ASP A 18 14.86 -5.38 5.38
C ASP A 18 13.89 -6.15 6.27
N GLY A 19 12.65 -6.30 5.81
CA GLY A 19 11.65 -7.02 6.57
C GLY A 19 10.30 -6.34 6.52
N PHE A 20 10.25 -5.09 6.97
CA PHE A 20 9.00 -4.33 6.98
C PHE A 20 9.16 -3.01 6.23
N GLY A 21 8.17 -2.14 6.36
CA GLY A 21 8.22 -0.85 5.69
C GLY A 21 7.06 0.05 6.08
N PHE A 22 6.59 0.85 5.12
CA PHE A 22 5.48 1.76 5.38
C PHE A 22 4.86 2.23 4.06
N ILE A 23 3.54 2.44 4.09
CA ILE A 23 2.82 2.88 2.90
C ILE A 23 2.01 4.13 3.19
N LYS A 24 2.41 5.24 2.56
CA LYS A 24 1.71 6.51 2.75
C LYS A 24 0.48 6.60 1.85
N CYS A 25 -0.69 6.62 2.47
CA CYS A 25 -1.95 6.70 1.72
C CYS A 25 -2.18 8.12 1.19
N VAL A 26 -2.76 8.21 0.01
CA VAL A 26 -3.04 9.51 -0.60
C VAL A 26 -4.16 10.23 0.13
N ASP A 27 -5.22 9.50 0.46
CA ASP A 27 -6.36 10.08 1.17
C ASP A 27 -6.03 10.29 2.65
N ARG A 28 -5.34 9.31 3.24
CA ARG A 28 -4.97 9.39 4.64
C ARG A 28 -3.56 9.97 4.80
N ASP A 29 -3.41 10.87 5.77
CA ASP A 29 -2.11 11.50 6.03
C ASP A 29 -1.30 10.68 7.01
N VAL A 30 -1.36 9.36 6.87
CA VAL A 30 -0.63 8.45 7.75
C VAL A 30 0.00 7.31 6.96
N ARG A 31 0.90 6.59 7.61
CA ARG A 31 1.58 5.47 6.96
C ARG A 31 1.03 4.13 7.47
N MET A 32 1.04 3.12 6.61
CA MET A 32 0.55 1.80 6.97
C MET A 32 1.68 0.78 6.98
N PHE A 33 1.90 0.16 8.14
CA PHE A 33 2.95 -0.84 8.29
C PHE A 33 2.52 -2.18 7.68
N PHE A 34 3.28 -2.66 6.71
CA PHE A 34 2.99 -3.92 6.06
C PHE A 34 4.13 -4.91 6.22
N HIS A 35 3.85 -6.19 6.00
CA HIS A 35 4.86 -7.24 6.13
C HIS A 35 5.32 -7.71 4.75
N PHE A 36 6.53 -8.25 4.69
CA PHE A 36 7.09 -8.74 3.43
C PHE A 36 6.59 -10.15 3.14
N SER A 37 5.32 -10.40 3.44
CA SER A 37 4.73 -11.70 3.21
C SER A 37 3.50 -11.60 2.29
N GLU A 38 2.90 -10.42 2.27
CA GLU A 38 1.72 -10.18 1.44
C GLU A 38 2.12 -9.81 0.02
N ILE A 39 3.41 -9.55 -0.18
CA ILE A 39 3.92 -9.18 -1.49
C ILE A 39 3.90 -10.38 -2.44
N LEU A 40 3.44 -11.52 -1.94
CA LEU A 40 3.37 -12.73 -2.75
C LEU A 40 2.62 -12.48 -4.05
N ASP A 41 1.84 -11.40 -4.08
CA ASP A 41 1.07 -11.04 -5.27
C ASP A 41 1.97 -11.02 -6.51
N GLY A 42 3.28 -10.96 -6.28
CA GLY A 42 4.22 -10.93 -7.39
C GLY A 42 4.53 -9.52 -7.85
N ASN A 43 5.53 -8.91 -7.22
CA ASN A 43 5.92 -7.54 -7.57
C ASN A 43 6.98 -7.02 -6.60
N GLN A 44 8.19 -6.81 -7.09
CA GLN A 44 9.28 -6.30 -6.27
C GLN A 44 9.09 -4.83 -5.96
N LEU A 45 8.34 -4.53 -4.91
CA LEU A 45 8.09 -3.14 -4.51
C LEU A 45 9.37 -2.33 -4.52
N HIS A 46 9.23 -1.02 -4.69
CA HIS A 46 10.38 -0.13 -4.71
C HIS A 46 10.01 1.25 -4.19
N ILE A 47 10.98 1.94 -3.58
CA ILE A 47 10.75 3.27 -3.05
C ILE A 47 9.89 4.11 -3.99
N ALA A 48 8.69 4.44 -3.55
CA ALA A 48 7.77 5.25 -4.35
C ALA A 48 7.07 4.39 -5.39
N ASP A 49 6.28 3.42 -4.94
CA ASP A 49 5.56 2.53 -5.83
C ASP A 49 4.11 2.37 -5.38
N GLU A 50 3.19 2.42 -6.33
CA GLU A 50 1.77 2.28 -6.04
C GLU A 50 1.40 0.83 -5.74
N VAL A 51 0.56 0.63 -4.73
CA VAL A 51 0.14 -0.72 -4.36
C VAL A 51 -1.33 -0.74 -3.94
N GLU A 52 -2.00 -1.85 -4.21
CA GLU A 52 -3.41 -2.00 -3.86
C GLU A 52 -3.60 -3.00 -2.72
N PHE A 53 -4.07 -2.52 -1.59
CA PHE A 53 -4.30 -3.39 -0.43
C PHE A 53 -5.62 -3.05 0.26
N THR A 54 -6.16 -4.02 1.00
CA THR A 54 -7.42 -3.82 1.70
C THR A 54 -7.17 -3.43 3.16
N VAL A 55 -7.70 -2.28 3.56
CA VAL A 55 -7.54 -1.79 4.91
C VAL A 55 -8.87 -1.80 5.66
N VAL A 56 -8.98 -2.64 6.68
CA VAL A 56 -10.19 -2.74 7.47
C VAL A 56 -9.87 -2.81 8.97
N PRO A 57 -10.74 -2.20 9.78
CA PRO A 57 -10.58 -2.18 11.24
C PRO A 57 -10.80 -3.56 11.86
N ASP A 58 -10.05 -3.84 12.92
CA ASP A 58 -10.18 -5.12 13.61
C ASP A 58 -10.83 -4.94 14.99
N MET A 59 -11.37 -6.02 15.53
CA MET A 59 -12.03 -5.98 16.83
C MET A 59 -11.88 -7.31 17.56
N LEU A 60 -10.64 -7.80 17.62
CA LEU A 60 -10.36 -9.06 18.29
C LEU A 60 -9.13 -8.95 19.19
N SER A 61 -8.72 -7.71 19.46
CA SER A 61 -7.57 -7.46 20.31
C SER A 61 -6.30 -8.03 19.68
N ALA A 62 -5.15 -7.51 20.10
CA ALA A 62 -3.87 -7.97 19.58
C ALA A 62 -3.88 -8.01 18.05
N GLN A 63 -4.69 -7.14 17.45
CA GLN A 63 -4.79 -7.09 16.00
C GLN A 63 -5.09 -5.66 15.54
N ARG A 64 -4.94 -5.42 14.24
CA ARG A 64 -5.20 -4.10 13.67
C ARG A 64 -5.13 -4.15 12.14
N ASN A 65 -5.90 -3.28 11.50
CA ASN A 65 -5.94 -3.22 10.04
C ASN A 65 -4.54 -3.50 9.46
N HIS A 66 -4.52 -4.12 8.28
CA HIS A 66 -3.26 -4.43 7.62
C HIS A 66 -3.47 -4.57 6.11
N ALA A 67 -2.36 -4.65 5.38
CA ALA A 67 -2.41 -4.79 3.93
C ALA A 67 -2.28 -6.24 3.51
N ILE A 68 -3.22 -6.70 2.68
CA ILE A 68 -3.20 -8.08 2.19
C ILE A 68 -3.02 -8.14 0.68
N ARG A 69 -2.44 -9.22 0.20
CA ARG A 69 -2.20 -9.39 -1.23
C ARG A 69 -1.75 -8.09 -1.87
N ILE A 70 -0.52 -7.69 -1.59
CA ILE A 70 0.03 -6.46 -2.14
C ILE A 70 0.29 -6.59 -3.63
N LYS A 71 -0.47 -5.82 -4.42
CA LYS A 71 -0.32 -5.85 -5.88
C LYS A 71 0.12 -4.48 -6.40
N LYS A 72 1.26 -4.46 -7.09
CA LYS A 72 1.79 -3.22 -7.65
C LYS A 72 0.89 -2.72 -8.78
N LEU A 73 0.61 -1.42 -8.77
CA LEU A 73 -0.22 -0.82 -9.80
C LEU A 73 0.62 0.00 -10.78
N PRO A 74 0.22 -0.03 -12.07
CA PRO A 74 0.93 0.70 -13.13
C PRO A 74 0.76 2.21 -13.00
N LYS A 75 1.72 2.95 -13.55
CA LYS A 75 1.68 4.40 -13.50
C LYS A 75 0.43 4.94 -14.20
N GLY A 76 -0.27 5.85 -13.53
CA GLY A 76 -1.47 6.43 -14.10
C GLY A 76 -2.70 6.17 -13.24
N THR A 77 -2.79 4.96 -12.71
CA THR A 77 -3.93 4.58 -11.88
C THR A 77 -4.14 5.60 -10.75
N VAL A 78 -3.22 5.63 -9.80
CA VAL A 78 -3.31 6.54 -8.68
C VAL A 78 -2.28 7.65 -8.79
N SER A 79 -2.36 8.65 -7.91
CA SER A 79 -1.44 9.77 -7.91
C SER A 79 -1.88 10.84 -6.92
N PHE A 80 -1.10 11.92 -6.84
CA PHE A 80 -1.41 13.02 -5.93
C PHE A 80 -1.66 14.31 -6.71
N HIS A 81 -0.65 14.76 -7.44
CA HIS A 81 -0.74 15.99 -8.23
C HIS A 81 0.23 15.97 -9.39
N SER A 82 1.51 15.79 -9.08
CA SER A 82 2.56 15.76 -10.10
C SER A 82 3.69 14.82 -9.69
N HIS A 83 3.52 13.54 -9.98
CA HIS A 83 4.53 12.54 -9.64
C HIS A 83 5.44 12.26 -10.84
N SER A 84 6.73 12.51 -10.65
CA SER A 84 7.71 12.30 -11.72
C SER A 84 8.94 11.57 -11.18
N GLY A 85 9.19 10.37 -11.71
CA GLY A 85 10.33 9.59 -11.27
C GLY A 85 10.42 8.25 -11.98
N PRO A 86 11.00 8.26 -13.20
CA PRO A 86 11.16 7.04 -14.00
C PRO A 86 12.19 6.08 -13.40
N SER A 87 11.78 4.83 -13.21
CA SER A 87 12.66 3.82 -12.65
C SER A 87 13.80 3.49 -13.61
N SER A 88 14.95 3.12 -13.05
CA SER A 88 16.12 2.79 -13.85
C SER A 88 16.71 1.45 -13.42
N GLY A 89 16.17 0.36 -13.98
CA GLY A 89 16.66 -0.96 -13.63
C GLY A 89 15.70 -2.05 -14.06
N GLY A 1 -11.99 -16.89 -11.14
CA GLY A 1 -12.13 -15.95 -10.04
C GLY A 1 -13.54 -15.46 -9.85
N SER A 2 -13.89 -14.38 -10.53
CA SER A 2 -15.23 -13.81 -10.43
C SER A 2 -15.54 -13.39 -9.01
N SER A 3 -15.72 -12.09 -8.80
CA SER A 3 -16.02 -11.54 -7.48
C SER A 3 -16.30 -10.04 -7.55
N GLY A 4 -17.39 -9.63 -6.91
CA GLY A 4 -17.75 -8.22 -6.92
C GLY A 4 -17.55 -7.56 -5.57
N SER A 5 -16.36 -7.75 -4.99
CA SER A 5 -16.05 -7.18 -3.68
C SER A 5 -15.17 -5.94 -3.84
N SER A 6 -15.67 -4.80 -3.34
CA SER A 6 -14.95 -3.55 -3.41
C SER A 6 -14.53 -3.07 -2.03
N GLY A 7 -13.58 -2.14 -1.99
CA GLY A 7 -13.11 -1.61 -0.72
C GLY A 7 -11.59 -1.63 -0.62
N ARG A 8 -10.92 -1.23 -1.69
CA ARG A 8 -9.47 -1.21 -1.71
C ARG A 8 -8.96 0.20 -2.00
N GLU A 9 -7.79 0.53 -1.44
CA GLU A 9 -7.19 1.84 -1.64
C GLU A 9 -5.76 1.72 -2.14
N MET A 10 -5.18 2.84 -2.54
CA MET A 10 -3.82 2.86 -3.05
C MET A 10 -2.93 3.75 -2.19
N GLY A 11 -1.63 3.49 -2.22
CA GLY A 11 -0.69 4.28 -1.43
C GLY A 11 0.73 4.14 -1.93
N VAL A 12 1.61 5.04 -1.47
CA VAL A 12 3.01 5.01 -1.87
C VAL A 12 3.88 4.44 -0.76
N ILE A 13 4.87 3.63 -1.14
CA ILE A 13 5.77 3.02 -0.19
C ILE A 13 6.74 4.04 0.39
N ALA A 14 6.45 4.54 1.58
CA ALA A 14 7.30 5.52 2.24
C ALA A 14 8.66 4.93 2.55
N ALA A 15 8.72 3.62 2.71
CA ALA A 15 9.97 2.94 3.01
C ALA A 15 9.79 1.43 3.01
N MET A 16 10.90 0.70 2.81
CA MET A 16 10.86 -0.76 2.78
C MET A 16 12.23 -1.34 3.10
N ARG A 17 12.54 -1.42 4.39
CA ARG A 17 13.82 -1.95 4.84
C ARG A 17 13.70 -3.44 5.17
N ASP A 18 14.81 -4.15 5.07
CA ASP A 18 14.83 -5.58 5.36
C ASP A 18 14.03 -5.88 6.63
N GLY A 19 12.85 -6.45 6.46
CA GLY A 19 12.01 -6.78 7.60
C GLY A 19 10.59 -6.28 7.44
N PHE A 20 10.44 -4.98 7.20
CA PHE A 20 9.13 -4.37 7.02
C PHE A 20 9.22 -3.12 6.14
N GLY A 21 8.10 -2.40 6.05
CA GLY A 21 8.08 -1.20 5.24
C GLY A 21 7.02 -0.21 5.70
N PHE A 22 6.61 0.68 4.81
CA PHE A 22 5.60 1.67 5.12
C PHE A 22 4.84 2.10 3.87
N ILE A 23 3.58 2.50 4.05
CA ILE A 23 2.75 2.94 2.94
C ILE A 23 1.94 4.18 3.30
N LYS A 24 2.29 5.30 2.66
CA LYS A 24 1.60 6.56 2.91
C LYS A 24 0.36 6.68 2.04
N CYS A 25 -0.72 7.20 2.62
CA CYS A 25 -1.98 7.38 1.90
C CYS A 25 -1.94 8.62 1.03
N VAL A 26 -2.80 8.66 0.01
CA VAL A 26 -2.86 9.78 -0.90
C VAL A 26 -3.31 11.05 -0.18
N ASP A 27 -4.36 10.92 0.62
CA ASP A 27 -4.89 12.06 1.37
C ASP A 27 -4.44 12.01 2.83
N ARG A 28 -4.46 10.82 3.41
CA ARG A 28 -4.06 10.63 4.80
C ARG A 28 -2.55 10.79 4.95
N ASP A 29 -2.11 11.08 6.16
CA ASP A 29 -0.68 11.27 6.43
C ASP A 29 -0.18 10.21 7.42
N VAL A 30 -0.62 8.97 7.23
CA VAL A 30 -0.21 7.87 8.10
C VAL A 30 0.45 6.76 7.30
N ARG A 31 1.41 6.08 7.92
CA ARG A 31 2.14 5.00 7.28
C ARG A 31 1.58 3.65 7.70
N MET A 32 1.24 2.81 6.71
CA MET A 32 0.69 1.49 6.99
C MET A 32 1.79 0.42 6.93
N PHE A 33 2.47 0.22 8.06
CA PHE A 33 3.54 -0.75 8.14
C PHE A 33 3.03 -2.15 7.75
N PHE A 34 3.64 -2.73 6.72
CA PHE A 34 3.25 -4.05 6.26
C PHE A 34 4.41 -5.03 6.37
N HIS A 35 4.11 -6.31 6.20
CA HIS A 35 5.13 -7.36 6.28
C HIS A 35 5.51 -7.86 4.89
N PHE A 36 6.72 -8.39 4.78
CA PHE A 36 7.21 -8.91 3.50
C PHE A 36 6.67 -10.31 3.23
N SER A 37 5.37 -10.49 3.51
CA SER A 37 4.73 -11.79 3.31
C SER A 37 3.50 -11.64 2.40
N GLU A 38 2.93 -10.44 2.37
CA GLU A 38 1.76 -10.18 1.56
C GLU A 38 2.16 -9.85 0.12
N ILE A 39 3.47 -9.68 -0.11
CA ILE A 39 3.98 -9.37 -1.43
C ILE A 39 3.93 -10.59 -2.34
N LEU A 40 3.43 -11.70 -1.80
CA LEU A 40 3.33 -12.94 -2.57
C LEU A 40 2.59 -12.72 -3.87
N ASP A 41 1.82 -11.63 -3.94
CA ASP A 41 1.05 -11.30 -5.13
C ASP A 41 1.94 -11.33 -6.37
N GLY A 42 3.26 -11.27 -6.15
CA GLY A 42 4.20 -11.29 -7.26
C GLY A 42 4.43 -9.90 -7.84
N ASN A 43 5.43 -9.21 -7.31
CA ASN A 43 5.75 -7.87 -7.78
C ASN A 43 6.79 -7.21 -6.89
N GLN A 44 7.97 -6.93 -7.45
CA GLN A 44 9.05 -6.30 -6.69
C GLN A 44 8.67 -4.87 -6.30
N LEU A 45 8.44 -4.66 -5.01
CA LEU A 45 8.07 -3.34 -4.50
C LEU A 45 9.27 -2.40 -4.53
N HIS A 46 9.01 -1.10 -4.41
CA HIS A 46 10.05 -0.10 -4.42
C HIS A 46 9.52 1.26 -3.97
N ILE A 47 10.41 2.10 -3.46
CA ILE A 47 10.02 3.42 -2.99
C ILE A 47 8.92 4.02 -3.88
N ALA A 48 7.79 4.33 -3.28
CA ALA A 48 6.66 4.90 -4.01
C ALA A 48 6.43 4.17 -5.32
N ASP A 49 5.72 3.05 -5.26
CA ASP A 49 5.43 2.26 -6.44
C ASP A 49 3.93 2.11 -6.64
N GLU A 50 3.15 2.75 -5.77
CA GLU A 50 1.69 2.68 -5.84
C GLU A 50 1.22 1.24 -5.86
N VAL A 51 0.64 0.80 -4.74
CA VAL A 51 0.13 -0.55 -4.62
C VAL A 51 -1.33 -0.56 -4.19
N GLU A 52 -2.00 -1.68 -4.43
CA GLU A 52 -3.41 -1.82 -4.06
C GLU A 52 -3.60 -2.94 -3.05
N PHE A 53 -4.26 -2.62 -1.94
CA PHE A 53 -4.51 -3.60 -0.89
C PHE A 53 -5.95 -3.50 -0.38
N THR A 54 -6.41 -4.55 0.29
CA THR A 54 -7.76 -4.58 0.82
C THR A 54 -7.81 -3.94 2.21
N VAL A 55 -6.86 -4.29 3.05
CA VAL A 55 -6.80 -3.75 4.41
C VAL A 55 -8.06 -4.10 5.20
N VAL A 56 -7.87 -4.85 6.28
CA VAL A 56 -8.99 -5.26 7.13
C VAL A 56 -8.62 -5.16 8.61
N PRO A 57 -9.61 -4.80 9.43
CA PRO A 57 -9.42 -4.66 10.88
C PRO A 57 -9.21 -6.01 11.57
N ASP A 58 -9.21 -7.08 10.78
CA ASP A 58 -9.03 -8.42 11.30
C ASP A 58 -10.15 -8.79 12.26
N MET A 59 -10.16 -10.04 12.71
CA MET A 59 -11.18 -10.52 13.63
C MET A 59 -10.59 -10.78 15.01
N LEU A 60 -9.40 -11.37 15.04
CA LEU A 60 -8.73 -11.68 16.29
C LEU A 60 -8.68 -10.46 17.21
N SER A 61 -8.01 -9.41 16.74
CA SER A 61 -7.90 -8.17 17.51
C SER A 61 -8.69 -7.05 16.86
N ALA A 62 -9.52 -6.38 17.64
CA ALA A 62 -10.33 -5.28 17.15
C ALA A 62 -9.47 -4.19 16.52
N GLN A 63 -8.38 -3.83 17.20
CA GLN A 63 -7.48 -2.81 16.70
C GLN A 63 -6.25 -3.44 16.05
N ARG A 64 -6.26 -3.52 14.72
CA ARG A 64 -5.15 -4.11 13.98
C ARG A 64 -5.45 -4.13 12.49
N ASN A 65 -5.08 -3.06 11.79
CA ASN A 65 -5.30 -2.96 10.36
C ASN A 65 -4.02 -3.20 9.59
N HIS A 66 -4.05 -4.14 8.66
CA HIS A 66 -2.88 -4.47 7.84
C HIS A 66 -3.28 -4.73 6.39
N ALA A 67 -2.37 -4.44 5.47
CA ALA A 67 -2.63 -4.63 4.05
C ALA A 67 -2.31 -6.06 3.63
N ILE A 68 -3.26 -6.69 2.95
CA ILE A 68 -3.07 -8.06 2.48
C ILE A 68 -2.99 -8.13 0.97
N ARG A 69 -2.50 -9.25 0.44
CA ARG A 69 -2.37 -9.43 -1.00
C ARG A 69 -1.88 -8.15 -1.66
N ILE A 70 -0.66 -7.74 -1.35
CA ILE A 70 -0.08 -6.54 -1.92
C ILE A 70 0.21 -6.73 -3.41
N LYS A 71 -0.39 -5.88 -4.22
CA LYS A 71 -0.20 -5.94 -5.68
C LYS A 71 0.15 -4.56 -6.24
N LYS A 72 1.22 -4.51 -7.02
CA LYS A 72 1.66 -3.25 -7.62
C LYS A 72 0.73 -2.84 -8.76
N LEU A 73 0.44 -1.55 -8.86
CA LEU A 73 -0.44 -1.03 -9.90
C LEU A 73 0.36 -0.29 -10.96
N PRO A 74 -0.08 -0.40 -12.22
CA PRO A 74 0.58 0.25 -13.35
C PRO A 74 0.41 1.76 -13.34
N LYS A 75 1.16 2.45 -14.19
CA LYS A 75 1.09 3.90 -14.27
C LYS A 75 -0.26 4.35 -14.82
N GLY A 76 -0.65 5.58 -14.49
CA GLY A 76 -1.92 6.11 -14.96
C GLY A 76 -3.11 5.47 -14.26
N THR A 77 -3.12 5.54 -12.93
CA THR A 77 -4.21 4.95 -12.15
C THR A 77 -4.22 5.52 -10.73
N VAL A 78 -3.07 5.43 -10.06
CA VAL A 78 -2.95 5.94 -8.70
C VAL A 78 -2.49 7.40 -8.68
N SER A 79 -2.77 8.09 -7.58
CA SER A 79 -2.40 9.49 -7.45
C SER A 79 -0.89 9.67 -7.57
N PHE A 80 -0.37 10.74 -6.99
CA PHE A 80 1.06 11.02 -7.04
C PHE A 80 1.53 11.19 -8.48
N HIS A 81 1.85 12.43 -8.86
CA HIS A 81 2.32 12.72 -10.21
C HIS A 81 3.81 13.05 -10.21
N SER A 82 4.62 12.05 -10.56
CA SER A 82 6.07 12.22 -10.59
C SER A 82 6.44 13.44 -11.44
N HIS A 83 7.00 14.46 -10.80
CA HIS A 83 7.41 15.67 -11.49
C HIS A 83 8.52 15.39 -12.48
N SER A 84 8.38 15.91 -13.70
CA SER A 84 9.38 15.70 -14.73
C SER A 84 9.56 14.21 -15.04
N GLY A 85 9.24 13.82 -16.27
CA GLY A 85 9.36 12.43 -16.66
C GLY A 85 10.80 12.03 -16.93
N PRO A 86 11.13 10.76 -16.63
CA PRO A 86 12.48 10.23 -16.82
C PRO A 86 12.84 10.09 -18.30
N SER A 87 14.13 10.17 -18.61
CA SER A 87 14.60 10.05 -19.98
C SER A 87 15.84 9.18 -20.06
N SER A 88 15.65 7.88 -20.26
CA SER A 88 16.75 6.93 -20.35
C SER A 88 16.72 6.18 -21.67
N GLY A 89 15.57 5.55 -21.96
CA GLY A 89 15.44 4.80 -23.19
C GLY A 89 14.29 3.82 -23.14
N GLY A 1 -9.57 -20.45 -3.92
CA GLY A 1 -9.29 -19.11 -3.44
C GLY A 1 -10.36 -18.11 -3.83
N SER A 2 -11.13 -17.67 -2.85
CA SER A 2 -12.21 -16.70 -3.10
C SER A 2 -12.22 -15.62 -2.03
N SER A 3 -12.71 -14.44 -2.40
CA SER A 3 -12.77 -13.31 -1.48
C SER A 3 -13.74 -12.24 -1.99
N GLY A 4 -14.43 -11.59 -1.07
CA GLY A 4 -15.37 -10.54 -1.45
C GLY A 4 -15.35 -9.37 -0.49
N SER A 5 -14.23 -8.64 -0.47
CA SER A 5 -14.09 -7.50 0.41
C SER A 5 -14.12 -6.20 -0.38
N SER A 6 -15.13 -5.37 -0.12
CA SER A 6 -15.27 -4.10 -0.81
C SER A 6 -14.57 -2.98 -0.05
N GLY A 7 -13.34 -2.67 -0.45
CA GLY A 7 -12.57 -1.63 0.19
C GLY A 7 -11.08 -1.77 -0.02
N ARG A 8 -10.61 -1.33 -1.18
CA ARG A 8 -9.19 -1.42 -1.52
C ARG A 8 -8.57 -0.03 -1.60
N GLU A 9 -7.52 0.18 -0.82
CA GLU A 9 -6.82 1.47 -0.80
C GLU A 9 -5.55 1.41 -1.64
N MET A 10 -5.05 2.58 -2.03
CA MET A 10 -3.84 2.66 -2.84
C MET A 10 -2.97 3.83 -2.39
N GLY A 11 -1.66 3.60 -2.31
CA GLY A 11 -0.74 4.65 -1.89
C GLY A 11 0.66 4.42 -2.42
N VAL A 12 1.64 5.01 -1.74
CA VAL A 12 3.03 4.88 -2.14
C VAL A 12 3.89 4.37 -0.98
N ILE A 13 4.93 3.61 -1.31
CA ILE A 13 5.83 3.06 -0.30
C ILE A 13 6.92 4.07 0.08
N ALA A 14 6.70 4.78 1.17
CA ALA A 14 7.67 5.76 1.64
C ALA A 14 8.89 5.10 2.23
N ALA A 15 8.72 3.87 2.72
CA ALA A 15 9.83 3.13 3.32
C ALA A 15 9.58 1.62 3.23
N MET A 16 10.65 0.86 3.07
CA MET A 16 10.54 -0.60 2.98
C MET A 16 11.86 -1.27 3.37
N ARG A 17 12.10 -1.36 4.68
CA ARG A 17 13.32 -1.98 5.18
C ARG A 17 13.32 -3.48 4.92
N ASP A 18 14.30 -4.18 5.47
CA ASP A 18 14.42 -5.62 5.30
C ASP A 18 13.45 -6.36 6.23
N GLY A 19 12.23 -6.59 5.73
CA GLY A 19 11.23 -7.27 6.52
C GLY A 19 9.89 -6.56 6.52
N PHE A 20 9.93 -5.25 6.71
CA PHE A 20 8.70 -4.44 6.74
C PHE A 20 8.91 -3.14 5.97
N GLY A 21 7.88 -2.29 5.98
CA GLY A 21 7.95 -1.02 5.28
C GLY A 21 6.88 -0.05 5.74
N PHE A 22 6.42 0.78 4.81
CA PHE A 22 5.39 1.77 5.12
C PHE A 22 4.69 2.24 3.85
N ILE A 23 3.43 2.66 4.00
CA ILE A 23 2.65 3.12 2.86
C ILE A 23 1.92 4.42 3.20
N LYS A 24 2.31 5.51 2.55
CA LYS A 24 1.69 6.81 2.79
C LYS A 24 0.31 6.88 2.14
N CYS A 25 -0.72 7.00 2.96
CA CYS A 25 -2.09 7.08 2.47
C CYS A 25 -2.38 8.45 1.87
N VAL A 26 -2.86 8.45 0.64
CA VAL A 26 -3.18 9.71 -0.05
C VAL A 26 -4.28 10.47 0.67
N ASP A 27 -5.20 9.73 1.30
CA ASP A 27 -6.29 10.34 2.04
C ASP A 27 -5.97 10.44 3.52
N ARG A 28 -5.41 9.36 4.07
CA ARG A 28 -5.05 9.32 5.48
C ARG A 28 -3.67 9.91 5.71
N ASP A 29 -3.46 10.47 6.90
CA ASP A 29 -2.17 11.07 7.24
C ASP A 29 -1.35 10.14 8.12
N VAL A 30 -1.52 8.84 7.92
CA VAL A 30 -0.80 7.83 8.71
C VAL A 30 -0.38 6.66 7.82
N ARG A 31 0.93 6.39 7.82
CA ARG A 31 1.47 5.29 7.02
C ARG A 31 0.90 3.95 7.49
N MET A 32 0.97 2.95 6.63
CA MET A 32 0.48 1.61 6.95
C MET A 32 1.63 0.62 7.09
N PHE A 33 1.59 -0.17 8.15
CA PHE A 33 2.63 -1.17 8.40
C PHE A 33 2.31 -2.48 7.69
N PHE A 34 3.01 -2.76 6.60
CA PHE A 34 2.79 -3.98 5.84
C PHE A 34 3.94 -4.96 6.06
N HIS A 35 3.69 -6.24 5.78
CA HIS A 35 4.68 -7.29 5.94
C HIS A 35 5.17 -7.80 4.59
N PHE A 36 6.39 -8.32 4.56
CA PHE A 36 6.96 -8.85 3.33
C PHE A 36 6.48 -10.27 3.07
N SER A 37 5.21 -10.53 3.34
CA SER A 37 4.63 -11.85 3.15
C SER A 37 3.43 -11.78 2.21
N GLU A 38 2.71 -10.66 2.26
CA GLU A 38 1.53 -10.47 1.42
C GLU A 38 1.94 -10.05 0.01
N ILE A 39 3.22 -9.71 -0.16
CA ILE A 39 3.73 -9.28 -1.46
C ILE A 39 3.80 -10.46 -2.42
N LEU A 40 3.39 -11.63 -1.97
CA LEU A 40 3.41 -12.83 -2.79
C LEU A 40 2.67 -12.60 -4.11
N ASP A 41 1.75 -11.64 -4.10
CA ASP A 41 0.98 -11.31 -5.29
C ASP A 41 1.88 -11.22 -6.51
N GLY A 42 3.17 -10.92 -6.27
CA GLY A 42 4.11 -10.80 -7.37
C GLY A 42 4.40 -9.36 -7.74
N ASN A 43 5.42 -8.79 -7.13
CA ASN A 43 5.80 -7.40 -7.40
C ASN A 43 6.85 -6.92 -6.41
N GLN A 44 8.05 -6.66 -6.92
CA GLN A 44 9.15 -6.19 -6.07
C GLN A 44 8.99 -4.71 -5.74
N LEU A 45 8.29 -4.44 -4.63
CA LEU A 45 8.05 -3.06 -4.21
C LEU A 45 9.37 -2.30 -4.06
N HIS A 46 9.28 -0.99 -3.93
CA HIS A 46 10.46 -0.15 -3.77
C HIS A 46 10.08 1.26 -3.33
N ILE A 47 11.07 2.15 -3.31
CA ILE A 47 10.83 3.53 -2.90
C ILE A 47 9.89 4.24 -3.88
N ALA A 48 8.72 4.62 -3.39
CA ALA A 48 7.74 5.32 -4.22
C ALA A 48 7.14 4.38 -5.26
N ASP A 49 6.53 3.29 -4.79
CA ASP A 49 5.93 2.31 -5.69
C ASP A 49 4.44 2.12 -5.35
N GLU A 50 3.58 2.41 -6.31
CA GLU A 50 2.14 2.27 -6.12
C GLU A 50 1.78 0.85 -5.70
N VAL A 51 0.77 0.72 -4.86
CA VAL A 51 0.32 -0.58 -4.38
C VAL A 51 -1.16 -0.56 -4.02
N GLU A 52 -1.80 -1.72 -4.08
CA GLU A 52 -3.21 -1.84 -3.76
C GLU A 52 -3.45 -2.97 -2.77
N PHE A 53 -4.00 -2.61 -1.60
CA PHE A 53 -4.29 -3.61 -0.57
C PHE A 53 -5.65 -3.34 0.08
N THR A 54 -6.19 -4.36 0.75
CA THR A 54 -7.48 -4.24 1.41
C THR A 54 -7.32 -3.95 2.89
N VAL A 55 -7.40 -2.67 3.25
CA VAL A 55 -7.26 -2.26 4.65
C VAL A 55 -8.45 -2.75 5.47
N VAL A 56 -8.16 -3.49 6.53
CA VAL A 56 -9.20 -4.00 7.42
C VAL A 56 -8.66 -4.27 8.82
N PRO A 57 -9.50 -4.01 9.82
CA PRO A 57 -9.14 -4.21 11.23
C PRO A 57 -8.97 -5.68 11.59
N ASP A 58 -8.30 -5.95 12.70
CA ASP A 58 -8.08 -7.32 13.15
C ASP A 58 -9.41 -8.08 13.26
N MET A 59 -9.31 -9.39 13.45
CA MET A 59 -10.50 -10.22 13.56
C MET A 59 -11.18 -10.03 14.92
N LEU A 60 -10.37 -9.91 15.97
CA LEU A 60 -10.89 -9.72 17.31
C LEU A 60 -11.12 -8.24 17.60
N SER A 61 -11.38 -7.47 16.56
CA SER A 61 -11.63 -6.04 16.70
C SER A 61 -10.65 -5.42 17.69
N ALA A 62 -9.37 -5.79 17.57
CA ALA A 62 -8.34 -5.26 18.46
C ALA A 62 -7.60 -4.11 17.80
N GLN A 63 -8.28 -3.40 16.92
CA GLN A 63 -7.67 -2.26 16.22
C GLN A 63 -6.29 -2.62 15.68
N ARG A 64 -6.27 -3.30 14.55
CA ARG A 64 -5.01 -3.72 13.93
C ARG A 64 -5.13 -3.70 12.40
N ASN A 65 -5.11 -2.51 11.82
CA ASN A 65 -5.21 -2.36 10.37
C ASN A 65 -3.97 -2.92 9.68
N HIS A 66 -4.19 -3.84 8.75
CA HIS A 66 -3.09 -4.44 8.00
C HIS A 66 -3.40 -4.50 6.51
N ALA A 67 -2.40 -4.85 5.71
CA ALA A 67 -2.56 -4.93 4.27
C ALA A 67 -2.33 -6.35 3.78
N ILE A 68 -3.35 -6.93 3.14
CA ILE A 68 -3.25 -8.29 2.61
C ILE A 68 -3.00 -8.28 1.10
N ARG A 69 -2.46 -9.38 0.60
CA ARG A 69 -2.17 -9.50 -0.82
C ARG A 69 -1.74 -8.16 -1.40
N ILE A 70 -0.44 -7.87 -1.30
CA ILE A 70 0.10 -6.62 -1.82
C ILE A 70 0.56 -6.78 -3.28
N LYS A 71 -0.13 -6.10 -4.19
CA LYS A 71 0.20 -6.16 -5.59
C LYS A 71 0.44 -4.77 -6.17
N LYS A 72 1.71 -4.45 -6.41
CA LYS A 72 2.08 -3.14 -6.96
C LYS A 72 1.14 -2.74 -8.09
N LEU A 73 0.92 -1.44 -8.24
CA LEU A 73 0.05 -0.93 -9.29
C LEU A 73 0.85 -0.40 -10.47
N PRO A 74 0.31 -0.56 -11.68
CA PRO A 74 0.97 -0.11 -12.91
C PRO A 74 1.00 1.42 -13.02
N LYS A 75 2.03 1.94 -13.69
CA LYS A 75 2.17 3.37 -13.87
C LYS A 75 0.90 3.99 -14.44
N GLY A 76 0.51 5.14 -13.92
CA GLY A 76 -0.69 5.81 -14.39
C GLY A 76 -1.95 5.26 -13.75
N THR A 77 -2.02 5.34 -12.43
CA THR A 77 -3.18 4.84 -11.70
C THR A 77 -3.50 5.73 -10.50
N VAL A 78 -2.47 6.05 -9.72
CA VAL A 78 -2.64 6.90 -8.55
C VAL A 78 -2.08 8.29 -8.79
N SER A 79 -2.62 9.27 -8.07
CA SER A 79 -2.18 10.65 -8.21
C SER A 79 -2.65 11.50 -7.03
N PHE A 80 -1.69 12.02 -6.26
CA PHE A 80 -2.01 12.84 -5.10
C PHE A 80 -0.89 13.84 -4.83
N HIS A 81 0.34 13.36 -4.84
CA HIS A 81 1.50 14.21 -4.59
C HIS A 81 2.08 14.74 -5.90
N SER A 82 1.82 16.01 -6.18
CA SER A 82 2.31 16.64 -7.41
C SER A 82 3.24 17.80 -7.08
N HIS A 83 4.12 17.59 -6.10
CA HIS A 83 5.07 18.63 -5.70
C HIS A 83 6.45 18.35 -6.29
N SER A 84 6.98 19.33 -7.01
CA SER A 84 8.28 19.20 -7.64
C SER A 84 8.28 18.06 -8.66
N GLY A 85 9.07 18.23 -9.72
CA GLY A 85 9.15 17.21 -10.76
C GLY A 85 9.71 15.90 -10.24
N PRO A 86 9.45 14.81 -10.97
CA PRO A 86 9.92 13.47 -10.60
C PRO A 86 11.42 13.33 -10.76
N SER A 87 12.12 13.13 -9.64
CA SER A 87 13.57 12.98 -9.65
C SER A 87 13.97 11.51 -9.52
N SER A 88 14.89 11.08 -10.37
CA SER A 88 15.36 9.70 -10.36
C SER A 88 16.29 9.43 -11.54
N GLY A 89 17.33 8.65 -11.29
CA GLY A 89 18.28 8.32 -12.35
C GLY A 89 19.21 9.48 -12.66
N GLY A 1 -20.96 -15.65 7.24
CA GLY A 1 -22.02 -14.70 6.96
C GLY A 1 -21.66 -13.30 7.39
N SER A 2 -22.46 -12.32 6.97
CA SER A 2 -22.23 -10.92 7.31
C SER A 2 -20.74 -10.59 7.24
N SER A 3 -20.27 -10.31 6.04
CA SER A 3 -18.86 -9.97 5.84
C SER A 3 -18.61 -8.48 6.00
N GLY A 4 -17.38 -8.12 6.33
CA GLY A 4 -17.04 -6.71 6.52
C GLY A 4 -15.73 -6.34 5.86
N SER A 5 -15.69 -5.15 5.27
CA SER A 5 -14.48 -4.68 4.60
C SER A 5 -14.66 -3.25 4.09
N SER A 6 -13.78 -2.35 4.54
CA SER A 6 -13.86 -0.96 4.14
C SER A 6 -13.65 -0.81 2.63
N GLY A 7 -12.61 -1.46 2.12
CA GLY A 7 -12.32 -1.40 0.70
C GLY A 7 -10.84 -1.41 0.40
N ARG A 8 -10.48 -1.41 -0.88
CA ARG A 8 -9.09 -1.42 -1.29
C ARG A 8 -8.62 -0.01 -1.66
N GLU A 9 -7.60 0.47 -0.96
CA GLU A 9 -7.05 1.80 -1.21
C GLU A 9 -5.64 1.71 -1.79
N MET A 10 -5.19 2.81 -2.40
CA MET A 10 -3.86 2.86 -2.99
C MET A 10 -2.95 3.79 -2.20
N GLY A 11 -1.65 3.55 -2.27
CA GLY A 11 -0.69 4.38 -1.56
C GLY A 11 0.74 4.15 -2.01
N VAL A 12 1.61 5.10 -1.73
CA VAL A 12 3.01 4.99 -2.12
C VAL A 12 3.86 4.51 -0.96
N ILE A 13 4.88 3.72 -1.27
CA ILE A 13 5.77 3.19 -0.25
C ILE A 13 6.76 4.25 0.24
N ALA A 14 6.75 4.51 1.54
CA ALA A 14 7.65 5.51 2.12
C ALA A 14 8.92 4.85 2.66
N ALA A 15 8.77 3.64 3.18
CA ALA A 15 9.91 2.90 3.73
C ALA A 15 10.00 1.50 3.14
N MET A 16 11.18 0.90 3.22
CA MET A 16 11.40 -0.44 2.70
C MET A 16 12.55 -1.13 3.42
N ARG A 17 12.60 -0.97 4.74
CA ARG A 17 13.65 -1.58 5.55
C ARG A 17 13.65 -3.09 5.38
N ASP A 18 14.78 -3.72 5.71
CA ASP A 18 14.91 -5.17 5.60
C ASP A 18 13.96 -5.87 6.56
N GLY A 19 12.80 -6.27 6.06
CA GLY A 19 11.82 -6.95 6.90
C GLY A 19 10.43 -6.38 6.75
N PHE A 20 10.32 -5.05 6.86
CA PHE A 20 9.03 -4.37 6.74
C PHE A 20 9.21 -2.99 6.12
N GLY A 21 8.10 -2.27 5.96
CA GLY A 21 8.14 -0.95 5.39
C GLY A 21 6.97 -0.10 5.81
N PHE A 22 6.57 0.83 4.94
CA PHE A 22 5.44 1.72 5.24
C PHE A 22 4.81 2.24 3.94
N ILE A 23 3.48 2.31 3.92
CA ILE A 23 2.77 2.79 2.75
C ILE A 23 1.91 4.01 3.09
N LYS A 24 2.28 5.15 2.51
CA LYS A 24 1.56 6.39 2.75
C LYS A 24 0.31 6.46 1.87
N CYS A 25 -0.80 6.89 2.47
CA CYS A 25 -2.07 7.01 1.75
C CYS A 25 -2.24 8.41 1.17
N VAL A 26 -2.76 8.48 -0.04
CA VAL A 26 -2.97 9.76 -0.71
C VAL A 26 -4.02 10.59 0.03
N ASP A 27 -5.00 9.91 0.59
CA ASP A 27 -6.07 10.59 1.33
C ASP A 27 -5.73 10.68 2.81
N ARG A 28 -5.28 9.57 3.38
CA ARG A 28 -4.91 9.53 4.79
C ARG A 28 -3.50 10.06 5.01
N ASP A 29 -3.27 10.65 6.18
CA ASP A 29 -1.96 11.20 6.52
C ASP A 29 -1.19 10.24 7.41
N VAL A 30 -1.32 8.94 7.15
CA VAL A 30 -0.63 7.92 7.93
C VAL A 30 -0.07 6.82 7.03
N ARG A 31 0.67 5.90 7.63
CA ARG A 31 1.27 4.80 6.88
C ARG A 31 0.58 3.49 7.21
N MET A 32 0.84 2.46 6.40
CA MET A 32 0.24 1.15 6.60
C MET A 32 1.32 0.09 6.78
N PHE A 33 1.79 -0.08 8.01
CA PHE A 33 2.82 -1.06 8.30
C PHE A 33 2.48 -2.41 7.67
N PHE A 34 3.12 -2.70 6.54
CA PHE A 34 2.88 -3.96 5.83
C PHE A 34 4.02 -4.95 6.11
N HIS A 35 3.76 -6.22 5.79
CA HIS A 35 4.75 -7.27 6.01
C HIS A 35 5.27 -7.80 4.68
N PHE A 36 6.48 -8.36 4.70
CA PHE A 36 7.09 -8.90 3.49
C PHE A 36 6.58 -10.32 3.22
N SER A 37 5.29 -10.54 3.46
CA SER A 37 4.68 -11.84 3.24
C SER A 37 3.47 -11.74 2.32
N GLU A 38 2.80 -10.59 2.37
CA GLU A 38 1.62 -10.37 1.54
C GLU A 38 2.02 -9.98 0.12
N ILE A 39 3.29 -9.68 -0.07
CA ILE A 39 3.80 -9.30 -1.38
C ILE A 39 3.83 -10.50 -2.33
N LEU A 40 3.39 -11.65 -1.83
CA LEU A 40 3.36 -12.87 -2.63
C LEU A 40 2.62 -12.64 -3.94
N ASP A 41 1.77 -11.61 -3.96
CA ASP A 41 1.00 -11.29 -5.16
C ASP A 41 1.91 -11.20 -6.38
N GLY A 42 3.17 -10.85 -6.15
CA GLY A 42 4.12 -10.73 -7.24
C GLY A 42 4.38 -9.29 -7.64
N ASN A 43 5.42 -8.70 -7.05
CA ASN A 43 5.77 -7.31 -7.35
C ASN A 43 6.85 -6.81 -6.39
N GLN A 44 8.03 -6.56 -6.93
CA GLN A 44 9.15 -6.07 -6.12
C GLN A 44 8.98 -4.59 -5.79
N LEU A 45 8.24 -4.31 -4.73
CA LEU A 45 8.01 -2.93 -4.30
C LEU A 45 9.26 -2.08 -4.48
N HIS A 46 9.06 -0.78 -4.64
CA HIS A 46 10.18 0.14 -4.82
C HIS A 46 9.85 1.51 -4.22
N ILE A 47 10.83 2.10 -3.55
CA ILE A 47 10.65 3.42 -2.94
C ILE A 47 9.74 4.30 -3.78
N ALA A 48 8.55 4.56 -3.28
CA ALA A 48 7.59 5.41 -3.99
C ALA A 48 6.95 4.65 -5.15
N ASP A 49 6.09 3.69 -4.82
CA ASP A 49 5.41 2.89 -5.84
C ASP A 49 3.95 2.64 -5.45
N GLU A 50 3.04 2.84 -6.41
CA GLU A 50 1.62 2.65 -6.16
C GLU A 50 1.32 1.17 -5.92
N VAL A 51 0.55 0.89 -4.87
CA VAL A 51 0.19 -0.48 -4.53
C VAL A 51 -1.26 -0.56 -4.05
N GLU A 52 -1.86 -1.73 -4.20
CA GLU A 52 -3.25 -1.93 -3.77
C GLU A 52 -3.33 -2.99 -2.68
N PHE A 53 -3.99 -2.65 -1.58
CA PHE A 53 -4.14 -3.57 -0.45
C PHE A 53 -5.50 -3.40 0.21
N THR A 54 -5.96 -4.44 0.89
CA THR A 54 -7.25 -4.41 1.57
C THR A 54 -7.09 -4.08 3.05
N VAL A 55 -7.74 -3.01 3.49
CA VAL A 55 -7.67 -2.59 4.88
C VAL A 55 -8.94 -2.96 5.63
N VAL A 56 -8.77 -3.62 6.78
CA VAL A 56 -9.91 -4.05 7.59
C VAL A 56 -9.64 -3.77 9.07
N PRO A 57 -10.72 -3.52 9.82
CA PRO A 57 -10.63 -3.24 11.27
C PRO A 57 -10.23 -4.48 12.07
N ASP A 58 -9.99 -5.58 11.36
CA ASP A 58 -9.59 -6.83 12.02
C ASP A 58 -10.71 -7.33 12.93
N MET A 59 -10.76 -8.65 13.12
CA MET A 59 -11.76 -9.26 13.96
C MET A 59 -11.63 -8.77 15.40
N LEU A 60 -10.45 -8.97 15.98
CA LEU A 60 -10.21 -8.55 17.36
C LEU A 60 -9.63 -7.14 17.40
N SER A 61 -8.40 -6.98 16.91
CA SER A 61 -7.74 -5.69 16.89
C SER A 61 -8.75 -4.56 16.62
N ALA A 62 -9.06 -3.79 17.66
CA ALA A 62 -10.00 -2.69 17.53
C ALA A 62 -9.41 -1.55 16.72
N GLN A 63 -8.21 -1.10 17.12
CA GLN A 63 -7.53 -0.01 16.44
C GLN A 63 -6.26 -0.51 15.76
N ARG A 64 -6.42 -1.32 14.73
CA ARG A 64 -5.28 -1.86 14.00
C ARG A 64 -5.71 -2.40 12.64
N ASN A 65 -4.87 -2.16 11.63
CA ASN A 65 -5.16 -2.63 10.28
C ASN A 65 -3.92 -3.21 9.62
N HIS A 66 -4.12 -3.98 8.56
CA HIS A 66 -3.01 -4.59 7.83
C HIS A 66 -3.36 -4.76 6.36
N ALA A 67 -2.36 -4.62 5.50
CA ALA A 67 -2.55 -4.76 4.06
C ALA A 67 -2.34 -6.21 3.61
N ILE A 68 -3.34 -6.77 2.95
CA ILE A 68 -3.26 -8.14 2.46
C ILE A 68 -3.06 -8.19 0.96
N ARG A 69 -2.56 -9.31 0.47
CA ARG A 69 -2.32 -9.48 -0.96
C ARG A 69 -1.86 -8.17 -1.60
N ILE A 70 -0.57 -7.86 -1.43
CA ILE A 70 -0.01 -6.64 -1.99
C ILE A 70 0.37 -6.82 -3.45
N LYS A 71 -0.20 -5.98 -4.32
CA LYS A 71 0.09 -6.05 -5.75
C LYS A 71 0.30 -4.65 -6.32
N LYS A 72 1.51 -4.40 -6.81
CA LYS A 72 1.84 -3.10 -7.39
C LYS A 72 0.90 -2.76 -8.53
N LEU A 73 0.45 -1.51 -8.58
CA LEU A 73 -0.45 -1.06 -9.63
C LEU A 73 0.33 -0.50 -10.82
N PRO A 74 -0.26 -0.61 -12.02
CA PRO A 74 0.36 -0.12 -13.25
C PRO A 74 0.41 1.40 -13.31
N LYS A 75 1.42 1.93 -14.00
CA LYS A 75 1.58 3.37 -14.14
C LYS A 75 0.35 4.00 -14.78
N GLY A 76 -0.05 5.15 -14.27
CA GLY A 76 -1.21 5.84 -14.80
C GLY A 76 -2.52 5.31 -14.22
N THR A 77 -2.69 5.50 -12.92
CA THR A 77 -3.90 5.04 -12.25
C THR A 77 -4.14 5.83 -10.96
N VAL A 78 -3.07 6.15 -10.25
CA VAL A 78 -3.17 6.90 -9.01
C VAL A 78 -2.48 8.26 -9.14
N SER A 79 -2.97 9.22 -8.36
CA SER A 79 -2.40 10.57 -8.38
C SER A 79 -2.75 11.33 -7.11
N PHE A 80 -2.19 12.53 -6.97
CA PHE A 80 -2.43 13.36 -5.79
C PHE A 80 -3.15 14.65 -6.17
N HIS A 81 -4.11 15.06 -5.33
CA HIS A 81 -4.88 16.28 -5.59
C HIS A 81 -4.38 17.41 -4.70
N SER A 82 -4.18 17.12 -3.42
CA SER A 82 -3.72 18.12 -2.46
C SER A 82 -2.35 18.66 -2.86
N HIS A 83 -2.29 19.97 -3.09
CA HIS A 83 -1.04 20.61 -3.47
C HIS A 83 -0.10 20.73 -2.28
N SER A 84 1.17 21.02 -2.56
CA SER A 84 2.18 21.15 -1.51
C SER A 84 3.39 21.94 -2.01
N GLY A 85 4.35 22.17 -1.11
CA GLY A 85 5.54 22.91 -1.48
C GLY A 85 6.47 22.12 -2.37
N PRO A 86 7.15 22.80 -3.29
CA PRO A 86 8.10 22.17 -4.22
C PRO A 86 9.36 21.66 -3.52
N SER A 87 9.56 20.36 -3.57
CA SER A 87 10.73 19.75 -2.94
C SER A 87 11.50 18.89 -3.93
N SER A 88 10.90 17.77 -4.34
CA SER A 88 11.53 16.86 -5.29
C SER A 88 10.62 15.66 -5.57
N GLY A 89 10.88 14.98 -6.68
CA GLY A 89 10.10 13.82 -7.04
C GLY A 89 10.47 13.26 -8.40
N GLY A 1 -10.23 -21.70 -0.32
CA GLY A 1 -10.82 -20.93 0.76
C GLY A 1 -11.65 -19.77 0.25
N SER A 2 -12.30 -19.07 1.17
CA SER A 2 -13.15 -17.92 0.81
C SER A 2 -12.47 -16.61 1.19
N SER A 3 -12.66 -15.60 0.35
CA SER A 3 -12.06 -14.29 0.60
C SER A 3 -12.89 -13.19 -0.06
N GLY A 4 -13.50 -12.35 0.77
CA GLY A 4 -14.32 -11.25 0.24
C GLY A 4 -13.51 -9.99 0.00
N SER A 5 -13.53 -9.50 -1.23
CA SER A 5 -12.79 -8.31 -1.59
C SER A 5 -13.70 -7.07 -1.54
N SER A 6 -13.34 -6.12 -0.70
CA SER A 6 -14.12 -4.90 -0.56
C SER A 6 -13.33 -3.83 0.19
N GLY A 7 -13.30 -2.62 -0.36
CA GLY A 7 -12.57 -1.54 0.28
C GLY A 7 -11.06 -1.69 0.13
N ARG A 8 -10.54 -1.23 -1.01
CA ARG A 8 -9.10 -1.31 -1.26
C ARG A 8 -8.49 0.08 -1.39
N GLU A 9 -7.48 0.36 -0.58
CA GLU A 9 -6.81 1.64 -0.60
C GLU A 9 -5.50 1.57 -1.38
N MET A 10 -5.12 2.68 -2.00
CA MET A 10 -3.89 2.73 -2.79
C MET A 10 -3.00 3.88 -2.31
N GLY A 11 -1.70 3.61 -2.23
CA GLY A 11 -0.76 4.62 -1.78
C GLY A 11 0.67 4.31 -2.17
N VAL A 12 1.59 5.21 -1.84
CA VAL A 12 2.99 5.02 -2.17
C VAL A 12 3.76 4.46 -0.97
N ILE A 13 4.84 3.74 -1.25
CA ILE A 13 5.67 3.16 -0.20
C ILE A 13 6.63 4.19 0.38
N ALA A 14 6.52 4.42 1.69
CA ALA A 14 7.38 5.37 2.37
C ALA A 14 8.68 4.73 2.80
N ALA A 15 8.68 3.40 2.89
CA ALA A 15 9.88 2.67 3.30
C ALA A 15 9.72 1.17 3.01
N MET A 16 10.84 0.50 2.78
CA MET A 16 10.82 -0.94 2.50
C MET A 16 11.91 -1.65 3.28
N ARG A 17 12.09 -1.26 4.54
CA ARG A 17 13.09 -1.87 5.39
C ARG A 17 13.06 -3.39 5.28
N ASP A 18 14.22 -4.01 5.43
CA ASP A 18 14.33 -5.47 5.35
C ASP A 18 13.46 -6.14 6.40
N GLY A 19 12.27 -6.56 5.99
CA GLY A 19 11.36 -7.22 6.91
C GLY A 19 10.03 -6.49 7.03
N PHE A 20 10.07 -5.17 6.92
CA PHE A 20 8.86 -4.35 7.02
C PHE A 20 9.03 -3.04 6.26
N GLY A 21 7.92 -2.32 6.07
CA GLY A 21 7.97 -1.06 5.37
C GLY A 21 6.84 -0.13 5.76
N PHE A 22 6.38 0.68 4.82
CA PHE A 22 5.29 1.63 5.07
C PHE A 22 4.59 2.00 3.78
N ILE A 23 3.43 2.64 3.91
CA ILE A 23 2.65 3.06 2.74
C ILE A 23 1.90 4.35 3.03
N LYS A 24 2.39 5.45 2.47
CA LYS A 24 1.77 6.76 2.66
C LYS A 24 0.69 7.00 1.61
N CYS A 25 -0.57 6.98 2.03
CA CYS A 25 -1.69 7.21 1.12
C CYS A 25 -1.70 8.65 0.62
N VAL A 26 -2.59 8.91 -0.33
CA VAL A 26 -2.70 10.25 -0.90
C VAL A 26 -3.75 11.09 -0.17
N ASP A 27 -4.84 10.44 0.21
CA ASP A 27 -5.92 11.11 0.92
C ASP A 27 -5.77 10.93 2.43
N ARG A 28 -5.28 9.76 2.84
CA ARG A 28 -5.09 9.47 4.25
C ARG A 28 -3.82 10.12 4.78
N ASP A 29 -2.75 10.07 3.98
CA ASP A 29 -1.48 10.66 4.36
C ASP A 29 -0.93 9.99 5.61
N VAL A 30 -1.02 8.66 5.66
CA VAL A 30 -0.52 7.90 6.80
C VAL A 30 0.17 6.63 6.35
N ARG A 31 1.17 6.20 7.12
CA ARG A 31 1.92 4.98 6.80
C ARG A 31 1.18 3.74 7.28
N MET A 32 0.93 2.80 6.37
CA MET A 32 0.24 1.57 6.70
C MET A 32 1.22 0.43 6.89
N PHE A 33 1.61 0.19 8.14
CA PHE A 33 2.55 -0.88 8.45
C PHE A 33 2.12 -2.19 7.81
N PHE A 34 3.09 -2.89 7.21
CA PHE A 34 2.81 -4.16 6.55
C PHE A 34 4.06 -5.04 6.51
N HIS A 35 3.85 -6.34 6.42
CA HIS A 35 4.96 -7.30 6.38
C HIS A 35 5.30 -7.66 4.94
N PHE A 36 6.55 -8.07 4.73
CA PHE A 36 7.02 -8.44 3.40
C PHE A 36 6.60 -9.88 3.06
N SER A 37 5.36 -10.21 3.40
CA SER A 37 4.84 -11.55 3.13
C SER A 37 3.61 -11.48 2.23
N GLU A 38 3.01 -10.29 2.14
CA GLU A 38 1.84 -10.09 1.31
C GLU A 38 2.23 -9.77 -0.13
N ILE A 39 3.52 -9.54 -0.34
CA ILE A 39 4.04 -9.23 -1.68
C ILE A 39 4.06 -10.47 -2.56
N LEU A 40 3.64 -11.60 -2.00
CA LEU A 40 3.62 -12.86 -2.74
C LEU A 40 2.87 -12.70 -4.06
N ASP A 41 2.11 -11.62 -4.19
CA ASP A 41 1.35 -11.35 -5.39
C ASP A 41 2.27 -11.32 -6.62
N GLY A 42 3.58 -11.23 -6.37
CA GLY A 42 4.54 -11.19 -7.45
C GLY A 42 4.47 -9.90 -8.24
N ASN A 43 5.03 -8.84 -7.68
CA ASN A 43 5.03 -7.53 -8.34
C ASN A 43 6.32 -6.78 -8.05
N GLN A 44 7.28 -7.47 -7.45
CA GLN A 44 8.57 -6.85 -7.11
C GLN A 44 8.39 -5.39 -6.73
N LEU A 45 8.02 -5.15 -5.47
CA LEU A 45 7.82 -3.79 -4.99
C LEU A 45 9.10 -2.98 -5.06
N HIS A 46 9.01 -1.70 -4.75
CA HIS A 46 10.17 -0.81 -4.80
C HIS A 46 9.83 0.55 -4.22
N ILE A 47 10.86 1.27 -3.76
CA ILE A 47 10.66 2.59 -3.18
C ILE A 47 9.69 3.42 -4.02
N ALA A 48 8.77 4.11 -3.34
CA ALA A 48 7.80 4.95 -4.02
C ALA A 48 7.07 4.15 -5.11
N ASP A 49 6.40 3.08 -4.72
CA ASP A 49 5.67 2.24 -5.66
C ASP A 49 4.21 2.08 -5.23
N GLU A 50 3.30 2.51 -6.08
CA GLU A 50 1.87 2.42 -5.79
C GLU A 50 1.43 0.97 -5.69
N VAL A 51 0.82 0.62 -4.56
CA VAL A 51 0.35 -0.74 -4.32
C VAL A 51 -1.09 -0.74 -3.82
N GLU A 52 -1.85 -1.75 -4.23
CA GLU A 52 -3.25 -1.87 -3.83
C GLU A 52 -3.41 -2.96 -2.76
N PHE A 53 -4.04 -2.60 -1.65
CA PHE A 53 -4.27 -3.54 -0.56
C PHE A 53 -5.65 -3.35 0.05
N THR A 54 -6.15 -4.41 0.71
CA THR A 54 -7.47 -4.36 1.32
C THR A 54 -7.35 -4.20 2.84
N VAL A 55 -7.76 -3.03 3.34
CA VAL A 55 -7.70 -2.77 4.77
C VAL A 55 -8.88 -3.40 5.50
N VAL A 56 -8.58 -4.22 6.50
CA VAL A 56 -9.61 -4.90 7.28
C VAL A 56 -9.29 -4.85 8.77
N PRO A 57 -10.34 -4.72 9.60
CA PRO A 57 -10.20 -4.67 11.06
C PRO A 57 -9.77 -6.00 11.64
N ASP A 58 -9.09 -5.95 12.78
CA ASP A 58 -8.62 -7.16 13.45
C ASP A 58 -9.55 -7.54 14.60
N MET A 59 -9.33 -8.72 15.16
CA MET A 59 -10.15 -9.19 16.27
C MET A 59 -9.59 -8.73 17.61
N LEU A 60 -8.60 -7.85 17.55
CA LEU A 60 -7.99 -7.31 18.76
C LEU A 60 -8.62 -5.98 19.16
N SER A 61 -8.84 -5.12 18.18
CA SER A 61 -9.43 -3.81 18.43
C SER A 61 -9.87 -3.15 17.13
N ALA A 62 -10.88 -2.28 17.22
CA ALA A 62 -11.39 -1.59 16.05
C ALA A 62 -10.26 -0.93 15.27
N GLN A 63 -9.24 -0.47 15.99
CA GLN A 63 -8.10 0.19 15.35
C GLN A 63 -6.94 -0.77 15.18
N ARG A 64 -6.99 -1.55 14.10
CA ARG A 64 -5.94 -2.52 13.81
C ARG A 64 -6.20 -3.23 12.48
N ASN A 65 -5.46 -2.84 11.45
CA ASN A 65 -5.62 -3.44 10.12
C ASN A 65 -4.26 -3.67 9.47
N HIS A 66 -4.28 -4.28 8.29
CA HIS A 66 -3.05 -4.57 7.55
C HIS A 66 -3.33 -4.71 6.06
N ALA A 67 -2.27 -4.67 5.27
CA ALA A 67 -2.41 -4.79 3.81
C ALA A 67 -2.14 -6.22 3.37
N ILE A 68 -3.16 -6.86 2.80
CA ILE A 68 -3.03 -8.24 2.33
C ILE A 68 -2.92 -8.29 0.82
N ARG A 69 -2.43 -9.41 0.30
CA ARG A 69 -2.27 -9.59 -1.14
C ARG A 69 -1.89 -8.27 -1.80
N ILE A 70 -0.65 -7.84 -1.58
CA ILE A 70 -0.16 -6.59 -2.16
C ILE A 70 0.06 -6.74 -3.66
N LYS A 71 -0.65 -5.93 -4.44
CA LYS A 71 -0.52 -5.97 -5.90
C LYS A 71 -0.24 -4.58 -6.45
N LYS A 72 0.98 -4.39 -6.96
CA LYS A 72 1.38 -3.12 -7.53
C LYS A 72 0.39 -2.66 -8.60
N LEU A 73 0.34 -1.36 -8.85
CA LEU A 73 -0.55 -0.79 -9.85
C LEU A 73 0.23 -0.07 -10.94
N PRO A 74 -0.30 -0.10 -12.17
CA PRO A 74 0.34 0.55 -13.32
C PRO A 74 0.27 2.07 -13.23
N LYS A 75 1.20 2.74 -13.91
CA LYS A 75 1.25 4.20 -13.92
C LYS A 75 -0.02 4.79 -14.51
N GLY A 76 -0.71 5.62 -13.74
CA GLY A 76 -1.93 6.24 -14.20
C GLY A 76 -3.08 6.07 -13.23
N THR A 77 -3.37 4.83 -12.86
CA THR A 77 -4.45 4.55 -11.92
C THR A 77 -4.40 5.49 -10.72
N VAL A 78 -3.32 5.41 -9.96
CA VAL A 78 -3.14 6.25 -8.79
C VAL A 78 -2.43 7.55 -9.13
N SER A 79 -2.60 8.56 -8.30
CA SER A 79 -1.99 9.86 -8.52
C SER A 79 -2.44 10.88 -7.47
N PHE A 80 -1.89 12.08 -7.55
CA PHE A 80 -2.24 13.14 -6.61
C PHE A 80 -2.80 14.35 -7.34
N HIS A 81 -3.22 15.36 -6.58
CA HIS A 81 -3.77 16.58 -7.15
C HIS A 81 -2.86 17.77 -6.87
N SER A 82 -2.38 17.88 -5.64
CA SER A 82 -1.50 18.97 -5.25
C SER A 82 -0.04 18.63 -5.55
N HIS A 83 0.69 19.60 -6.11
CA HIS A 83 2.08 19.40 -6.45
C HIS A 83 2.99 20.28 -5.58
N SER A 84 4.22 19.84 -5.38
CA SER A 84 5.17 20.59 -4.57
C SER A 84 6.57 19.98 -4.67
N GLY A 85 6.66 18.69 -4.37
CA GLY A 85 7.94 18.00 -4.43
C GLY A 85 7.93 16.67 -3.70
N PRO A 86 7.43 15.64 -4.38
CA PRO A 86 7.35 14.29 -3.81
C PRO A 86 8.72 13.65 -3.65
N SER A 87 9.75 14.31 -4.15
CA SER A 87 11.11 13.80 -4.06
C SER A 87 11.19 12.37 -4.58
N SER A 88 11.72 12.21 -5.79
CA SER A 88 11.84 10.89 -6.41
C SER A 88 12.45 11.00 -7.80
N GLY A 89 13.62 10.39 -7.99
CA GLY A 89 14.28 10.43 -9.28
C GLY A 89 14.22 11.80 -9.92
N GLY A 1 -13.93 -11.88 -8.49
CA GLY A 1 -14.57 -10.68 -7.97
C GLY A 1 -15.82 -10.31 -8.73
N SER A 2 -16.97 -10.74 -8.22
CA SER A 2 -18.25 -10.47 -8.86
C SER A 2 -19.04 -9.42 -8.07
N SER A 3 -19.09 -9.60 -6.75
CA SER A 3 -19.81 -8.68 -5.89
C SER A 3 -19.72 -9.13 -4.43
N GLY A 4 -18.78 -8.55 -3.70
CA GLY A 4 -18.61 -8.91 -2.30
C GLY A 4 -18.03 -7.76 -1.48
N SER A 5 -16.80 -7.37 -1.80
CA SER A 5 -16.13 -6.29 -1.08
C SER A 5 -15.73 -5.17 -2.04
N SER A 6 -15.88 -3.93 -1.59
CA SER A 6 -15.54 -2.77 -2.40
C SER A 6 -14.97 -1.64 -1.54
N GLY A 7 -13.65 -1.49 -1.58
CA GLY A 7 -13.01 -0.45 -0.78
C GLY A 7 -11.50 -0.60 -0.74
N ARG A 8 -10.89 -0.74 -1.90
CA ARG A 8 -9.44 -0.91 -1.99
C ARG A 8 -8.74 0.45 -2.01
N GLU A 9 -7.74 0.61 -1.16
CA GLU A 9 -6.99 1.85 -1.08
C GLU A 9 -5.58 1.68 -1.63
N MET A 10 -5.00 2.76 -2.13
CA MET A 10 -3.66 2.73 -2.68
C MET A 10 -2.76 3.76 -1.99
N GLY A 11 -1.45 3.54 -2.07
CA GLY A 11 -0.50 4.45 -1.44
C GLY A 11 0.92 4.21 -1.90
N VAL A 12 1.78 5.21 -1.70
CA VAL A 12 3.18 5.10 -2.10
C VAL A 12 4.05 4.68 -0.93
N ILE A 13 4.94 3.73 -1.18
CA ILE A 13 5.84 3.23 -0.15
C ILE A 13 6.83 4.32 0.29
N ALA A 14 6.81 4.64 1.58
CA ALA A 14 7.70 5.66 2.12
C ALA A 14 9.02 5.05 2.56
N ALA A 15 8.95 3.87 3.15
CA ALA A 15 10.14 3.16 3.63
C ALA A 15 10.06 1.67 3.35
N MET A 16 11.19 0.99 3.43
CA MET A 16 11.24 -0.45 3.18
C MET A 16 12.19 -1.13 4.15
N ARG A 17 12.09 -0.77 5.42
CA ARG A 17 12.95 -1.35 6.45
C ARG A 17 13.19 -2.84 6.18
N ASP A 18 14.37 -3.32 6.57
CA ASP A 18 14.73 -4.71 6.37
C ASP A 18 13.77 -5.64 7.10
N GLY A 19 12.65 -5.96 6.46
CA GLY A 19 11.67 -6.82 7.07
C GLY A 19 10.25 -6.30 6.91
N PHE A 20 10.11 -4.99 6.83
CA PHE A 20 8.81 -4.36 6.67
C PHE A 20 8.94 -2.97 6.04
N GLY A 21 7.83 -2.45 5.53
CA GLY A 21 7.85 -1.14 4.92
C GLY A 21 6.64 -0.30 5.31
N PHE A 22 6.58 0.93 4.80
CA PHE A 22 5.47 1.83 5.10
C PHE A 22 4.72 2.20 3.83
N ILE A 23 3.49 2.70 3.99
CA ILE A 23 2.67 3.10 2.87
C ILE A 23 1.91 4.38 3.17
N LYS A 24 2.15 5.42 2.37
CA LYS A 24 1.48 6.70 2.55
C LYS A 24 0.20 6.77 1.72
N CYS A 25 -0.92 7.04 2.39
CA CYS A 25 -2.21 7.13 1.71
C CYS A 25 -2.38 8.50 1.06
N VAL A 26 -3.05 8.53 -0.08
CA VAL A 26 -3.29 9.78 -0.80
C VAL A 26 -4.50 10.52 -0.22
N ASP A 27 -5.39 9.77 0.43
CA ASP A 27 -6.58 10.37 1.02
C ASP A 27 -6.45 10.44 2.54
N ARG A 28 -5.74 9.48 3.12
CA ARG A 28 -5.53 9.44 4.56
C ARG A 28 -4.13 9.89 4.94
N ASP A 29 -3.99 10.50 6.10
CA ASP A 29 -2.70 10.97 6.56
C ASP A 29 -2.11 10.03 7.61
N VAL A 30 -2.26 8.73 7.37
CA VAL A 30 -1.75 7.72 8.29
C VAL A 30 -1.08 6.57 7.53
N ARG A 31 0.17 6.29 7.88
CA ARG A 31 0.92 5.22 7.24
C ARG A 31 0.23 3.87 7.45
N MET A 32 0.59 2.90 6.62
CA MET A 32 0.01 1.56 6.72
C MET A 32 1.09 0.49 6.63
N PHE A 33 1.87 0.35 7.70
CA PHE A 33 2.94 -0.65 7.73
C PHE A 33 2.47 -1.98 7.17
N PHE A 34 3.36 -2.66 6.44
CA PHE A 34 3.04 -3.94 5.85
C PHE A 34 4.15 -4.95 6.09
N HIS A 35 3.88 -6.22 5.77
CA HIS A 35 4.86 -7.28 5.95
C HIS A 35 5.30 -7.85 4.60
N PHE A 36 6.51 -8.40 4.56
CA PHE A 36 7.05 -8.98 3.34
C PHE A 36 6.51 -10.40 3.13
N SER A 37 5.22 -10.58 3.40
CA SER A 37 4.58 -11.88 3.24
C SER A 37 3.39 -11.79 2.30
N GLU A 38 2.75 -10.62 2.26
CA GLU A 38 1.60 -10.41 1.41
C GLU A 38 2.03 -10.04 -0.01
N ILE A 39 3.32 -9.76 -0.17
CA ILE A 39 3.86 -9.38 -1.47
C ILE A 39 3.89 -10.59 -2.42
N LEU A 40 3.44 -11.73 -1.92
CA LEU A 40 3.40 -12.95 -2.72
C LEU A 40 2.70 -12.72 -4.05
N ASP A 41 1.83 -11.71 -4.09
CA ASP A 41 1.10 -11.38 -5.31
C ASP A 41 2.01 -11.44 -6.52
N GLY A 42 3.24 -10.95 -6.36
CA GLY A 42 4.18 -10.95 -7.45
C GLY A 42 4.56 -9.55 -7.91
N ASN A 43 5.56 -8.97 -7.26
CA ASN A 43 6.01 -7.62 -7.60
C ASN A 43 7.03 -7.12 -6.58
N GLN A 44 8.12 -6.53 -7.07
CA GLN A 44 9.17 -6.00 -6.20
C GLN A 44 8.90 -4.55 -5.86
N LEU A 45 8.59 -4.28 -4.60
CA LEU A 45 8.32 -2.92 -4.14
C LEU A 45 9.50 -2.00 -4.44
N HIS A 46 9.38 -0.75 -4.03
CA HIS A 46 10.43 0.23 -4.25
C HIS A 46 10.05 1.59 -3.67
N ILE A 47 11.05 2.35 -3.25
CA ILE A 47 10.82 3.67 -2.66
C ILE A 47 9.85 4.48 -3.52
N ALA A 48 8.69 4.80 -2.96
CA ALA A 48 7.69 5.58 -3.67
C ALA A 48 6.98 4.73 -4.72
N ASP A 49 6.46 3.59 -4.31
CA ASP A 49 5.76 2.69 -5.22
C ASP A 49 4.30 2.51 -4.79
N GLU A 50 3.40 2.56 -5.76
CA GLU A 50 1.97 2.40 -5.49
C GLU A 50 1.61 0.93 -5.35
N VAL A 51 0.68 0.63 -4.43
CA VAL A 51 0.25 -0.73 -4.19
C VAL A 51 -1.21 -0.77 -3.75
N GLU A 52 -1.94 -1.79 -4.22
CA GLU A 52 -3.34 -1.95 -3.87
C GLU A 52 -3.53 -3.06 -2.84
N PHE A 53 -4.31 -2.78 -1.81
CA PHE A 53 -4.56 -3.76 -0.76
C PHE A 53 -6.03 -3.71 -0.32
N THR A 54 -6.54 -4.86 0.13
CA THR A 54 -7.93 -4.94 0.58
C THR A 54 -8.12 -4.23 1.92
N VAL A 55 -7.25 -4.54 2.88
CA VAL A 55 -7.33 -3.93 4.20
C VAL A 55 -8.67 -4.23 4.86
N VAL A 56 -8.61 -4.77 6.08
CA VAL A 56 -9.81 -5.10 6.82
C VAL A 56 -9.55 -5.11 8.33
N PRO A 57 -10.55 -4.68 9.10
CA PRO A 57 -10.44 -4.61 10.57
C PRO A 57 -10.42 -6.00 11.20
N ASP A 58 -9.23 -6.58 11.29
CA ASP A 58 -9.07 -7.92 11.87
C ASP A 58 -9.87 -8.04 13.17
N MET A 59 -10.11 -9.27 13.59
CA MET A 59 -10.87 -9.52 14.81
C MET A 59 -10.04 -10.34 15.80
N LEU A 60 -8.74 -10.09 15.83
CA LEU A 60 -7.84 -10.79 16.73
C LEU A 60 -6.87 -9.82 17.39
N SER A 61 -6.13 -9.06 16.57
CA SER A 61 -5.17 -8.10 17.08
C SER A 61 -5.49 -6.69 16.57
N ALA A 62 -5.74 -5.77 17.50
CA ALA A 62 -6.05 -4.40 17.15
C ALA A 62 -4.79 -3.62 16.81
N GLN A 63 -3.92 -4.22 16.03
CA GLN A 63 -2.67 -3.58 15.63
C GLN A 63 -2.86 -2.76 14.36
N ARG A 64 -4.07 -2.25 14.16
CA ARG A 64 -4.38 -1.45 12.98
C ARG A 64 -4.50 -2.33 11.74
N ASN A 65 -5.59 -2.13 10.99
CA ASN A 65 -5.82 -2.92 9.78
C ASN A 65 -4.55 -3.06 8.97
N HIS A 66 -4.28 -4.28 8.51
CA HIS A 66 -3.09 -4.56 7.71
C HIS A 66 -3.43 -4.64 6.23
N ALA A 67 -2.41 -4.83 5.40
CA ALA A 67 -2.61 -4.93 3.96
C ALA A 67 -2.38 -6.35 3.47
N ILE A 68 -3.40 -6.94 2.87
CA ILE A 68 -3.30 -8.30 2.35
C ILE A 68 -3.10 -8.30 0.84
N ARG A 69 -2.63 -9.43 0.31
CA ARG A 69 -2.39 -9.57 -1.12
C ARG A 69 -1.89 -8.25 -1.71
N ILE A 70 -0.66 -7.87 -1.37
CA ILE A 70 -0.07 -6.64 -1.87
C ILE A 70 0.25 -6.75 -3.36
N LYS A 71 -0.50 -6.03 -4.18
CA LYS A 71 -0.29 -6.04 -5.62
C LYS A 71 0.11 -4.65 -6.12
N LYS A 72 1.29 -4.56 -6.71
CA LYS A 72 1.79 -3.29 -7.23
C LYS A 72 0.99 -2.86 -8.46
N LEU A 73 0.44 -1.65 -8.42
CA LEU A 73 -0.35 -1.13 -9.52
C LEU A 73 0.56 -0.45 -10.56
N PRO A 74 0.10 -0.44 -11.83
CA PRO A 74 0.84 0.17 -12.92
C PRO A 74 0.89 1.68 -12.82
N LYS A 75 1.99 2.26 -13.30
CA LYS A 75 2.17 3.72 -13.26
C LYS A 75 1.00 4.42 -13.96
N GLY A 76 0.35 5.32 -13.23
CA GLY A 76 -0.77 6.05 -13.80
C GLY A 76 -2.05 5.84 -13.01
N THR A 77 -2.41 4.59 -12.79
CA THR A 77 -3.62 4.25 -12.04
C THR A 77 -3.80 5.17 -10.84
N VAL A 78 -2.73 5.34 -10.07
CA VAL A 78 -2.78 6.20 -8.89
C VAL A 78 -1.85 7.40 -9.05
N SER A 79 -2.10 8.44 -8.26
CA SER A 79 -1.30 9.66 -8.32
C SER A 79 -1.79 10.69 -7.32
N PHE A 80 -1.06 11.80 -7.20
CA PHE A 80 -1.43 12.86 -6.28
C PHE A 80 -1.79 14.13 -7.03
N HIS A 81 -2.58 13.99 -8.08
CA HIS A 81 -3.00 15.14 -8.89
C HIS A 81 -1.79 15.82 -9.52
N SER A 82 -1.96 16.32 -10.74
CA SER A 82 -0.90 17.00 -11.46
C SER A 82 -0.94 18.50 -11.20
N HIS A 83 0.06 19.22 -11.73
CA HIS A 83 0.13 20.67 -11.56
C HIS A 83 -0.43 21.38 -12.79
N SER A 84 -0.71 22.67 -12.64
CA SER A 84 -1.26 23.46 -13.74
C SER A 84 -0.41 23.30 -14.99
N GLY A 85 -1.08 23.10 -16.13
CA GLY A 85 -0.38 22.92 -17.38
C GLY A 85 0.70 23.97 -17.59
N PRO A 86 0.30 25.13 -18.16
CA PRO A 86 1.22 26.23 -18.43
C PRO A 86 1.71 26.92 -17.15
N SER A 87 3.00 27.18 -17.08
CA SER A 87 3.59 27.82 -15.91
C SER A 87 4.20 29.17 -16.27
N SER A 88 4.57 29.94 -15.26
CA SER A 88 5.16 31.26 -15.48
C SER A 88 4.22 32.14 -16.29
N GLY A 89 3.42 32.95 -15.59
CA GLY A 89 2.49 33.83 -16.26
C GLY A 89 2.56 35.25 -15.73
N GLY A 1 -14.57 -14.25 -8.55
CA GLY A 1 -14.93 -13.07 -7.78
C GLY A 1 -16.42 -12.91 -7.60
N SER A 2 -16.96 -11.81 -8.10
CA SER A 2 -18.39 -11.54 -7.99
C SER A 2 -18.85 -11.62 -6.54
N SER A 3 -18.04 -11.08 -5.64
CA SER A 3 -18.36 -11.09 -4.22
C SER A 3 -18.37 -9.66 -3.65
N GLY A 4 -18.79 -9.54 -2.40
CA GLY A 4 -18.85 -8.24 -1.76
C GLY A 4 -17.60 -7.93 -0.97
N SER A 5 -17.76 -7.34 0.21
CA SER A 5 -16.64 -6.98 1.06
C SER A 5 -15.48 -6.44 0.24
N SER A 6 -15.57 -5.15 -0.13
CA SER A 6 -14.53 -4.52 -0.93
C SER A 6 -14.05 -3.23 -0.27
N GLY A 7 -13.05 -2.60 -0.86
CA GLY A 7 -12.52 -1.36 -0.32
C GLY A 7 -11.00 -1.33 -0.33
N ARG A 8 -10.42 -1.43 -1.52
CA ARG A 8 -8.97 -1.42 -1.66
C ARG A 8 -8.43 0.02 -1.61
N GLU A 9 -7.33 0.20 -0.87
CA GLU A 9 -6.73 1.52 -0.74
C GLU A 9 -5.38 1.57 -1.46
N MET A 10 -5.05 2.75 -1.99
CA MET A 10 -3.79 2.92 -2.69
C MET A 10 -2.83 3.79 -1.88
N GLY A 11 -1.52 3.63 -2.15
CA GLY A 11 -0.52 4.40 -1.43
C GLY A 11 0.88 4.16 -1.96
N VAL A 12 1.79 5.06 -1.63
CA VAL A 12 3.18 4.96 -2.08
C VAL A 12 4.05 4.34 -1.00
N ILE A 13 5.00 3.51 -1.42
CA ILE A 13 5.91 2.86 -0.48
C ILE A 13 6.95 3.84 0.06
N ALA A 14 6.78 4.24 1.31
CA ALA A 14 7.71 5.18 1.94
C ALA A 14 8.96 4.47 2.44
N ALA A 15 8.76 3.32 3.09
CA ALA A 15 9.87 2.55 3.62
C ALA A 15 9.89 1.14 3.03
N MET A 16 11.07 0.53 3.01
CA MET A 16 11.22 -0.81 2.47
C MET A 16 12.31 -1.58 3.20
N ARG A 17 12.26 -1.55 4.53
CA ARG A 17 13.25 -2.23 5.35
C ARG A 17 13.34 -3.70 4.97
N ASP A 18 14.27 -4.41 5.60
CA ASP A 18 14.46 -5.84 5.32
C ASP A 18 13.46 -6.69 6.10
N GLY A 19 12.20 -6.24 6.10
CA GLY A 19 11.16 -6.96 6.81
C GLY A 19 9.81 -6.29 6.71
N PHE A 20 9.78 -4.98 6.99
CA PHE A 20 8.54 -4.22 6.92
C PHE A 20 8.76 -2.88 6.22
N GLY A 21 7.70 -2.08 6.13
CA GLY A 21 7.79 -0.78 5.50
C GLY A 21 6.60 0.10 5.79
N PHE A 22 6.42 1.13 4.98
CA PHE A 22 5.31 2.06 5.17
C PHE A 22 4.67 2.42 3.83
N ILE A 23 3.35 2.58 3.84
CA ILE A 23 2.61 2.92 2.62
C ILE A 23 1.71 4.14 2.85
N LYS A 24 2.27 5.32 2.63
CA LYS A 24 1.52 6.56 2.80
C LYS A 24 0.25 6.55 1.95
N CYS A 25 -0.90 6.66 2.61
CA CYS A 25 -2.18 6.67 1.92
C CYS A 25 -2.44 8.03 1.28
N VAL A 26 -3.09 8.01 0.12
CA VAL A 26 -3.40 9.25 -0.59
C VAL A 26 -4.68 9.88 -0.06
N ASP A 27 -5.41 9.12 0.76
CA ASP A 27 -6.65 9.62 1.34
C ASP A 27 -6.45 10.07 2.78
N ARG A 28 -5.75 9.25 3.57
CA ARG A 28 -5.48 9.57 4.96
C ARG A 28 -4.07 10.10 5.13
N ASP A 29 -3.81 10.74 6.27
CA ASP A 29 -2.50 11.30 6.55
C ASP A 29 -1.70 10.36 7.46
N VAL A 30 -1.80 9.07 7.20
CA VAL A 30 -1.09 8.07 7.99
C VAL A 30 -0.59 6.92 7.12
N ARG A 31 0.56 6.36 7.48
CA ARG A 31 1.15 5.26 6.73
C ARG A 31 0.54 3.92 7.16
N MET A 32 0.57 2.95 6.26
CA MET A 32 0.03 1.63 6.56
C MET A 32 1.15 0.62 6.73
N PHE A 33 1.27 0.07 7.94
CA PHE A 33 2.30 -0.91 8.24
C PHE A 33 2.06 -2.21 7.47
N PHE A 34 2.95 -2.49 6.52
CA PHE A 34 2.84 -3.70 5.71
C PHE A 34 4.05 -4.61 5.91
N HIS A 35 3.85 -5.91 5.73
CA HIS A 35 4.92 -6.88 5.88
C HIS A 35 5.38 -7.41 4.54
N PHE A 36 6.62 -7.87 4.47
CA PHE A 36 7.18 -8.41 3.24
C PHE A 36 6.72 -9.86 3.01
N SER A 37 5.44 -10.11 3.26
CA SER A 37 4.87 -11.44 3.09
C SER A 37 3.65 -11.41 2.19
N GLU A 38 2.97 -10.26 2.17
CA GLU A 38 1.78 -10.10 1.35
C GLU A 38 2.16 -9.80 -0.11
N ILE A 39 3.42 -9.48 -0.33
CA ILE A 39 3.91 -9.17 -1.66
C ILE A 39 3.96 -10.43 -2.53
N LEU A 40 3.55 -11.55 -1.96
CA LEU A 40 3.54 -12.82 -2.68
C LEU A 40 2.78 -12.69 -4.00
N ASP A 41 1.87 -11.73 -4.05
CA ASP A 41 1.09 -11.50 -5.26
C ASP A 41 1.97 -11.51 -6.50
N GLY A 42 3.17 -10.97 -6.37
CA GLY A 42 4.09 -10.92 -7.49
C GLY A 42 4.30 -9.51 -8.01
N ASN A 43 5.35 -8.86 -7.52
CA ASN A 43 5.67 -7.49 -7.93
C ASN A 43 6.75 -6.89 -7.05
N GLN A 44 7.99 -6.92 -7.53
CA GLN A 44 9.12 -6.38 -6.79
C GLN A 44 8.91 -4.90 -6.48
N LEU A 45 8.30 -4.62 -5.33
CA LEU A 45 8.04 -3.24 -4.92
C LEU A 45 9.33 -2.44 -4.86
N HIS A 46 9.22 -1.12 -5.00
CA HIS A 46 10.37 -0.24 -4.95
C HIS A 46 10.02 1.09 -4.29
N ILE A 47 11.04 1.76 -3.75
CA ILE A 47 10.82 3.05 -3.09
C ILE A 47 9.89 3.94 -3.91
N ALA A 48 8.84 4.44 -3.25
CA ALA A 48 7.88 5.31 -3.91
C ALA A 48 7.18 4.59 -5.06
N ASP A 49 6.51 3.48 -4.74
CA ASP A 49 5.80 2.70 -5.74
C ASP A 49 4.35 2.47 -5.33
N GLU A 50 3.44 2.60 -6.28
CA GLU A 50 2.01 2.41 -6.01
C GLU A 50 1.71 0.95 -5.68
N VAL A 51 0.85 0.74 -4.70
CA VAL A 51 0.48 -0.61 -4.28
C VAL A 51 -0.99 -0.68 -3.89
N GLU A 52 -1.63 -1.80 -4.20
CA GLU A 52 -3.04 -2.00 -3.88
C GLU A 52 -3.21 -3.00 -2.75
N PHE A 53 -3.99 -2.64 -1.74
CA PHE A 53 -4.23 -3.51 -0.60
C PHE A 53 -5.63 -3.28 -0.03
N THR A 54 -6.20 -4.33 0.55
CA THR A 54 -7.54 -4.24 1.14
C THR A 54 -7.48 -3.80 2.59
N VAL A 55 -7.95 -2.59 2.87
CA VAL A 55 -7.95 -2.05 4.21
C VAL A 55 -9.25 -2.37 4.94
N VAL A 56 -9.14 -2.85 6.17
CA VAL A 56 -10.31 -3.20 6.97
C VAL A 56 -10.00 -3.16 8.46
N PRO A 57 -11.01 -2.84 9.27
CA PRO A 57 -10.86 -2.76 10.72
C PRO A 57 -10.64 -4.13 11.37
N ASP A 58 -9.44 -4.35 11.88
CA ASP A 58 -9.11 -5.62 12.52
C ASP A 58 -10.18 -6.02 13.52
N MET A 59 -10.19 -7.30 13.89
CA MET A 59 -11.17 -7.82 14.83
C MET A 59 -10.56 -7.92 16.23
N LEU A 60 -9.64 -7.02 16.54
CA LEU A 60 -8.99 -7.00 17.85
C LEU A 60 -8.91 -5.58 18.40
N SER A 61 -8.67 -4.62 17.51
CA SER A 61 -8.56 -3.22 17.91
C SER A 61 -9.41 -2.33 17.01
N ALA A 62 -10.13 -1.39 17.62
CA ALA A 62 -10.97 -0.47 16.87
C ALA A 62 -10.15 0.40 15.93
N GLN A 63 -9.07 0.96 16.45
CA GLN A 63 -8.19 1.81 15.66
C GLN A 63 -6.97 1.06 15.18
N ARG A 64 -7.16 0.18 14.21
CA ARG A 64 -6.07 -0.62 13.66
C ARG A 64 -6.41 -1.11 12.25
N ASN A 65 -5.41 -1.12 11.38
CA ASN A 65 -5.60 -1.58 10.00
C ASN A 65 -4.32 -2.19 9.46
N HIS A 66 -4.47 -3.08 8.47
CA HIS A 66 -3.32 -3.73 7.86
C HIS A 66 -3.51 -3.85 6.35
N ALA A 67 -2.50 -4.38 5.67
CA ALA A 67 -2.56 -4.55 4.22
C ALA A 67 -2.28 -5.99 3.82
N ILE A 68 -3.23 -6.60 3.12
CA ILE A 68 -3.09 -7.97 2.67
C ILE A 68 -2.89 -8.05 1.17
N ARG A 69 -2.36 -9.17 0.70
CA ARG A 69 -2.10 -9.36 -0.73
C ARG A 69 -1.71 -8.06 -1.40
N ILE A 70 -0.43 -7.71 -1.28
CA ILE A 70 0.09 -6.48 -1.87
C ILE A 70 0.28 -6.63 -3.37
N LYS A 71 -0.49 -5.88 -4.15
CA LYS A 71 -0.39 -5.93 -5.60
C LYS A 71 -0.14 -4.54 -6.18
N LYS A 72 1.02 -4.35 -6.78
CA LYS A 72 1.38 -3.08 -7.39
C LYS A 72 0.31 -2.61 -8.37
N LEU A 73 0.20 -1.30 -8.54
CA LEU A 73 -0.77 -0.73 -9.46
C LEU A 73 -0.10 -0.10 -10.67
N PRO A 74 -0.77 -0.16 -11.82
CA PRO A 74 -0.25 0.40 -13.07
C PRO A 74 -0.21 1.93 -13.05
N LYS A 75 0.59 2.51 -13.94
CA LYS A 75 0.72 3.96 -14.03
C LYS A 75 -0.58 4.59 -14.53
N GLY A 76 -1.10 5.55 -13.76
CA GLY A 76 -2.33 6.21 -14.15
C GLY A 76 -3.39 6.15 -13.06
N THR A 77 -3.57 4.96 -12.49
CA THR A 77 -4.56 4.77 -11.44
C THR A 77 -4.40 5.81 -10.33
N VAL A 78 -3.38 5.63 -9.50
CA VAL A 78 -3.11 6.55 -8.40
C VAL A 78 -2.66 7.91 -8.93
N SER A 79 -2.95 8.96 -8.17
CA SER A 79 -2.58 10.31 -8.55
C SER A 79 -2.91 11.32 -7.45
N PHE A 80 -1.88 11.97 -6.92
CA PHE A 80 -2.07 12.95 -5.86
C PHE A 80 -0.85 13.86 -5.74
N HIS A 81 -0.37 14.34 -6.89
CA HIS A 81 0.80 15.22 -6.91
C HIS A 81 1.11 15.66 -8.34
N SER A 82 1.16 14.71 -9.26
CA SER A 82 1.45 15.00 -10.66
C SER A 82 2.66 15.94 -10.78
N HIS A 83 3.85 15.37 -10.70
CA HIS A 83 5.07 16.14 -10.81
C HIS A 83 5.63 16.10 -12.22
N SER A 84 6.35 17.15 -12.61
CA SER A 84 6.93 17.24 -13.94
C SER A 84 8.44 16.98 -13.89
N GLY A 85 8.92 16.09 -14.75
CA GLY A 85 10.33 15.77 -14.78
C GLY A 85 10.70 14.95 -16.00
N PRO A 86 11.92 15.16 -16.51
CA PRO A 86 12.42 14.44 -17.69
C PRO A 86 12.72 12.98 -17.38
N SER A 87 12.48 12.58 -16.14
CA SER A 87 12.72 11.20 -15.72
C SER A 87 14.19 10.82 -15.89
N SER A 88 14.91 10.76 -14.77
CA SER A 88 16.32 10.42 -14.80
C SER A 88 16.51 8.93 -15.07
N GLY A 89 17.75 8.54 -15.36
CA GLY A 89 18.05 7.15 -15.64
C GLY A 89 18.77 6.96 -16.95
N GLY A 1 -25.12 -1.14 -6.38
CA GLY A 1 -25.32 -0.32 -5.18
C GLY A 1 -24.24 -0.56 -4.15
N SER A 2 -24.27 -1.73 -3.53
CA SER A 2 -23.30 -2.09 -2.51
C SER A 2 -22.53 -3.34 -2.89
N SER A 3 -23.26 -4.43 -3.10
CA SER A 3 -22.65 -5.71 -3.46
C SER A 3 -21.49 -6.04 -2.53
N GLY A 4 -21.79 -6.75 -1.45
CA GLY A 4 -20.76 -7.11 -0.49
C GLY A 4 -20.05 -5.91 0.09
N SER A 5 -18.77 -6.09 0.43
CA SER A 5 -17.97 -5.01 1.00
C SER A 5 -16.61 -4.91 0.31
N SER A 6 -16.42 -3.83 -0.45
CA SER A 6 -15.18 -3.62 -1.17
C SER A 6 -14.56 -2.27 -0.79
N GLY A 7 -13.39 -2.32 -0.14
CA GLY A 7 -12.72 -1.11 0.26
C GLY A 7 -11.22 -1.18 0.03
N ARG A 8 -10.83 -1.22 -1.24
CA ARG A 8 -9.41 -1.28 -1.60
C ARG A 8 -8.83 0.11 -1.75
N GLU A 9 -7.71 0.35 -1.09
CA GLU A 9 -7.04 1.66 -1.15
C GLU A 9 -5.66 1.53 -1.79
N MET A 10 -5.09 2.67 -2.17
CA MET A 10 -3.77 2.69 -2.79
C MET A 10 -2.85 3.67 -2.08
N GLY A 11 -1.55 3.42 -2.15
CA GLY A 11 -0.59 4.30 -1.50
C GLY A 11 0.82 4.11 -2.05
N VAL A 12 1.74 4.97 -1.62
CA VAL A 12 3.12 4.90 -2.07
C VAL A 12 4.04 4.49 -0.93
N ILE A 13 4.99 3.61 -1.23
CA ILE A 13 5.94 3.13 -0.23
C ILE A 13 6.88 4.24 0.21
N ALA A 14 7.20 4.26 1.50
CA ALA A 14 8.10 5.28 2.06
C ALA A 14 9.29 4.64 2.76
N ALA A 15 9.10 3.40 3.23
CA ALA A 15 10.16 2.68 3.92
C ALA A 15 10.32 1.27 3.36
N MET A 16 11.56 0.86 3.14
CA MET A 16 11.85 -0.47 2.60
C MET A 16 13.11 -1.04 3.23
N ARG A 17 13.15 -1.04 4.56
CA ARG A 17 14.31 -1.56 5.29
C ARG A 17 14.74 -2.92 4.72
N ASP A 18 14.10 -3.98 5.20
CA ASP A 18 14.41 -5.33 4.75
C ASP A 18 13.26 -6.28 5.05
N GLY A 19 12.05 -5.90 4.63
CA GLY A 19 10.90 -6.73 4.87
C GLY A 19 9.68 -5.93 5.28
N PHE A 20 9.88 -4.94 6.14
CA PHE A 20 8.79 -4.10 6.61
C PHE A 20 9.07 -2.63 6.32
N GLY A 21 8.04 -1.80 6.40
CA GLY A 21 8.20 -0.38 6.13
C GLY A 21 6.92 0.40 6.37
N PHE A 22 6.50 1.15 5.36
CA PHE A 22 5.28 1.95 5.46
C PHE A 22 4.72 2.26 4.08
N ILE A 23 3.50 2.79 4.05
CA ILE A 23 2.84 3.13 2.80
C ILE A 23 1.94 4.35 2.97
N LYS A 24 2.46 5.53 2.63
CA LYS A 24 1.69 6.77 2.73
C LYS A 24 0.50 6.75 1.79
N CYS A 25 -0.70 6.64 2.34
CA CYS A 25 -1.91 6.62 1.54
C CYS A 25 -2.19 7.99 0.94
N VAL A 26 -2.89 8.01 -0.20
CA VAL A 26 -3.22 9.25 -0.88
C VAL A 26 -4.49 9.86 -0.33
N ASP A 27 -5.39 9.01 0.16
CA ASP A 27 -6.65 9.47 0.72
C ASP A 27 -6.48 9.88 2.19
N ARG A 28 -5.73 9.07 2.93
CA ARG A 28 -5.49 9.35 4.34
C ARG A 28 -4.14 10.02 4.54
N ASP A 29 -3.95 10.60 5.73
CA ASP A 29 -2.69 11.28 6.04
C ASP A 29 -1.86 10.46 7.02
N VAL A 30 -1.87 9.15 6.84
CA VAL A 30 -1.11 8.25 7.71
C VAL A 30 -0.44 7.15 6.91
N ARG A 31 0.34 6.32 7.60
CA ARG A 31 1.04 5.22 6.94
C ARG A 31 0.32 3.90 7.17
N MET A 32 0.44 2.99 6.21
CA MET A 32 -0.20 1.68 6.31
C MET A 32 0.84 0.57 6.36
N PHE A 33 1.49 0.43 7.52
CA PHE A 33 2.51 -0.59 7.70
C PHE A 33 2.12 -1.87 6.98
N PHE A 34 3.12 -2.62 6.52
CA PHE A 34 2.88 -3.88 5.83
C PHE A 34 4.08 -4.82 5.98
N HIS A 35 3.84 -6.11 5.77
CA HIS A 35 4.88 -7.12 5.89
C HIS A 35 5.31 -7.62 4.51
N PHE A 36 6.53 -8.12 4.42
CA PHE A 36 7.07 -8.63 3.16
C PHE A 36 6.60 -10.07 2.92
N SER A 37 5.37 -10.36 3.31
CA SER A 37 4.80 -11.69 3.14
C SER A 37 3.55 -11.66 2.28
N GLU A 38 2.97 -10.47 2.15
CA GLU A 38 1.76 -10.30 1.36
C GLU A 38 2.10 -9.91 -0.07
N ILE A 39 3.36 -9.55 -0.30
CA ILE A 39 3.81 -9.15 -1.63
C ILE A 39 3.87 -10.35 -2.57
N LEU A 40 3.51 -11.51 -2.05
CA LEU A 40 3.52 -12.74 -2.84
C LEU A 40 2.73 -12.56 -4.13
N ASP A 41 1.86 -11.57 -4.15
CA ASP A 41 1.04 -11.30 -5.33
C ASP A 41 1.89 -11.33 -6.60
N GLY A 42 3.17 -11.03 -6.45
CA GLY A 42 4.07 -11.03 -7.59
C GLY A 42 4.40 -9.63 -8.07
N ASN A 43 5.37 -8.99 -7.43
CA ASN A 43 5.77 -7.64 -7.80
C ASN A 43 6.74 -7.06 -6.78
N GLN A 44 7.92 -6.67 -7.25
CA GLN A 44 8.95 -6.10 -6.38
C GLN A 44 8.61 -4.66 -5.99
N LEU A 45 8.61 -4.38 -4.70
CA LEU A 45 8.31 -3.04 -4.20
C LEU A 45 9.52 -2.13 -4.30
N HIS A 46 9.29 -0.82 -4.17
CA HIS A 46 10.37 0.15 -4.23
C HIS A 46 9.91 1.51 -3.74
N ILE A 47 10.81 2.26 -3.13
CA ILE A 47 10.49 3.59 -2.62
C ILE A 47 9.61 4.36 -3.60
N ALA A 48 8.39 4.67 -3.17
CA ALA A 48 7.45 5.41 -4.01
C ALA A 48 6.79 4.49 -5.04
N ASP A 49 6.23 3.38 -4.55
CA ASP A 49 5.57 2.41 -5.42
C ASP A 49 4.09 2.30 -5.07
N GLU A 50 3.24 2.40 -6.09
CA GLU A 50 1.79 2.31 -5.88
C GLU A 50 1.35 0.86 -5.75
N VAL A 51 0.49 0.59 -4.77
CA VAL A 51 -0.01 -0.76 -4.54
C VAL A 51 -1.48 -0.74 -4.19
N GLU A 52 -2.11 -1.92 -4.17
CA GLU A 52 -3.52 -2.04 -3.85
C GLU A 52 -3.76 -3.15 -2.83
N PHE A 53 -4.44 -2.82 -1.75
CA PHE A 53 -4.73 -3.78 -0.69
C PHE A 53 -6.17 -3.62 -0.19
N THR A 54 -6.75 -4.72 0.27
CA THR A 54 -8.12 -4.70 0.78
C THR A 54 -8.18 -4.10 2.18
N VAL A 55 -7.49 -4.75 3.12
CA VAL A 55 -7.45 -4.28 4.50
C VAL A 55 -8.85 -4.33 5.13
N VAL A 56 -8.91 -4.79 6.37
CA VAL A 56 -10.17 -4.89 7.09
C VAL A 56 -9.98 -4.74 8.58
N PRO A 57 -10.95 -4.10 9.26
CA PRO A 57 -10.90 -3.87 10.70
C PRO A 57 -11.07 -5.17 11.49
N ASP A 58 -10.39 -5.26 12.63
CA ASP A 58 -10.47 -6.44 13.48
C ASP A 58 -11.46 -6.22 14.62
N MET A 59 -11.56 -7.21 15.50
CA MET A 59 -12.47 -7.13 16.63
C MET A 59 -11.75 -7.44 17.94
N LEU A 60 -10.92 -8.49 17.92
CA LEU A 60 -10.16 -8.89 19.10
C LEU A 60 -8.68 -9.02 18.78
N SER A 61 -8.37 -9.78 17.73
CA SER A 61 -6.99 -9.98 17.32
C SER A 61 -6.16 -8.73 17.55
N ALA A 62 -5.19 -8.84 18.46
CA ALA A 62 -4.32 -7.71 18.77
C ALA A 62 -4.07 -6.85 17.54
N GLN A 63 -3.47 -7.46 16.52
CA GLN A 63 -3.17 -6.74 15.27
C GLN A 63 -4.34 -5.85 14.85
N ARG A 64 -4.07 -4.90 13.98
CA ARG A 64 -5.10 -3.98 13.50
C ARG A 64 -5.17 -3.99 11.98
N ASN A 65 -5.73 -2.93 11.41
CA ASN A 65 -5.87 -2.82 9.97
C ASN A 65 -4.56 -3.19 9.27
N HIS A 66 -4.51 -4.40 8.73
CA HIS A 66 -3.32 -4.88 8.04
C HIS A 66 -3.59 -5.07 6.54
N ALA A 67 -2.56 -4.83 5.73
CA ALA A 67 -2.69 -4.96 4.28
C ALA A 67 -2.41 -6.40 3.84
N ILE A 68 -3.36 -6.98 3.13
CA ILE A 68 -3.22 -8.35 2.64
C ILE A 68 -3.05 -8.38 1.12
N ARG A 69 -2.54 -9.50 0.61
CA ARG A 69 -2.34 -9.64 -0.83
C ARG A 69 -1.96 -8.32 -1.47
N ILE A 70 -0.69 -7.92 -1.29
CA ILE A 70 -0.20 -6.68 -1.85
C ILE A 70 0.08 -6.81 -3.35
N LYS A 71 -0.51 -5.92 -4.14
CA LYS A 71 -0.32 -5.95 -5.59
C LYS A 71 0.02 -4.55 -6.11
N LYS A 72 1.17 -4.46 -6.79
CA LYS A 72 1.62 -3.19 -7.34
C LYS A 72 0.74 -2.76 -8.52
N LEU A 73 0.33 -1.50 -8.51
CA LEU A 73 -0.51 -0.97 -9.58
C LEU A 73 0.33 -0.29 -10.66
N PRO A 74 -0.15 -0.33 -11.91
CA PRO A 74 0.54 0.27 -13.05
C PRO A 74 0.53 1.80 -12.99
N LYS A 75 1.53 2.41 -13.62
CA LYS A 75 1.63 3.86 -13.65
C LYS A 75 0.45 4.48 -14.38
N GLY A 76 -0.41 5.18 -13.65
CA GLY A 76 -1.57 5.82 -14.24
C GLY A 76 -2.79 5.74 -13.35
N THR A 77 -3.03 4.57 -12.76
CA THR A 77 -4.18 4.37 -11.89
C THR A 77 -4.14 5.35 -10.71
N VAL A 78 -3.01 5.37 -10.00
CA VAL A 78 -2.85 6.26 -8.86
C VAL A 78 -2.06 7.50 -9.24
N SER A 79 -2.31 8.60 -8.52
CA SER A 79 -1.62 9.85 -8.78
C SER A 79 -2.07 10.93 -7.80
N PHE A 80 -1.10 11.55 -7.12
CA PHE A 80 -1.39 12.59 -6.15
C PHE A 80 -0.13 13.41 -5.84
N HIS A 81 -0.27 14.73 -5.90
CA HIS A 81 0.84 15.62 -5.63
C HIS A 81 2.05 15.29 -6.51
N SER A 82 2.31 16.12 -7.49
CA SER A 82 3.43 15.91 -8.40
C SER A 82 4.75 15.91 -7.65
N HIS A 83 5.47 14.78 -7.74
CA HIS A 83 6.75 14.65 -7.06
C HIS A 83 7.89 15.16 -7.95
N SER A 84 8.77 15.95 -7.36
CA SER A 84 9.90 16.52 -8.08
C SER A 84 11.01 16.96 -7.13
N GLY A 85 12.22 16.49 -7.38
CA GLY A 85 13.35 16.85 -6.55
C GLY A 85 14.33 15.71 -6.37
N PRO A 86 15.24 15.55 -7.35
CA PRO A 86 16.26 14.50 -7.34
C PRO A 86 17.30 14.73 -6.26
N SER A 87 17.33 13.85 -5.26
CA SER A 87 18.29 13.95 -4.17
C SER A 87 19.02 12.64 -3.96
N SER A 88 18.26 11.55 -3.95
CA SER A 88 18.83 10.21 -3.75
C SER A 88 18.11 9.18 -4.60
N GLY A 89 18.72 8.01 -4.76
CA GLY A 89 18.12 6.95 -5.54
C GLY A 89 18.72 5.59 -5.24
N GLY A 1 -19.70 -16.93 -3.94
CA GLY A 1 -18.78 -16.86 -2.83
C GLY A 1 -18.31 -15.44 -2.56
N SER A 2 -18.40 -15.02 -1.31
CA SER A 2 -17.99 -13.68 -0.91
C SER A 2 -16.73 -13.72 -0.06
N SER A 3 -16.12 -12.55 0.15
CA SER A 3 -14.90 -12.46 0.94
C SER A 3 -14.81 -11.09 1.63
N GLY A 4 -13.78 -10.93 2.46
CA GLY A 4 -13.60 -9.67 3.17
C GLY A 4 -13.02 -8.59 2.28
N SER A 5 -13.74 -8.25 1.21
CA SER A 5 -13.29 -7.23 0.28
C SER A 5 -14.39 -6.20 0.03
N SER A 6 -14.20 -4.99 0.55
CA SER A 6 -15.17 -3.93 0.38
C SER A 6 -14.51 -2.67 -0.19
N GLY A 7 -13.59 -2.09 0.56
CA GLY A 7 -12.89 -0.91 0.11
C GLY A 7 -11.40 -1.13 -0.07
N ARG A 8 -10.94 -1.02 -1.32
CA ARG A 8 -9.53 -1.21 -1.62
C ARG A 8 -8.79 0.12 -1.68
N GLU A 9 -7.79 0.29 -0.82
CA GLU A 9 -7.02 1.51 -0.77
C GLU A 9 -5.61 1.29 -1.33
N MET A 10 -4.98 2.38 -1.76
CA MET A 10 -3.64 2.30 -2.32
C MET A 10 -2.86 3.59 -2.03
N GLY A 11 -1.54 3.46 -1.92
CA GLY A 11 -0.71 4.62 -1.65
C GLY A 11 0.67 4.50 -2.26
N VAL A 12 1.68 5.02 -1.55
CA VAL A 12 3.06 4.96 -2.03
C VAL A 12 3.99 4.45 -0.94
N ILE A 13 4.90 3.56 -1.32
CA ILE A 13 5.86 3.01 -0.37
C ILE A 13 6.83 4.07 0.13
N ALA A 14 6.76 4.38 1.41
CA ALA A 14 7.63 5.38 2.01
C ALA A 14 8.88 4.74 2.59
N ALA A 15 8.78 3.47 2.98
CA ALA A 15 9.90 2.74 3.54
C ALA A 15 9.97 1.32 2.99
N MET A 16 11.11 0.67 3.19
CA MET A 16 11.31 -0.69 2.71
C MET A 16 12.34 -1.42 3.55
N ARG A 17 12.36 -1.13 4.86
CA ARG A 17 13.30 -1.75 5.77
C ARG A 17 13.30 -3.27 5.60
N ASP A 18 14.39 -3.90 5.99
CA ASP A 18 14.51 -5.35 5.88
C ASP A 18 13.42 -6.05 6.68
N GLY A 19 12.33 -6.41 6.01
CA GLY A 19 11.22 -7.07 6.67
C GLY A 19 9.90 -6.37 6.45
N PHE A 20 9.89 -5.05 6.63
CA PHE A 20 8.69 -4.27 6.46
C PHE A 20 9.02 -2.81 6.12
N GLY A 21 7.99 -1.98 6.02
CA GLY A 21 8.20 -0.58 5.71
C GLY A 21 7.00 0.27 6.06
N PHE A 22 6.60 1.14 5.13
CA PHE A 22 5.46 2.02 5.35
C PHE A 22 4.81 2.41 4.01
N ILE A 23 3.54 2.79 4.08
CA ILE A 23 2.81 3.19 2.88
C ILE A 23 1.99 4.45 3.13
N LYS A 24 2.44 5.56 2.58
CA LYS A 24 1.75 6.84 2.74
C LYS A 24 0.58 6.95 1.77
N CYS A 25 -0.63 6.94 2.32
CA CYS A 25 -1.85 7.03 1.51
C CYS A 25 -2.08 8.47 1.05
N VAL A 26 -2.81 8.63 -0.05
CA VAL A 26 -3.11 9.95 -0.59
C VAL A 26 -4.22 10.62 0.20
N ASP A 27 -5.32 9.92 0.40
CA ASP A 27 -6.45 10.46 1.14
C ASP A 27 -6.15 10.48 2.64
N ARG A 28 -5.48 9.44 3.12
CA ARG A 28 -5.14 9.34 4.54
C ARG A 28 -3.71 9.81 4.78
N ASP A 29 -3.48 10.42 5.94
CA ASP A 29 -2.15 10.92 6.30
C ASP A 29 -1.51 10.04 7.36
N VAL A 30 -1.68 8.73 7.21
CA VAL A 30 -1.11 7.77 8.15
C VAL A 30 -0.44 6.60 7.41
N ARG A 31 0.78 6.28 7.84
CA ARG A 31 1.52 5.18 7.22
C ARG A 31 0.86 3.84 7.52
N MET A 32 0.76 3.00 6.49
CA MET A 32 0.14 1.69 6.64
C MET A 32 1.22 0.60 6.79
N PHE A 33 1.29 0.03 7.99
CA PHE A 33 2.28 -1.02 8.26
C PHE A 33 1.92 -2.30 7.51
N PHE A 34 2.86 -2.78 6.70
CA PHE A 34 2.65 -4.00 5.93
C PHE A 34 3.81 -4.98 6.13
N HIS A 35 3.56 -6.25 5.82
CA HIS A 35 4.57 -7.28 5.97
C HIS A 35 5.08 -7.74 4.60
N PHE A 36 6.30 -8.27 4.58
CA PHE A 36 6.92 -8.73 3.34
C PHE A 36 6.45 -10.15 3.02
N SER A 37 5.19 -10.45 3.32
CA SER A 37 4.64 -11.77 3.07
C SER A 37 3.44 -11.69 2.13
N GLU A 38 2.76 -10.54 2.14
CA GLU A 38 1.60 -10.35 1.29
C GLU A 38 2.02 -9.97 -0.13
N ILE A 39 3.29 -9.61 -0.27
CA ILE A 39 3.82 -9.23 -1.58
C ILE A 39 3.94 -10.44 -2.50
N LEU A 40 3.54 -11.60 -2.00
CA LEU A 40 3.60 -12.83 -2.78
C LEU A 40 2.89 -12.65 -4.13
N ASP A 41 1.94 -11.73 -4.17
CA ASP A 41 1.19 -11.47 -5.39
C ASP A 41 2.11 -11.48 -6.61
N GLY A 42 3.37 -11.11 -6.40
CA GLY A 42 4.33 -11.09 -7.48
C GLY A 42 4.60 -9.69 -8.00
N ASN A 43 5.59 -9.03 -7.42
CA ASN A 43 5.94 -7.67 -7.82
C ASN A 43 6.94 -7.05 -6.85
N GLN A 44 8.19 -6.97 -7.27
CA GLN A 44 9.25 -6.39 -6.44
C GLN A 44 8.98 -4.92 -6.18
N LEU A 45 8.36 -4.62 -5.04
CA LEU A 45 8.05 -3.25 -4.67
C LEU A 45 9.33 -2.41 -4.57
N HIS A 46 9.18 -1.09 -4.72
CA HIS A 46 10.32 -0.18 -4.65
C HIS A 46 9.94 1.10 -3.93
N ILE A 47 10.94 1.92 -3.63
CA ILE A 47 10.72 3.19 -2.93
C ILE A 47 9.83 4.11 -3.76
N ALA A 48 8.65 4.42 -3.23
CA ALA A 48 7.71 5.31 -3.92
C ALA A 48 7.01 4.57 -5.05
N ASP A 49 6.31 3.50 -4.71
CA ASP A 49 5.58 2.71 -5.70
C ASP A 49 4.11 2.58 -5.32
N GLU A 50 3.25 2.47 -6.34
CA GLU A 50 1.81 2.34 -6.11
C GLU A 50 1.44 0.91 -5.75
N VAL A 51 0.65 0.75 -4.69
CA VAL A 51 0.22 -0.56 -4.24
C VAL A 51 -1.25 -0.54 -3.82
N GLU A 52 -1.96 -1.63 -4.14
CA GLU A 52 -3.37 -1.74 -3.79
C GLU A 52 -3.61 -2.90 -2.84
N PHE A 53 -4.30 -2.63 -1.74
CA PHE A 53 -4.60 -3.64 -0.75
C PHE A 53 -5.93 -3.37 -0.06
N THR A 54 -6.56 -4.42 0.46
CA THR A 54 -7.84 -4.30 1.13
C THR A 54 -7.65 -4.02 2.62
N VAL A 55 -8.21 -2.91 3.09
CA VAL A 55 -8.11 -2.53 4.50
C VAL A 55 -9.35 -2.94 5.26
N VAL A 56 -9.18 -3.83 6.24
CA VAL A 56 -10.30 -4.30 7.05
C VAL A 56 -9.90 -4.41 8.52
N PRO A 57 -10.85 -4.11 9.42
CA PRO A 57 -10.61 -4.18 10.87
C PRO A 57 -10.45 -5.62 11.37
N ASP A 58 -9.57 -5.81 12.34
CA ASP A 58 -9.33 -7.13 12.90
C ASP A 58 -9.59 -7.13 14.40
N MET A 59 -10.16 -8.22 14.90
CA MET A 59 -10.46 -8.35 16.32
C MET A 59 -9.44 -9.24 17.02
N LEU A 60 -8.26 -9.36 16.41
CA LEU A 60 -7.20 -10.20 16.97
C LEU A 60 -5.90 -9.40 17.10
N SER A 61 -6.02 -8.15 17.53
CA SER A 61 -4.85 -7.29 17.70
C SER A 61 -5.27 -5.91 18.24
N ALA A 62 -6.14 -5.93 19.24
CA ALA A 62 -6.62 -4.69 19.85
C ALA A 62 -7.05 -3.68 18.79
N GLN A 63 -7.66 -4.18 17.72
CA GLN A 63 -8.12 -3.32 16.63
C GLN A 63 -6.93 -2.81 15.81
N ARG A 64 -6.78 -3.34 14.61
CA ARG A 64 -5.69 -2.94 13.72
C ARG A 64 -5.93 -3.42 12.30
N ASN A 65 -5.64 -2.57 11.33
CA ASN A 65 -5.83 -2.91 9.92
C ASN A 65 -4.53 -3.42 9.30
N HIS A 66 -4.66 -4.32 8.33
CA HIS A 66 -3.49 -4.88 7.66
C HIS A 66 -3.76 -5.03 6.16
N ALA A 67 -2.71 -4.84 5.36
CA ALA A 67 -2.82 -4.95 3.91
C ALA A 67 -2.55 -6.39 3.45
N ILE A 68 -3.54 -7.00 2.82
CA ILE A 68 -3.41 -8.36 2.34
C ILE A 68 -3.10 -8.39 0.85
N ARG A 69 -2.48 -9.47 0.39
CA ARG A 69 -2.13 -9.63 -1.01
C ARG A 69 -1.74 -8.27 -1.62
N ILE A 70 -0.48 -7.90 -1.45
CA ILE A 70 0.01 -6.63 -1.99
C ILE A 70 0.42 -6.77 -3.45
N LYS A 71 -0.32 -6.09 -4.33
CA LYS A 71 -0.03 -6.15 -5.76
C LYS A 71 0.26 -4.75 -6.30
N LYS A 72 1.50 -4.55 -6.76
CA LYS A 72 1.90 -3.25 -7.32
C LYS A 72 0.95 -2.81 -8.42
N LEU A 73 0.63 -1.52 -8.44
CA LEU A 73 -0.27 -0.96 -9.44
C LEU A 73 0.51 -0.33 -10.58
N PRO A 74 -0.06 -0.37 -11.80
CA PRO A 74 0.57 0.20 -12.99
C PRO A 74 0.61 1.72 -12.96
N LYS A 75 1.64 2.29 -13.57
CA LYS A 75 1.80 3.74 -13.60
C LYS A 75 0.50 4.41 -14.03
N GLY A 76 0.28 5.63 -13.54
CA GLY A 76 -0.92 6.36 -13.88
C GLY A 76 -2.16 5.80 -13.21
N THR A 77 -2.20 5.90 -11.88
CA THR A 77 -3.33 5.39 -11.11
C THR A 77 -3.53 6.20 -9.83
N VAL A 78 -2.45 6.41 -9.09
CA VAL A 78 -2.50 7.16 -7.84
C VAL A 78 -1.80 8.51 -7.99
N SER A 79 -2.20 9.46 -7.16
CA SER A 79 -1.61 10.80 -7.20
C SER A 79 -2.12 11.65 -6.03
N PHE A 80 -1.49 12.81 -5.84
CA PHE A 80 -1.87 13.72 -4.76
C PHE A 80 -2.35 15.05 -5.31
N HIS A 81 -3.62 15.11 -5.67
CA HIS A 81 -4.21 16.34 -6.22
C HIS A 81 -3.20 17.09 -7.06
N SER A 82 -2.97 16.60 -8.28
CA SER A 82 -2.02 17.23 -9.19
C SER A 82 -1.99 16.50 -10.53
N HIS A 83 -1.16 17.00 -11.45
CA HIS A 83 -1.04 16.39 -12.77
C HIS A 83 0.30 15.67 -12.91
N SER A 84 0.24 14.40 -13.32
CA SER A 84 1.44 13.60 -13.49
C SER A 84 2.45 14.30 -14.40
N GLY A 85 3.47 14.90 -13.80
CA GLY A 85 4.47 15.60 -14.57
C GLY A 85 5.67 14.73 -14.88
N PRO A 86 6.74 15.35 -15.39
CA PRO A 86 7.98 14.63 -15.75
C PRO A 86 8.73 14.14 -14.52
N SER A 87 8.34 14.62 -13.35
CA SER A 87 8.97 14.23 -12.10
C SER A 87 9.26 12.73 -12.08
N SER A 88 10.54 12.37 -12.06
CA SER A 88 10.93 10.97 -12.05
C SER A 88 10.55 10.31 -10.73
N GLY A 89 10.91 9.04 -10.59
CA GLY A 89 10.61 8.31 -9.37
C GLY A 89 9.19 8.55 -8.88
N GLY A 1 -20.45 -14.08 -7.97
CA GLY A 1 -20.44 -14.85 -6.74
C GLY A 1 -19.43 -14.34 -5.74
N SER A 2 -19.85 -14.20 -4.50
CA SER A 2 -18.98 -13.70 -3.44
C SER A 2 -18.35 -12.37 -3.83
N SER A 3 -18.97 -11.28 -3.38
CA SER A 3 -18.49 -9.94 -3.69
C SER A 3 -18.67 -9.01 -2.50
N GLY A 4 -17.56 -8.62 -1.89
CA GLY A 4 -17.62 -7.73 -0.74
C GLY A 4 -16.26 -7.12 -0.40
N SER A 5 -16.22 -6.35 0.68
CA SER A 5 -14.98 -5.71 1.10
C SER A 5 -14.26 -5.08 -0.09
N SER A 6 -15.03 -4.48 -0.99
CA SER A 6 -14.47 -3.84 -2.17
C SER A 6 -13.94 -2.45 -1.85
N GLY A 7 -13.24 -2.34 -0.72
CA GLY A 7 -12.69 -1.06 -0.32
C GLY A 7 -11.17 -1.05 -0.30
N ARG A 8 -10.57 -1.26 -1.47
CA ARG A 8 -9.12 -1.28 -1.58
C ARG A 8 -8.56 0.13 -1.73
N GLU A 9 -7.53 0.44 -0.94
CA GLU A 9 -6.91 1.75 -0.97
C GLU A 9 -5.49 1.68 -1.53
N MET A 10 -5.04 2.76 -2.14
CA MET A 10 -3.71 2.81 -2.72
C MET A 10 -2.81 3.79 -1.95
N GLY A 11 -1.51 3.58 -2.04
CA GLY A 11 -0.57 4.45 -1.35
C GLY A 11 0.85 4.30 -1.85
N VAL A 12 1.69 5.29 -1.57
CA VAL A 12 3.08 5.26 -2.00
C VAL A 12 3.99 4.75 -0.89
N ILE A 13 5.04 4.03 -1.28
CA ILE A 13 5.99 3.48 -0.31
C ILE A 13 6.82 4.60 0.32
N ALA A 14 6.77 4.68 1.65
CA ALA A 14 7.53 5.69 2.37
C ALA A 14 8.86 5.14 2.86
N ALA A 15 8.91 3.83 3.10
CA ALA A 15 10.12 3.18 3.56
C ALA A 15 10.15 1.71 3.16
N MET A 16 11.35 1.13 3.13
CA MET A 16 11.50 -0.28 2.75
C MET A 16 12.64 -0.92 3.55
N ARG A 17 12.32 -1.37 4.76
CA ARG A 17 13.31 -2.00 5.63
C ARG A 17 13.21 -3.53 5.53
N ASP A 18 14.34 -4.19 5.73
CA ASP A 18 14.38 -5.66 5.66
C ASP A 18 13.48 -6.27 6.72
N GLY A 19 12.25 -6.59 6.34
CA GLY A 19 11.31 -7.18 7.26
C GLY A 19 9.94 -6.55 7.19
N PHE A 20 9.91 -5.24 6.93
CA PHE A 20 8.65 -4.51 6.84
C PHE A 20 8.84 -3.20 6.08
N GLY A 21 7.75 -2.47 5.89
CA GLY A 21 7.81 -1.21 5.18
C GLY A 21 6.68 -0.27 5.54
N PHE A 22 6.46 0.74 4.72
CA PHE A 22 5.40 1.72 4.96
C PHE A 22 4.78 2.20 3.65
N ILE A 23 3.48 2.46 3.68
CA ILE A 23 2.78 2.93 2.49
C ILE A 23 1.84 4.08 2.82
N LYS A 24 2.31 5.31 2.60
CA LYS A 24 1.52 6.50 2.88
C LYS A 24 0.28 6.54 1.98
N CYS A 25 -0.89 6.60 2.62
CA CYS A 25 -2.15 6.66 1.90
C CYS A 25 -2.17 7.82 0.92
N VAL A 26 -2.52 7.53 -0.34
CA VAL A 26 -2.57 8.56 -1.37
C VAL A 26 -3.56 9.67 -1.00
N ASP A 27 -4.67 9.27 -0.38
CA ASP A 27 -5.69 10.23 0.04
C ASP A 27 -5.48 10.66 1.49
N ARG A 28 -5.15 9.69 2.34
CA ARG A 28 -4.93 9.96 3.76
C ARG A 28 -3.48 10.37 4.01
N ASP A 29 -3.16 10.67 5.27
CA ASP A 29 -1.81 11.07 5.63
C ASP A 29 -1.25 10.16 6.71
N VAL A 30 -1.38 8.85 6.49
CA VAL A 30 -0.88 7.86 7.43
C VAL A 30 -0.24 6.68 6.71
N ARG A 31 0.79 6.11 7.33
CA ARG A 31 1.49 4.97 6.74
C ARG A 31 0.74 3.67 7.02
N MET A 32 0.87 2.71 6.12
CA MET A 32 0.20 1.42 6.27
C MET A 32 1.22 0.31 6.50
N PHE A 33 1.69 0.18 7.74
CA PHE A 33 2.67 -0.85 8.08
C PHE A 33 2.35 -2.17 7.40
N PHE A 34 3.23 -2.61 6.52
CA PHE A 34 3.03 -3.86 5.80
C PHE A 34 4.22 -4.80 5.99
N HIS A 35 4.01 -6.08 5.71
CA HIS A 35 5.07 -7.07 5.85
C HIS A 35 5.48 -7.64 4.50
N PHE A 36 6.70 -8.13 4.40
CA PHE A 36 7.22 -8.70 3.16
C PHE A 36 6.72 -10.12 2.97
N SER A 37 5.43 -10.34 3.25
CA SER A 37 4.84 -11.67 3.11
C SER A 37 3.56 -11.59 2.28
N GLU A 38 2.88 -10.46 2.34
CA GLU A 38 1.65 -10.27 1.59
C GLU A 38 1.94 -9.89 0.14
N ILE A 39 3.18 -9.47 -0.11
CA ILE A 39 3.59 -9.07 -1.46
C ILE A 39 3.68 -10.29 -2.38
N LEU A 40 3.37 -11.45 -1.83
CA LEU A 40 3.41 -12.70 -2.62
C LEU A 40 2.60 -12.56 -3.89
N ASP A 41 1.62 -11.67 -3.88
CA ASP A 41 0.76 -11.44 -5.04
C ASP A 41 1.59 -11.40 -6.32
N GLY A 42 2.85 -10.97 -6.20
CA GLY A 42 3.72 -10.89 -7.35
C GLY A 42 3.98 -9.46 -7.78
N ASN A 43 5.02 -8.86 -7.23
CA ASN A 43 5.37 -7.49 -7.56
C ASN A 43 6.44 -6.95 -6.61
N GLN A 44 7.58 -6.54 -7.16
CA GLN A 44 8.67 -6.01 -6.36
C GLN A 44 8.45 -4.54 -6.04
N LEU A 45 8.33 -4.23 -4.76
CA LEU A 45 8.11 -2.86 -4.32
C LEU A 45 9.40 -2.04 -4.40
N HIS A 46 9.29 -0.73 -4.18
CA HIS A 46 10.44 0.15 -4.23
C HIS A 46 10.05 1.58 -3.82
N ILE A 47 11.03 2.34 -3.37
CA ILE A 47 10.79 3.71 -2.95
C ILE A 47 9.77 4.40 -3.86
N ALA A 48 8.66 4.81 -3.27
CA ALA A 48 7.60 5.48 -4.02
C ALA A 48 7.02 4.56 -5.09
N ASP A 49 6.28 3.55 -4.66
CA ASP A 49 5.67 2.59 -5.57
C ASP A 49 4.20 2.37 -5.22
N GLU A 50 3.33 2.52 -6.22
CA GLU A 50 1.89 2.34 -6.01
C GLU A 50 1.57 0.87 -5.73
N VAL A 51 0.78 0.63 -4.69
CA VAL A 51 0.39 -0.73 -4.32
C VAL A 51 -1.06 -0.78 -3.86
N GLU A 52 -1.79 -1.79 -4.34
CA GLU A 52 -3.19 -1.94 -3.98
C GLU A 52 -3.37 -3.07 -2.97
N PHE A 53 -4.08 -2.77 -1.88
CA PHE A 53 -4.32 -3.76 -0.84
C PHE A 53 -5.77 -3.71 -0.37
N THR A 54 -6.26 -4.83 0.14
CA THR A 54 -7.63 -4.93 0.62
C THR A 54 -7.74 -4.42 2.06
N VAL A 55 -6.96 -5.01 2.95
CA VAL A 55 -6.97 -4.61 4.36
C VAL A 55 -8.32 -4.91 4.99
N VAL A 56 -8.29 -5.37 6.25
CA VAL A 56 -9.51 -5.69 6.98
C VAL A 56 -9.30 -5.57 8.48
N PRO A 57 -10.34 -5.10 9.19
CA PRO A 57 -10.30 -4.93 10.65
C PRO A 57 -10.26 -6.26 11.38
N ASP A 58 -9.33 -6.38 12.33
CA ASP A 58 -9.19 -7.59 13.11
C ASP A 58 -10.51 -7.96 13.79
N MET A 59 -10.59 -9.19 14.29
CA MET A 59 -11.80 -9.66 14.96
C MET A 59 -11.84 -9.18 16.41
N LEU A 60 -10.69 -9.18 17.06
CA LEU A 60 -10.59 -8.74 18.46
C LEU A 60 -11.22 -7.36 18.63
N SER A 61 -10.53 -6.33 18.13
CA SER A 61 -11.01 -4.97 18.24
C SER A 61 -10.25 -4.05 17.30
N ALA A 62 -10.12 -4.47 16.04
CA ALA A 62 -9.42 -3.69 15.04
C ALA A 62 -8.15 -3.06 15.61
N GLN A 63 -7.40 -3.85 16.37
CA GLN A 63 -6.16 -3.38 16.97
C GLN A 63 -5.27 -2.69 15.94
N ARG A 64 -5.23 -3.27 14.75
CA ARG A 64 -4.41 -2.71 13.67
C ARG A 64 -4.82 -3.29 12.32
N ASN A 65 -4.86 -2.44 11.30
CA ASN A 65 -5.23 -2.87 9.97
C ASN A 65 -4.00 -3.11 9.09
N HIS A 66 -3.84 -4.34 8.62
CA HIS A 66 -2.70 -4.70 7.78
C HIS A 66 -3.14 -4.84 6.32
N ALA A 67 -2.16 -4.75 5.42
CA ALA A 67 -2.45 -4.88 3.99
C ALA A 67 -2.15 -6.30 3.50
N ILE A 68 -3.20 -7.01 3.10
CA ILE A 68 -3.05 -8.38 2.61
C ILE A 68 -2.88 -8.40 1.10
N ARG A 69 -2.34 -9.50 0.59
CA ARG A 69 -2.13 -9.65 -0.84
C ARG A 69 -1.76 -8.31 -1.48
N ILE A 70 -0.51 -7.90 -1.30
CA ILE A 70 -0.04 -6.64 -1.85
C ILE A 70 0.42 -6.81 -3.30
N LYS A 71 -0.24 -6.10 -4.22
CA LYS A 71 0.11 -6.18 -5.63
C LYS A 71 0.20 -4.79 -6.24
N LYS A 72 1.36 -4.47 -6.82
CA LYS A 72 1.58 -3.17 -7.44
C LYS A 72 0.53 -2.90 -8.51
N LEU A 73 0.23 -1.62 -8.73
CA LEU A 73 -0.77 -1.23 -9.73
C LEU A 73 -0.08 -0.69 -10.98
N PRO A 74 -0.72 -0.91 -12.14
CA PRO A 74 -0.19 -0.45 -13.43
C PRO A 74 -0.24 1.07 -13.57
N LYS A 75 0.69 1.61 -14.34
CA LYS A 75 0.75 3.05 -14.56
C LYS A 75 -0.61 3.59 -14.98
N GLY A 76 -0.96 4.78 -14.48
CA GLY A 76 -2.23 5.39 -14.81
C GLY A 76 -3.37 4.86 -13.94
N THR A 77 -3.25 5.08 -12.64
CA THR A 77 -4.27 4.62 -11.71
C THR A 77 -4.30 5.50 -10.45
N VAL A 78 -3.12 5.76 -9.90
CA VAL A 78 -3.01 6.58 -8.70
C VAL A 78 -2.39 7.94 -9.02
N SER A 79 -2.79 8.95 -8.26
CA SER A 79 -2.28 10.31 -8.47
C SER A 79 -2.64 11.21 -7.29
N PHE A 80 -1.72 12.11 -6.95
CA PHE A 80 -1.93 13.03 -5.83
C PHE A 80 -0.81 14.06 -5.74
N HIS A 81 -0.40 14.57 -6.90
CA HIS A 81 0.68 15.56 -6.96
C HIS A 81 1.96 15.00 -6.37
N SER A 82 2.70 14.25 -7.17
CA SER A 82 3.96 13.65 -6.72
C SER A 82 4.73 13.06 -7.89
N HIS A 83 6.05 13.09 -7.79
CA HIS A 83 6.91 12.55 -8.85
C HIS A 83 6.83 11.03 -8.89
N SER A 84 6.22 10.51 -9.97
CA SER A 84 6.07 9.08 -10.13
C SER A 84 7.02 8.55 -11.20
N GLY A 85 7.49 7.33 -11.00
CA GLY A 85 8.42 6.73 -11.95
C GLY A 85 9.87 7.02 -11.62
N PRO A 86 10.75 6.87 -12.63
CA PRO A 86 12.18 7.12 -12.46
C PRO A 86 12.50 8.60 -12.28
N SER A 87 13.29 8.90 -11.26
CA SER A 87 13.67 10.28 -10.97
C SER A 87 15.18 10.44 -10.96
N SER A 88 15.86 9.54 -10.26
CA SER A 88 17.32 9.58 -10.17
C SER A 88 17.88 8.19 -9.91
N GLY A 89 17.47 7.58 -8.80
CA GLY A 89 17.95 6.25 -8.46
C GLY A 89 18.23 6.10 -6.98
N GLY A 1 -14.03 -14.87 -6.45
CA GLY A 1 -14.02 -15.99 -5.51
C GLY A 1 -12.88 -15.91 -4.53
N SER A 2 -12.68 -14.74 -3.95
CA SER A 2 -11.60 -14.54 -2.98
C SER A 2 -12.14 -14.06 -1.64
N SER A 3 -11.35 -14.22 -0.59
CA SER A 3 -11.76 -13.81 0.75
C SER A 3 -11.34 -12.37 1.02
N GLY A 4 -11.53 -11.50 0.03
CA GLY A 4 -11.17 -10.11 0.19
C GLY A 4 -11.40 -9.30 -1.07
N SER A 5 -12.60 -8.74 -1.20
CA SER A 5 -12.96 -7.95 -2.37
C SER A 5 -14.14 -7.04 -2.07
N SER A 6 -13.89 -5.74 -2.03
CA SER A 6 -14.94 -4.76 -1.75
C SER A 6 -14.37 -3.34 -1.75
N GLY A 7 -13.29 -3.15 -1.00
CA GLY A 7 -12.67 -1.83 -0.94
C GLY A 7 -11.16 -1.91 -1.00
N ARG A 8 -10.60 -1.60 -2.16
CA ARG A 8 -9.15 -1.64 -2.36
C ARG A 8 -8.57 -0.23 -2.32
N GLU A 9 -7.67 0.02 -1.37
CA GLU A 9 -7.04 1.32 -1.25
C GLU A 9 -5.66 1.33 -1.90
N MET A 10 -5.21 2.52 -2.30
CA MET A 10 -3.90 2.66 -2.93
C MET A 10 -3.05 3.69 -2.20
N GLY A 11 -1.74 3.61 -2.38
CA GLY A 11 -0.84 4.54 -1.73
C GLY A 11 0.56 4.48 -2.31
N VAL A 12 1.51 5.13 -1.62
CA VAL A 12 2.89 5.15 -2.07
C VAL A 12 3.84 4.69 -0.96
N ILE A 13 4.68 3.71 -1.27
CA ILE A 13 5.63 3.19 -0.30
C ILE A 13 6.57 4.28 0.19
N ALA A 14 6.81 4.30 1.50
CA ALA A 14 7.70 5.29 2.10
C ALA A 14 8.96 4.64 2.64
N ALA A 15 8.86 3.36 3.00
CA ALA A 15 10.00 2.63 3.54
C ALA A 15 9.95 1.17 3.11
N MET A 16 11.12 0.52 3.06
CA MET A 16 11.21 -0.88 2.67
C MET A 16 12.34 -1.57 3.42
N ARG A 17 12.52 -1.22 4.69
CA ARG A 17 13.57 -1.81 5.51
C ARG A 17 13.55 -3.33 5.39
N ASP A 18 14.67 -3.96 5.76
CA ASP A 18 14.78 -5.41 5.71
C ASP A 18 13.79 -6.08 6.66
N GLY A 19 12.65 -6.49 6.12
CA GLY A 19 11.64 -7.12 6.95
C GLY A 19 10.28 -6.45 6.83
N PHE A 20 10.28 -5.13 6.92
CA PHE A 20 9.04 -4.36 6.83
C PHE A 20 9.29 -3.00 6.16
N GLY A 21 8.23 -2.20 6.07
CA GLY A 21 8.36 -0.89 5.45
C GLY A 21 7.23 0.05 5.87
N PHE A 22 6.70 0.78 4.90
CA PHE A 22 5.62 1.72 5.16
C PHE A 22 4.88 2.08 3.88
N ILE A 23 3.60 2.43 4.01
CA ILE A 23 2.79 2.79 2.85
C ILE A 23 1.97 4.05 3.14
N LYS A 24 2.45 5.19 2.63
CA LYS A 24 1.77 6.46 2.83
C LYS A 24 0.58 6.58 1.87
N CYS A 25 -0.62 6.73 2.43
CA CYS A 25 -1.82 6.86 1.63
C CYS A 25 -1.88 8.23 0.96
N VAL A 26 -2.82 8.39 0.03
CA VAL A 26 -2.97 9.64 -0.70
C VAL A 26 -3.87 10.61 0.08
N ASP A 27 -4.93 10.07 0.68
CA ASP A 27 -5.87 10.88 1.45
C ASP A 27 -5.47 10.91 2.92
N ARG A 28 -4.93 9.79 3.40
CA ARG A 28 -4.52 9.69 4.80
C ARG A 28 -3.03 10.01 4.95
N ASP A 29 -2.71 10.89 5.89
CA ASP A 29 -1.33 11.29 6.14
C ASP A 29 -0.68 10.36 7.16
N VAL A 30 -0.97 9.07 7.05
CA VAL A 30 -0.40 8.09 7.96
C VAL A 30 -0.04 6.79 7.23
N ARG A 31 1.21 6.38 7.37
CA ARG A 31 1.67 5.16 6.71
C ARG A 31 0.95 3.93 7.26
N MET A 32 0.94 2.86 6.48
CA MET A 32 0.28 1.62 6.89
C MET A 32 1.31 0.51 7.12
N PHE A 33 1.49 0.13 8.38
CA PHE A 33 2.44 -0.92 8.72
C PHE A 33 2.06 -2.24 8.07
N PHE A 34 2.85 -2.66 7.09
CA PHE A 34 2.60 -3.91 6.37
C PHE A 34 3.75 -4.89 6.56
N HIS A 35 3.51 -6.15 6.21
CA HIS A 35 4.53 -7.19 6.33
C HIS A 35 5.01 -7.66 4.96
N PHE A 36 6.23 -8.18 4.91
CA PHE A 36 6.79 -8.67 3.65
C PHE A 36 6.28 -10.06 3.33
N SER A 37 4.99 -10.28 3.55
CA SER A 37 4.37 -11.58 3.29
C SER A 37 3.19 -11.44 2.33
N GLU A 38 2.74 -10.21 2.14
CA GLU A 38 1.61 -9.94 1.26
C GLU A 38 2.10 -9.66 -0.16
N ILE A 39 3.39 -9.41 -0.30
CA ILE A 39 3.99 -9.12 -1.60
C ILE A 39 4.06 -10.37 -2.46
N LEU A 40 3.58 -11.48 -1.92
CA LEU A 40 3.59 -12.75 -2.64
C LEU A 40 2.92 -12.61 -4.01
N ASP A 41 2.18 -11.52 -4.19
CA ASP A 41 1.50 -11.26 -5.45
C ASP A 41 2.47 -11.38 -6.63
N GLY A 42 3.74 -11.08 -6.38
CA GLY A 42 4.75 -11.18 -7.42
C GLY A 42 5.11 -9.82 -7.99
N ASN A 43 6.11 -9.17 -7.40
CA ASN A 43 6.55 -7.86 -7.85
C ASN A 43 7.56 -7.26 -6.87
N GLN A 44 8.68 -6.79 -7.42
CA GLN A 44 9.73 -6.19 -6.59
C GLN A 44 9.37 -4.76 -6.21
N LEU A 45 8.42 -4.62 -5.29
CA LEU A 45 7.98 -3.30 -4.84
C LEU A 45 9.16 -2.47 -4.37
N HIS A 46 8.89 -1.21 -4.01
CA HIS A 46 9.94 -0.31 -3.55
C HIS A 46 9.38 1.08 -3.26
N ILE A 47 10.26 2.01 -2.92
CA ILE A 47 9.83 3.38 -2.62
C ILE A 47 8.83 3.88 -3.65
N ALA A 48 7.69 4.38 -3.16
CA ALA A 48 6.65 4.89 -4.03
C ALA A 48 6.55 4.09 -5.32
N ASP A 49 5.76 3.02 -5.29
CA ASP A 49 5.58 2.17 -6.45
C ASP A 49 4.10 1.87 -6.69
N GLU A 50 3.24 2.63 -6.02
CA GLU A 50 1.80 2.44 -6.17
C GLU A 50 1.40 1.00 -5.87
N VAL A 51 0.76 0.79 -4.73
CA VAL A 51 0.33 -0.55 -4.33
C VAL A 51 -1.14 -0.55 -3.95
N GLU A 52 -1.79 -1.70 -4.11
CA GLU A 52 -3.21 -1.84 -3.79
C GLU A 52 -3.42 -2.90 -2.71
N PHE A 53 -3.92 -2.47 -1.56
CA PHE A 53 -4.17 -3.39 -0.45
C PHE A 53 -5.61 -3.25 0.04
N THR A 54 -6.07 -4.26 0.77
CA THR A 54 -7.43 -4.27 1.30
C THR A 54 -7.46 -3.75 2.73
N VAL A 55 -8.04 -2.57 2.91
CA VAL A 55 -8.13 -1.96 4.24
C VAL A 55 -9.37 -2.43 4.98
N VAL A 56 -9.17 -3.26 6.01
CA VAL A 56 -10.27 -3.78 6.79
C VAL A 56 -10.13 -3.40 8.27
N PRO A 57 -11.27 -3.14 8.92
CA PRO A 57 -11.30 -2.75 10.33
C PRO A 57 -10.92 -3.90 11.25
N ASP A 58 -10.62 -5.05 10.67
CA ASP A 58 -10.23 -6.22 11.43
C ASP A 58 -11.40 -6.74 12.27
N MET A 59 -11.16 -7.79 13.04
CA MET A 59 -12.20 -8.37 13.89
C MET A 59 -11.79 -8.33 15.36
N LEU A 60 -11.27 -7.18 15.78
CA LEU A 60 -10.83 -7.00 17.17
C LEU A 60 -11.37 -5.69 17.75
N SER A 61 -11.08 -4.59 17.06
CA SER A 61 -11.53 -3.27 17.49
C SER A 61 -11.74 -2.34 16.31
N ALA A 62 -12.22 -1.14 16.58
CA ALA A 62 -12.47 -0.15 15.54
C ALA A 62 -11.31 0.83 15.43
N GLN A 63 -10.10 0.30 15.37
CA GLN A 63 -8.90 1.13 15.27
C GLN A 63 -7.68 0.29 14.90
N ARG A 64 -7.91 -0.76 14.12
CA ARG A 64 -6.83 -1.65 13.70
C ARG A 64 -6.96 -2.00 12.22
N ASN A 65 -5.96 -1.63 11.43
CA ASN A 65 -5.96 -1.91 10.00
C ASN A 65 -4.64 -2.54 9.56
N HIS A 66 -4.70 -3.37 8.54
CA HIS A 66 -3.51 -4.04 8.02
C HIS A 66 -3.64 -4.30 6.52
N ALA A 67 -2.55 -4.08 5.79
CA ALA A 67 -2.55 -4.29 4.35
C ALA A 67 -2.23 -5.75 4.01
N ILE A 68 -3.11 -6.39 3.25
CA ILE A 68 -2.92 -7.78 2.87
C ILE A 68 -2.86 -7.92 1.34
N ARG A 69 -2.40 -9.07 0.88
CA ARG A 69 -2.29 -9.33 -0.55
C ARG A 69 -1.92 -8.06 -1.31
N ILE A 70 -0.67 -7.64 -1.18
CA ILE A 70 -0.18 -6.43 -1.85
C ILE A 70 -0.10 -6.64 -3.36
N LYS A 71 -0.74 -5.74 -4.11
CA LYS A 71 -0.74 -5.83 -5.56
C LYS A 71 -0.28 -4.51 -6.18
N LYS A 72 0.82 -4.56 -6.93
CA LYS A 72 1.35 -3.38 -7.58
C LYS A 72 0.37 -2.82 -8.60
N LEU A 73 0.34 -1.50 -8.73
CA LEU A 73 -0.56 -0.84 -9.68
C LEU A 73 0.23 -0.14 -10.78
N PRO A 74 -0.36 -0.09 -11.99
CA PRO A 74 0.26 0.54 -13.15
C PRO A 74 0.34 2.07 -13.01
N LYS A 75 1.37 2.67 -13.58
CA LYS A 75 1.55 4.11 -13.52
C LYS A 75 0.35 4.83 -14.12
N GLY A 76 -0.02 5.96 -13.50
CA GLY A 76 -1.15 6.72 -13.98
C GLY A 76 -2.36 6.61 -13.07
N THR A 77 -2.56 5.43 -12.51
CA THR A 77 -3.69 5.20 -11.61
C THR A 77 -3.69 6.19 -10.45
N VAL A 78 -2.69 6.09 -9.60
CA VAL A 78 -2.56 6.97 -8.45
C VAL A 78 -1.56 8.09 -8.71
N SER A 79 -1.71 9.20 -7.98
CA SER A 79 -0.82 10.34 -8.15
C SER A 79 -1.30 11.53 -7.33
N PHE A 80 -0.37 12.33 -6.85
CA PHE A 80 -0.70 13.51 -6.05
C PHE A 80 0.56 14.25 -5.62
N HIS A 81 0.68 15.51 -6.06
CA HIS A 81 1.83 16.32 -5.72
C HIS A 81 3.13 15.63 -6.13
N SER A 82 3.62 15.94 -7.32
CA SER A 82 4.85 15.35 -7.83
C SER A 82 5.53 16.27 -8.83
N HIS A 83 6.42 17.13 -8.34
CA HIS A 83 7.14 18.07 -9.18
C HIS A 83 8.43 17.44 -9.70
N SER A 84 8.49 17.21 -11.01
CA SER A 84 9.67 16.62 -11.63
C SER A 84 10.94 17.31 -11.13
N GLY A 85 11.84 16.53 -10.52
CA GLY A 85 13.08 17.07 -10.02
C GLY A 85 13.71 16.18 -8.96
N PRO A 86 14.63 16.76 -8.17
CA PRO A 86 15.33 16.04 -7.10
C PRO A 86 14.40 15.69 -5.94
N SER A 87 14.22 14.39 -5.70
CA SER A 87 13.36 13.93 -4.61
C SER A 87 13.79 12.55 -4.14
N SER A 88 14.61 12.52 -3.09
CA SER A 88 15.10 11.26 -2.53
C SER A 88 15.62 11.47 -1.11
N GLY A 89 16.48 12.46 -0.95
CA GLY A 89 17.05 12.75 0.37
C GLY A 89 18.06 13.87 0.32
N GLY A 1 -26.74 -9.59 -6.02
CA GLY A 1 -25.69 -9.68 -5.03
C GLY A 1 -24.63 -8.63 -5.22
N SER A 2 -24.44 -7.78 -4.21
CA SER A 2 -23.45 -6.71 -4.28
C SER A 2 -23.21 -6.11 -2.90
N SER A 3 -21.93 -5.93 -2.56
CA SER A 3 -21.56 -5.37 -1.26
C SER A 3 -20.87 -4.02 -1.43
N GLY A 4 -20.78 -3.27 -0.34
CA GLY A 4 -20.14 -1.97 -0.38
C GLY A 4 -19.78 -1.45 0.99
N SER A 5 -19.05 -2.24 1.76
CA SER A 5 -18.64 -1.86 3.11
C SER A 5 -17.18 -1.42 3.13
N SER A 6 -16.31 -2.26 2.57
CA SER A 6 -14.88 -1.96 2.53
C SER A 6 -14.40 -1.77 1.10
N GLY A 7 -13.45 -0.86 0.91
CA GLY A 7 -12.92 -0.61 -0.42
C GLY A 7 -11.41 -0.62 -0.45
N ARG A 8 -10.85 -1.11 -1.55
CA ARG A 8 -9.40 -1.18 -1.70
C ARG A 8 -8.79 0.21 -1.80
N GLU A 9 -7.74 0.45 -1.03
CA GLU A 9 -7.07 1.74 -1.02
C GLU A 9 -5.68 1.64 -1.64
N MET A 10 -5.17 2.77 -2.12
CA MET A 10 -3.85 2.81 -2.75
C MET A 10 -2.91 3.75 -1.98
N GLY A 11 -1.61 3.56 -2.15
CA GLY A 11 -0.64 4.40 -1.48
C GLY A 11 0.75 4.27 -2.08
N VAL A 12 1.68 5.07 -1.59
CA VAL A 12 3.05 5.05 -2.07
C VAL A 12 4.03 4.66 -0.96
N ILE A 13 4.76 3.57 -1.19
CA ILE A 13 5.73 3.10 -0.21
C ILE A 13 6.62 4.23 0.28
N ALA A 14 6.57 4.49 1.58
CA ALA A 14 7.37 5.56 2.19
C ALA A 14 8.74 5.04 2.60
N ALA A 15 8.82 3.74 2.89
CA ALA A 15 10.07 3.12 3.30
C ALA A 15 10.16 1.68 2.81
N MET A 16 11.36 1.10 2.89
CA MET A 16 11.57 -0.27 2.44
C MET A 16 12.76 -0.89 3.16
N ARG A 17 12.74 -0.83 4.50
CA ARG A 17 13.81 -1.39 5.31
C ARG A 17 13.77 -2.91 5.29
N ASP A 18 14.90 -3.53 5.59
CA ASP A 18 15.00 -4.99 5.61
C ASP A 18 14.17 -5.57 6.76
N GLY A 19 13.05 -6.17 6.41
CA GLY A 19 12.18 -6.76 7.42
C GLY A 19 10.75 -6.27 7.32
N PHE A 20 10.59 -4.97 7.11
CA PHE A 20 9.27 -4.36 7.00
C PHE A 20 9.31 -3.10 6.14
N GLY A 21 8.18 -2.41 6.06
CA GLY A 21 8.11 -1.20 5.27
C GLY A 21 6.99 -0.28 5.71
N PHE A 22 6.60 0.65 4.84
CA PHE A 22 5.54 1.59 5.15
C PHE A 22 4.82 2.03 3.88
N ILE A 23 3.56 2.43 4.01
CA ILE A 23 2.77 2.88 2.88
C ILE A 23 2.01 4.16 3.21
N LYS A 24 2.29 5.22 2.45
CA LYS A 24 1.63 6.50 2.66
C LYS A 24 0.34 6.59 1.85
N CYS A 25 -0.80 6.53 2.55
CA CYS A 25 -2.10 6.61 1.90
C CYS A 25 -2.20 7.85 1.03
N VAL A 26 -2.98 7.76 -0.04
CA VAL A 26 -3.17 8.88 -0.96
C VAL A 26 -4.17 9.88 -0.40
N ASP A 27 -4.97 9.44 0.56
CA ASP A 27 -5.97 10.30 1.18
C ASP A 27 -5.59 10.63 2.63
N ARG A 28 -5.12 9.61 3.35
CA ARG A 28 -4.72 9.80 4.74
C ARG A 28 -3.35 10.44 4.84
N ASP A 29 -2.88 10.64 6.07
CA ASP A 29 -1.58 11.25 6.30
C ASP A 29 -0.70 10.35 7.16
N VAL A 30 -1.20 9.15 7.45
CA VAL A 30 -0.46 8.19 8.27
C VAL A 30 -0.04 6.98 7.45
N ARG A 31 1.11 6.40 7.80
CA ARG A 31 1.63 5.24 7.09
C ARG A 31 0.87 3.98 7.50
N MET A 32 0.99 2.93 6.69
CA MET A 32 0.32 1.66 6.97
C MET A 32 1.33 0.52 7.05
N PHE A 33 1.67 0.12 8.27
CA PHE A 33 2.62 -0.96 8.48
C PHE A 33 2.20 -2.21 7.73
N PHE A 34 3.17 -2.86 7.09
CA PHE A 34 2.91 -4.07 6.31
C PHE A 34 4.09 -5.03 6.39
N HIS A 35 3.80 -6.32 6.32
CA HIS A 35 4.83 -7.35 6.39
C HIS A 35 5.33 -7.70 4.99
N PHE A 36 6.56 -8.20 4.92
CA PHE A 36 7.17 -8.57 3.65
C PHE A 36 6.74 -9.98 3.24
N SER A 37 5.50 -10.33 3.55
CA SER A 37 4.97 -11.65 3.22
C SER A 37 3.71 -11.53 2.35
N GLU A 38 3.07 -10.37 2.42
CA GLU A 38 1.86 -10.13 1.64
C GLU A 38 2.20 -9.78 0.20
N ILE A 39 3.48 -9.67 -0.10
CA ILE A 39 3.94 -9.34 -1.44
C ILE A 39 3.84 -10.54 -2.37
N LEU A 40 3.37 -11.66 -1.82
CA LEU A 40 3.23 -12.89 -2.61
C LEU A 40 2.43 -12.63 -3.88
N ASP A 41 1.68 -11.54 -3.89
CA ASP A 41 0.86 -11.17 -5.04
C ASP A 41 1.70 -11.19 -6.32
N GLY A 42 3.01 -11.11 -6.16
CA GLY A 42 3.90 -11.11 -7.31
C GLY A 42 4.26 -9.72 -7.78
N ASN A 43 5.22 -9.09 -7.10
CA ASN A 43 5.65 -7.74 -7.46
C ASN A 43 6.63 -7.19 -6.43
N GLN A 44 7.90 -7.10 -6.81
CA GLN A 44 8.93 -6.60 -5.92
C GLN A 44 8.75 -5.11 -5.67
N LEU A 45 8.09 -4.77 -4.57
CA LEU A 45 7.85 -3.38 -4.22
C LEU A 45 9.10 -2.54 -4.39
N HIS A 46 8.93 -1.23 -4.54
CA HIS A 46 10.06 -0.33 -4.71
C HIS A 46 9.74 1.06 -4.15
N ILE A 47 10.78 1.81 -3.81
CA ILE A 47 10.60 3.15 -3.26
C ILE A 47 9.66 3.98 -4.12
N ALA A 48 8.60 4.49 -3.50
CA ALA A 48 7.62 5.30 -4.21
C ALA A 48 6.99 4.53 -5.35
N ASP A 49 6.27 3.46 -5.00
CA ASP A 49 5.61 2.63 -6.00
C ASP A 49 4.14 2.39 -5.62
N GLU A 50 3.23 2.71 -6.53
CA GLU A 50 1.81 2.53 -6.29
C GLU A 50 1.51 1.08 -5.92
N VAL A 51 0.56 0.90 -5.01
CA VAL A 51 0.17 -0.44 -4.56
C VAL A 51 -1.31 -0.48 -4.19
N GLU A 52 -1.95 -1.61 -4.48
CA GLU A 52 -3.37 -1.78 -4.17
C GLU A 52 -3.57 -2.88 -3.14
N PHE A 53 -4.32 -2.57 -2.09
CA PHE A 53 -4.60 -3.54 -1.03
C PHE A 53 -6.04 -3.41 -0.54
N THR A 54 -6.60 -4.53 -0.09
CA THR A 54 -7.97 -4.55 0.40
C THR A 54 -8.10 -3.77 1.70
N VAL A 55 -7.20 -4.03 2.64
CA VAL A 55 -7.21 -3.34 3.92
C VAL A 55 -8.58 -3.46 4.60
N VAL A 56 -8.68 -4.35 5.58
CA VAL A 56 -9.92 -4.57 6.30
C VAL A 56 -9.70 -4.47 7.81
N PRO A 57 -10.78 -4.15 8.54
CA PRO A 57 -10.73 -4.01 9.99
C PRO A 57 -10.53 -5.36 10.70
N ASP A 58 -10.39 -6.42 9.90
CA ASP A 58 -10.18 -7.75 10.45
C ASP A 58 -11.29 -8.11 11.44
N MET A 59 -11.27 -9.35 11.91
CA MET A 59 -12.27 -9.83 12.86
C MET A 59 -11.65 -10.08 14.23
N LEU A 60 -10.71 -9.23 14.62
CA LEU A 60 -10.04 -9.35 15.91
C LEU A 60 -10.54 -8.30 16.89
N SER A 61 -11.04 -7.19 16.36
CA SER A 61 -11.54 -6.10 17.19
C SER A 61 -10.40 -5.29 17.77
N ALA A 62 -10.73 -4.14 18.34
CA ALA A 62 -9.72 -3.26 18.94
C ALA A 62 -8.88 -2.57 17.87
N GLN A 63 -9.53 -2.21 16.77
CA GLN A 63 -8.84 -1.55 15.66
C GLN A 63 -7.63 -2.35 15.20
N ARG A 64 -7.81 -3.12 14.14
CA ARG A 64 -6.74 -3.95 13.61
C ARG A 64 -6.90 -4.16 12.11
N ASN A 65 -6.14 -3.41 11.32
CA ASN A 65 -6.19 -3.51 9.87
C ASN A 65 -4.80 -3.63 9.27
N HIS A 66 -4.69 -4.43 8.22
CA HIS A 66 -3.39 -4.64 7.55
C HIS A 66 -3.58 -4.71 6.04
N ALA A 67 -2.46 -4.77 5.31
CA ALA A 67 -2.50 -4.85 3.86
C ALA A 67 -2.11 -6.23 3.38
N ILE A 68 -3.07 -6.94 2.78
CA ILE A 68 -2.83 -8.29 2.27
C ILE A 68 -2.73 -8.29 0.75
N ARG A 69 -2.30 -9.41 0.19
CA ARG A 69 -2.16 -9.54 -1.25
C ARG A 69 -1.69 -8.23 -1.88
N ILE A 70 -0.51 -7.77 -1.46
CA ILE A 70 0.05 -6.52 -1.98
C ILE A 70 0.42 -6.66 -3.45
N LYS A 71 -0.24 -5.87 -4.29
CA LYS A 71 0.02 -5.89 -5.72
C LYS A 71 0.34 -4.49 -6.24
N LYS A 72 1.44 -4.38 -6.99
CA LYS A 72 1.86 -3.11 -7.55
C LYS A 72 0.87 -2.62 -8.60
N LEU A 73 0.70 -1.31 -8.69
CA LEU A 73 -0.22 -0.72 -9.66
C LEU A 73 0.54 -0.06 -10.80
N PRO A 74 -0.05 -0.09 -12.00
CA PRO A 74 0.56 0.51 -13.19
C PRO A 74 0.58 2.03 -13.14
N LYS A 75 1.45 2.63 -13.94
CA LYS A 75 1.56 4.08 -13.98
C LYS A 75 0.33 4.71 -14.61
N GLY A 76 -0.21 5.74 -13.96
CA GLY A 76 -1.39 6.41 -14.48
C GLY A 76 -2.60 6.23 -13.57
N THR A 77 -2.88 4.98 -13.21
CA THR A 77 -4.01 4.66 -12.35
C THR A 77 -4.07 5.61 -11.15
N VAL A 78 -3.09 5.49 -10.26
CA VAL A 78 -3.04 6.32 -9.07
C VAL A 78 -2.34 7.64 -9.36
N SER A 79 -2.70 8.68 -8.61
CA SER A 79 -2.11 10.00 -8.80
C SER A 79 -2.57 10.96 -7.69
N PHE A 80 -1.62 11.73 -7.17
CA PHE A 80 -1.92 12.68 -6.10
C PHE A 80 -0.69 13.51 -5.75
N HIS A 81 0.48 12.88 -5.85
CA HIS A 81 1.73 13.56 -5.54
C HIS A 81 1.80 14.92 -6.21
N SER A 82 1.72 14.93 -7.54
CA SER A 82 1.77 16.17 -8.31
C SER A 82 3.20 16.67 -8.43
N HIS A 83 3.88 16.80 -7.30
CA HIS A 83 5.27 17.26 -7.28
C HIS A 83 6.22 16.10 -7.07
N SER A 84 7.50 16.32 -7.40
CA SER A 84 8.51 15.28 -7.26
C SER A 84 8.09 14.00 -7.95
N GLY A 85 9.01 13.04 -8.04
CA GLY A 85 8.71 11.78 -8.68
C GLY A 85 9.95 10.94 -8.92
N PRO A 86 9.79 9.62 -8.91
CA PRO A 86 10.89 8.67 -9.13
C PRO A 86 11.40 8.71 -10.57
N SER A 87 12.69 8.97 -10.74
CA SER A 87 13.29 9.02 -12.06
C SER A 87 14.67 8.38 -12.06
N SER A 88 14.89 7.46 -12.99
CA SER A 88 16.17 6.76 -13.09
C SER A 88 16.62 6.66 -14.55
N GLY A 89 15.72 6.20 -15.40
CA GLY A 89 16.04 6.07 -16.82
C GLY A 89 17.03 4.96 -17.08
#